data_4OKA
# 
_entry.id   4OKA 
# 
_audit_conform.dict_name       mmcif_pdbx.dic 
_audit_conform.dict_version    5.381 
_audit_conform.dict_location   http://mmcif.pdb.org/dictionaries/ascii/mmcif_pdbx.dic 
# 
loop_
_database_2.database_id 
_database_2.database_code 
_database_2.pdbx_database_accession 
_database_2.pdbx_DOI 
PDB   4OKA         pdb_00004oka 10.2210/pdb4oka/pdb 
RCSB  RCSB084599   ?            ?                   
WWPDB D_1000084599 ?            ?                   
# 
_pdbx_database_status.entry_id                        4OKA 
_pdbx_database_status.status_code                     REL 
_pdbx_database_status.methods_development_category    ? 
_pdbx_database_status.deposit_site                    RCSB 
_pdbx_database_status.process_site                    PDBJ 
_pdbx_database_status.recvd_initial_deposition_date   2014-01-22 
_pdbx_database_status.status_code_sf                  REL 
_pdbx_database_status.status_code_mr                  ? 
_pdbx_database_status.SG_entry                        ? 
_pdbx_database_status.status_code_cs                  ? 
_pdbx_database_status.pdb_format_compatible           Y 
_pdbx_database_status.status_code_nmr_data            ? 
# 
loop_
_audit_author.name 
_audit_author.pdbx_ordinal 
'Schirmer, T.' 1 
'Heinisch, T.' 2 
# 
_citation.id                        primary 
_citation.title                     
;Structural, Kinetic, and Docking Studies of Artificial Imine Reductases Based on Biotin-Streptavidin Technology: An Induced Lock-and-Key Hypothesis
;
_citation.journal_abbrev            J.Am.Chem.Soc. 
_citation.journal_volume            136 
_citation.page_first                15676 
_citation.page_last                 15683 
_citation.year                      2014 
_citation.journal_id_ASTM           JACSAT 
_citation.country                   US 
_citation.journal_id_ISSN           0002-7863 
_citation.journal_id_CSD            0004 
_citation.book_publisher            ? 
_citation.pdbx_database_id_PubMed   25317660 
_citation.pdbx_database_id_DOI      10.1021/ja508258t 
# 
loop_
_citation_author.citation_id 
_citation_author.name 
_citation_author.ordinal 
_citation_author.identifier_ORCID 
primary 'Robles, V.M.'     1 ? 
primary 'Durrenberger, M.' 2 ? 
primary 'Heinisch, T.'     3 ? 
primary 'Lledos, A.'       4 ? 
primary 'Schirmer, T.'     5 ? 
primary 'Ward, T.R.'       6 ? 
primary 'Marechal, J.D.'   7 ? 
# 
_cell.length_a           57.605 
_cell.length_b           57.605 
_cell.length_c           183.325 
_cell.angle_alpha        90.000 
_cell.angle_beta         90.000 
_cell.angle_gamma        90.000 
_cell.entry_id           4OKA 
_cell.pdbx_unique_axis   ? 
_cell.Z_PDB              16 
_cell.length_a_esd       ? 
_cell.length_b_esd       ? 
_cell.length_c_esd       ? 
_cell.angle_alpha_esd    ? 
_cell.angle_beta_esd     ? 
_cell.angle_gamma_esd    ? 
# 
_symmetry.space_group_name_H-M             'I 41 2 2' 
_symmetry.entry_id                         4OKA 
_symmetry.Int_Tables_number                98 
_symmetry.pdbx_full_space_group_name_H-M   ? 
_symmetry.cell_setting                     ? 
_symmetry.space_group_name_Hall            ? 
# 
loop_
_entity.id 
_entity.type 
_entity.src_method 
_entity.pdbx_description 
_entity.formula_weight 
_entity.pdbx_number_of_molecules 
_entity.pdbx_ec 
_entity.pdbx_mutation 
_entity.pdbx_fragment 
_entity.details 
1 polymer     man Streptavidin 16612.119 1  ? S112K 'UNP residues 38-183' ? 
2 non-polymer syn 
'[N-(4-{[2-(amino-kappaN)ethyl]sulfamoyl-kappaN}phenyl)-5-(2-oxohexahydro-1H-thieno[3,4-d]imidazol-4-yl)pentanamidato]iridium(III)' 
632.777   1  ? ?     ?                     ? 
3 non-polymer syn 'IRIDIUM ION' 192.217   1  ? ?     ?                     ? 
4 water       nat water 18.015    21 ? ?     ?                     ? 
# 
_entity_poly.entity_id                      1 
_entity_poly.type                           'polypeptide(L)' 
_entity_poly.nstd_linkage                   no 
_entity_poly.nstd_monomer                   no 
_entity_poly.pdbx_seq_one_letter_code       
;MASMTGGQQMGRDEAGITGTWYNQLGSTFIVTAGADGALTGTYESAVGNAESRYVLTGRYDSAPATDGSGTALGWTVAWK
NNYRNAHSATTWSGQYVGGAEARINTQWLLTKGTTEANAWKSTLVGHDTFTKVKPSAASIDAAKKAGVNNGNPLDAVQQ
;
_entity_poly.pdbx_seq_one_letter_code_can   
;MASMTGGQQMGRDEAGITGTWYNQLGSTFIVTAGADGALTGTYESAVGNAESRYVLTGRYDSAPATDGSGTALGWTVAWK
NNYRNAHSATTWSGQYVGGAEARINTQWLLTKGTTEANAWKSTLVGHDTFTKVKPSAASIDAAKKAGVNNGNPLDAVQQ
;
_entity_poly.pdbx_strand_id                 A 
_entity_poly.pdbx_target_identifier         ? 
# 
loop_
_entity_poly_seq.entity_id 
_entity_poly_seq.num 
_entity_poly_seq.mon_id 
_entity_poly_seq.hetero 
1 1   MET n 
1 2   ALA n 
1 3   SER n 
1 4   MET n 
1 5   THR n 
1 6   GLY n 
1 7   GLY n 
1 8   GLN n 
1 9   GLN n 
1 10  MET n 
1 11  GLY n 
1 12  ARG n 
1 13  ASP n 
1 14  GLU n 
1 15  ALA n 
1 16  GLY n 
1 17  ILE n 
1 18  THR n 
1 19  GLY n 
1 20  THR n 
1 21  TRP n 
1 22  TYR n 
1 23  ASN n 
1 24  GLN n 
1 25  LEU n 
1 26  GLY n 
1 27  SER n 
1 28  THR n 
1 29  PHE n 
1 30  ILE n 
1 31  VAL n 
1 32  THR n 
1 33  ALA n 
1 34  GLY n 
1 35  ALA n 
1 36  ASP n 
1 37  GLY n 
1 38  ALA n 
1 39  LEU n 
1 40  THR n 
1 41  GLY n 
1 42  THR n 
1 43  TYR n 
1 44  GLU n 
1 45  SER n 
1 46  ALA n 
1 47  VAL n 
1 48  GLY n 
1 49  ASN n 
1 50  ALA n 
1 51  GLU n 
1 52  SER n 
1 53  ARG n 
1 54  TYR n 
1 55  VAL n 
1 56  LEU n 
1 57  THR n 
1 58  GLY n 
1 59  ARG n 
1 60  TYR n 
1 61  ASP n 
1 62  SER n 
1 63  ALA n 
1 64  PRO n 
1 65  ALA n 
1 66  THR n 
1 67  ASP n 
1 68  GLY n 
1 69  SER n 
1 70  GLY n 
1 71  THR n 
1 72  ALA n 
1 73  LEU n 
1 74  GLY n 
1 75  TRP n 
1 76  THR n 
1 77  VAL n 
1 78  ALA n 
1 79  TRP n 
1 80  LYS n 
1 81  ASN n 
1 82  ASN n 
1 83  TYR n 
1 84  ARG n 
1 85  ASN n 
1 86  ALA n 
1 87  HIS n 
1 88  SER n 
1 89  ALA n 
1 90  THR n 
1 91  THR n 
1 92  TRP n 
1 93  SER n 
1 94  GLY n 
1 95  GLN n 
1 96  TYR n 
1 97  VAL n 
1 98  GLY n 
1 99  GLY n 
1 100 ALA n 
1 101 GLU n 
1 102 ALA n 
1 103 ARG n 
1 104 ILE n 
1 105 ASN n 
1 106 THR n 
1 107 GLN n 
1 108 TRP n 
1 109 LEU n 
1 110 LEU n 
1 111 THR n 
1 112 LYS n 
1 113 GLY n 
1 114 THR n 
1 115 THR n 
1 116 GLU n 
1 117 ALA n 
1 118 ASN n 
1 119 ALA n 
1 120 TRP n 
1 121 LYS n 
1 122 SER n 
1 123 THR n 
1 124 LEU n 
1 125 VAL n 
1 126 GLY n 
1 127 HIS n 
1 128 ASP n 
1 129 THR n 
1 130 PHE n 
1 131 THR n 
1 132 LYS n 
1 133 VAL n 
1 134 LYS n 
1 135 PRO n 
1 136 SER n 
1 137 ALA n 
1 138 ALA n 
1 139 SER n 
1 140 ILE n 
1 141 ASP n 
1 142 ALA n 
1 143 ALA n 
1 144 LYS n 
1 145 LYS n 
1 146 ALA n 
1 147 GLY n 
1 148 VAL n 
1 149 ASN n 
1 150 ASN n 
1 151 GLY n 
1 152 ASN n 
1 153 PRO n 
1 154 LEU n 
1 155 ASP n 
1 156 ALA n 
1 157 VAL n 
1 158 GLN n 
1 159 GLN n 
# 
_entity_src_gen.entity_id                          1 
_entity_src_gen.pdbx_src_id                        1 
_entity_src_gen.pdbx_alt_source_flag               sample 
_entity_src_gen.pdbx_seq_type                      ? 
_entity_src_gen.pdbx_beg_seq_num                   ? 
_entity_src_gen.pdbx_end_seq_num                   ? 
_entity_src_gen.gene_src_common_name               ? 
_entity_src_gen.gene_src_genus                     ? 
_entity_src_gen.pdbx_gene_src_gene                 ? 
_entity_src_gen.gene_src_species                   ? 
_entity_src_gen.gene_src_strain                    ? 
_entity_src_gen.gene_src_tissue                    ? 
_entity_src_gen.gene_src_tissue_fraction           ? 
_entity_src_gen.gene_src_details                   ? 
_entity_src_gen.pdbx_gene_src_fragment             ? 
_entity_src_gen.pdbx_gene_src_scientific_name      'Streptomyces avidinii' 
_entity_src_gen.pdbx_gene_src_ncbi_taxonomy_id     1895 
_entity_src_gen.pdbx_gene_src_variant              ? 
_entity_src_gen.pdbx_gene_src_cell_line            ? 
_entity_src_gen.pdbx_gene_src_atcc                 ? 
_entity_src_gen.pdbx_gene_src_organ                ? 
_entity_src_gen.pdbx_gene_src_organelle            ? 
_entity_src_gen.pdbx_gene_src_cell                 ? 
_entity_src_gen.pdbx_gene_src_cellular_location    ? 
_entity_src_gen.host_org_common_name               ? 
_entity_src_gen.pdbx_host_org_scientific_name      'Escherichia coli' 
_entity_src_gen.pdbx_host_org_ncbi_taxonomy_id     562 
_entity_src_gen.host_org_genus                     ? 
_entity_src_gen.pdbx_host_org_gene                 ? 
_entity_src_gen.pdbx_host_org_organ                ? 
_entity_src_gen.host_org_species                   ? 
_entity_src_gen.pdbx_host_org_tissue               ? 
_entity_src_gen.pdbx_host_org_tissue_fraction      ? 
_entity_src_gen.pdbx_host_org_strain               'BL21(DE3)' 
_entity_src_gen.pdbx_host_org_variant              ? 
_entity_src_gen.pdbx_host_org_cell_line            ? 
_entity_src_gen.pdbx_host_org_atcc                 ? 
_entity_src_gen.pdbx_host_org_culture_collection   ? 
_entity_src_gen.pdbx_host_org_cell                 ? 
_entity_src_gen.pdbx_host_org_organelle            ? 
_entity_src_gen.pdbx_host_org_cellular_location    ? 
_entity_src_gen.pdbx_host_org_vector_type          plasmid 
_entity_src_gen.pdbx_host_org_vector               ? 
_entity_src_gen.host_org_details                   ? 
_entity_src_gen.expression_system_id               ? 
_entity_src_gen.plasmid_name                       ? 
_entity_src_gen.plasmid_details                    ? 
_entity_src_gen.pdbx_description                   ? 
# 
_struct_ref.id                         1 
_struct_ref.db_name                    UNP 
_struct_ref.db_code                    SAV_STRAV 
_struct_ref.pdbx_db_accession          P22629 
_struct_ref.entity_id                  1 
_struct_ref.pdbx_seq_one_letter_code   
;EAGITGTWYNQLGSTFIVTAGADGALTGTYESAVGNAESRYVLTGRYDSAPATDGSGTALGWTVAWKNNYRNAHSATTWS
GQYVGGAEARINTQWLLTSGTTEANAWKSTLVGHDTFTKVKPSAASIDAAKKAGVNNGNPLDAVQQ
;
_struct_ref.pdbx_align_begin           38 
_struct_ref.pdbx_db_isoform            ? 
# 
_struct_ref_seq.align_id                      1 
_struct_ref_seq.ref_id                        1 
_struct_ref_seq.pdbx_PDB_id_code              4OKA 
_struct_ref_seq.pdbx_strand_id                A 
_struct_ref_seq.seq_align_beg                 14 
_struct_ref_seq.pdbx_seq_align_beg_ins_code   ? 
_struct_ref_seq.seq_align_end                 159 
_struct_ref_seq.pdbx_seq_align_end_ins_code   ? 
_struct_ref_seq.pdbx_db_accession             P22629 
_struct_ref_seq.db_align_beg                  38 
_struct_ref_seq.pdbx_db_align_beg_ins_code    ? 
_struct_ref_seq.db_align_end                  183 
_struct_ref_seq.pdbx_db_align_end_ins_code    ? 
_struct_ref_seq.pdbx_auth_seq_align_beg       14 
_struct_ref_seq.pdbx_auth_seq_align_end       159 
# 
loop_
_struct_ref_seq_dif.align_id 
_struct_ref_seq_dif.pdbx_pdb_id_code 
_struct_ref_seq_dif.mon_id 
_struct_ref_seq_dif.pdbx_pdb_strand_id 
_struct_ref_seq_dif.seq_num 
_struct_ref_seq_dif.pdbx_pdb_ins_code 
_struct_ref_seq_dif.pdbx_seq_db_name 
_struct_ref_seq_dif.pdbx_seq_db_accession_code 
_struct_ref_seq_dif.db_mon_id 
_struct_ref_seq_dif.pdbx_seq_db_seq_num 
_struct_ref_seq_dif.details 
_struct_ref_seq_dif.pdbx_auth_seq_num 
_struct_ref_seq_dif.pdbx_ordinal 
1 4OKA MET A 1   ? UNP P22629 ?   ?   'expression tag'      1   1  
1 4OKA ALA A 2   ? UNP P22629 ?   ?   'expression tag'      2   2  
1 4OKA SER A 3   ? UNP P22629 ?   ?   'expression tag'      3   3  
1 4OKA MET A 4   ? UNP P22629 ?   ?   'expression tag'      4   4  
1 4OKA THR A 5   ? UNP P22629 ?   ?   'expression tag'      5   5  
1 4OKA GLY A 6   ? UNP P22629 ?   ?   'expression tag'      6   6  
1 4OKA GLY A 7   ? UNP P22629 ?   ?   'expression tag'      7   7  
1 4OKA GLN A 8   ? UNP P22629 ?   ?   'expression tag'      8   8  
1 4OKA GLN A 9   ? UNP P22629 ?   ?   'expression tag'      9   9  
1 4OKA MET A 10  ? UNP P22629 ?   ?   'expression tag'      10  10 
1 4OKA GLY A 11  ? UNP P22629 ?   ?   'expression tag'      11  11 
1 4OKA ARG A 12  ? UNP P22629 ?   ?   'expression tag'      12  12 
1 4OKA ASP A 13  ? UNP P22629 ?   ?   'expression tag'      13  13 
1 4OKA LYS A 112 ? UNP P22629 SER 136 'engineered mutation' 112 14 
# 
loop_
_chem_comp.id 
_chem_comp.type 
_chem_comp.mon_nstd_flag 
_chem_comp.name 
_chem_comp.pdbx_synonyms 
_chem_comp.formula 
_chem_comp.formula_weight 
5IR non-polymer         . 
'[N-(4-{[2-(amino-kappaN)ethyl]sulfamoyl-kappaN}phenyl)-5-(2-oxohexahydro-1H-thieno[3,4-d]imidazol-4-yl)pentanamidato]iridium(III)' 
? 'C18 H26 Ir N5 O4 S2 2' 632.777 
ALA 'L-peptide linking' y ALANINE ? 'C3 H7 N O2'            89.093  
ARG 'L-peptide linking' y ARGININE ? 'C6 H15 N4 O2 1'        175.209 
ASN 'L-peptide linking' y ASPARAGINE ? 'C4 H8 N2 O3'           132.118 
ASP 'L-peptide linking' y 'ASPARTIC ACID' ? 'C4 H7 N O4'            133.103 
GLN 'L-peptide linking' y GLUTAMINE ? 'C5 H10 N2 O3'          146.144 
GLU 'L-peptide linking' y 'GLUTAMIC ACID' ? 'C5 H9 N O4'            147.129 
GLY 'peptide linking'   y GLYCINE ? 'C2 H5 N O2'            75.067  
HIS 'L-peptide linking' y HISTIDINE ? 'C6 H10 N3 O2 1'        156.162 
HOH non-polymer         . WATER ? 'H2 O'                  18.015  
ILE 'L-peptide linking' y ISOLEUCINE ? 'C6 H13 N O2'           131.173 
IR  non-polymer         . 'IRIDIUM ION' ? 'Ir 4'                  192.217 
LEU 'L-peptide linking' y LEUCINE ? 'C6 H13 N O2'           131.173 
LYS 'L-peptide linking' y LYSINE ? 'C6 H15 N2 O2 1'        147.195 
MET 'L-peptide linking' y METHIONINE ? 'C5 H11 N O2 S'         149.211 
PHE 'L-peptide linking' y PHENYLALANINE ? 'C9 H11 N O2'           165.189 
PRO 'L-peptide linking' y PROLINE ? 'C5 H9 N O2'            115.130 
SER 'L-peptide linking' y SERINE ? 'C3 H7 N O3'            105.093 
THR 'L-peptide linking' y THREONINE ? 'C4 H9 N O3'            119.119 
TRP 'L-peptide linking' y TRYPTOPHAN ? 'C11 H12 N2 O2'         204.225 
TYR 'L-peptide linking' y TYROSINE ? 'C9 H11 N O3'           181.189 
VAL 'L-peptide linking' y VALINE ? 'C5 H11 N O2'           117.146 
# 
_exptl.crystals_number   1 
_exptl.entry_id          4OKA 
_exptl.method            'X-RAY DIFFRACTION' 
# 
_exptl_crystal.id                    1 
_exptl_crystal.pdbx_mosaicity        0.770 
_exptl_crystal.pdbx_mosaicity_esd    ? 
_exptl_crystal.density_Matthews      2.29 
_exptl_crystal.density_diffrn        ? 
_exptl_crystal.density_meas          ? 
_exptl_crystal.density_meas_temp     ? 
_exptl_crystal.density_percent_sol   46.26 
_exptl_crystal.size_max              ? 
_exptl_crystal.size_mid              ? 
_exptl_crystal.size_min              ? 
_exptl_crystal.size_rad              ? 
_exptl_crystal.description           ? 
_exptl_crystal.F_000                 ? 
_exptl_crystal.preparation           ? 
# 
_exptl_crystal_grow.crystal_id      1 
_exptl_crystal_grow.method          'VAPOR DIFFUSION, HANGING DROP' 
_exptl_crystal_grow.pH              8.0 
_exptl_crystal_grow.temp            293 
_exptl_crystal_grow.pdbx_details    'ammonium sulfate, sodium acetate, pH 8.0, vapor diffusion, hanging drop, temperature 293K' 
_exptl_crystal_grow.temp_details    ? 
_exptl_crystal_grow.pdbx_pH_range   . 
# 
_diffrn.id                     1 
_diffrn.ambient_temp           100 
_diffrn.ambient_temp_details   ? 
_diffrn.crystal_id             1 
# 
_diffrn_detector.diffrn_id              1 
_diffrn_detector.detector               PIXEL 
_diffrn_detector.type                   'DECTRIS PILATUS 6M' 
_diffrn_detector.pdbx_collection_date   2013-07-13 
_diffrn_detector.details                ? 
# 
_diffrn_radiation.diffrn_id                        1 
_diffrn_radiation.pdbx_diffrn_protocol             'SINGLE WAVELENGTH' 
_diffrn_radiation.monochromator                    ? 
_diffrn_radiation.wavelength_id                    1 
_diffrn_radiation.pdbx_monochromatic_or_laue_m_l   M 
_diffrn_radiation.pdbx_scattering_type             x-ray 
# 
_diffrn_radiation_wavelength.id           1 
_diffrn_radiation_wavelength.wavelength   1.36246 
_diffrn_radiation_wavelength.wt           1.0 
# 
_diffrn_source.diffrn_id                   1 
_diffrn_source.source                      SYNCHROTRON 
_diffrn_source.type                        'SLS BEAMLINE X06SA' 
_diffrn_source.pdbx_wavelength_list        1.36246 
_diffrn_source.pdbx_wavelength             ? 
_diffrn_source.pdbx_synchrotron_site       SLS 
_diffrn_source.pdbx_synchrotron_beamline   X06SA 
# 
_reflns.entry_id                     4OKA 
_reflns.d_resolution_high            2.500 
_reflns.d_resolution_low             24.440 
_reflns.number_obs                   4971 
_reflns.pdbx_netI_over_sigmaI        6.100 
_reflns.pdbx_redundancy              7.500 
_reflns.percent_possible_obs         86.700 
_reflns.B_iso_Wilson_estimate        31.210 
_reflns.observed_criterion_sigma_F   ? 
_reflns.observed_criterion_sigma_I   ? 
_reflns.number_all                   ? 
_reflns.pdbx_Rmerge_I_obs            ? 
_reflns.pdbx_Rsym_value              ? 
_reflns.R_free_details               ? 
_reflns.limit_h_max                  ? 
_reflns.limit_h_min                  ? 
_reflns.limit_k_max                  ? 
_reflns.limit_k_min                  ? 
_reflns.limit_l_max                  ? 
_reflns.limit_l_min                  ? 
_reflns.observed_criterion_F_max     ? 
_reflns.observed_criterion_F_min     ? 
_reflns.pdbx_chi_squared             ? 
_reflns.pdbx_scaling_rejects         ? 
_reflns.pdbx_ordinal                 1 
_reflns.pdbx_diffrn_id               1 
# 
loop_
_reflns_shell.d_res_high 
_reflns_shell.d_res_low 
_reflns_shell.number_measured_obs 
_reflns_shell.number_measured_all 
_reflns_shell.number_unique_obs 
_reflns_shell.pdbx_rejects 
_reflns_shell.Rmerge_I_obs 
_reflns_shell.meanI_over_sigI_obs 
_reflns_shell.pdbx_Rsym_value 
_reflns_shell.pdbx_chi_squared 
_reflns_shell.pdbx_redundancy 
_reflns_shell.percent_possible_obs 
_reflns_shell.pdbx_netI_over_sigmaI_obs 
_reflns_shell.number_possible 
_reflns_shell.number_unique_all 
_reflns_shell.Rmerge_F_all 
_reflns_shell.Rmerge_F_obs 
_reflns_shell.Rmerge_I_all 
_reflns_shell.meanI_over_sigI_all 
_reflns_shell.percent_possible_all 
_reflns_shell.pdbx_Rrim_I_all 
_reflns_shell.pdbx_Rpim_I_all 
_reflns_shell.pdbx_ordinal 
_reflns_shell.pdbx_diffrn_id 
2.500 2.640  ? 299  ? 0 ? 1.500  ? ? 1.400 ? ? ? 218 ? ? ? ? 27.800 ? 0.166 1 1 
7.910 24.440 ? 1987 ? 0 ? 11.400 ? ? 9.200 ? ? ? 217 ? ? ? ? 96.900 ? 0.060 2 1 
# 
_refine.entry_id                                 4OKA 
_refine.ls_d_res_high                            2.5050 
_refine.ls_d_res_low                             24.44 
_refine.pdbx_ls_sigma_F                          1.360 
_refine.pdbx_data_cutoff_high_absF               ? 
_refine.pdbx_data_cutoff_low_absF                ? 
_refine.ls_percent_reflns_obs                    87.1200 
_refine.ls_number_reflns_obs                     4943 
_refine.ls_number_reflns_all                     ? 
_refine.pdbx_ls_cross_valid_method               ? 
_refine.pdbx_R_Free_selection_details            ? 
_refine.details                                  ? 
_refine.ls_R_factor_all                          ? 
_refine.ls_R_factor_obs                          0.1996 
_refine.ls_R_factor_R_work                       0.1977 
_refine.ls_wR_factor_R_work                      ? 
_refine.ls_R_factor_R_free                       0.2402 
_refine.ls_wR_factor_R_free                      ? 
_refine.ls_percent_reflns_R_free                 4.4100 
_refine.ls_number_reflns_R_free                  218 
_refine.ls_R_factor_R_free_error                 ? 
_refine.B_iso_mean                               15.7600 
_refine.solvent_model_param_bsol                 ? 
_refine.solvent_model_param_ksol                 ? 
_refine.pdbx_isotropic_thermal_model             ? 
_refine.aniso_B[1][1]                            ? 
_refine.aniso_B[2][2]                            ? 
_refine.aniso_B[3][3]                            ? 
_refine.aniso_B[1][2]                            ? 
_refine.aniso_B[1][3]                            ? 
_refine.aniso_B[2][3]                            ? 
_refine.correlation_coeff_Fo_to_Fc               ? 
_refine.correlation_coeff_Fo_to_Fc_free          ? 
_refine.overall_SU_R_Cruickshank_DPI             ? 
_refine.overall_SU_R_free                        ? 
_refine.pdbx_overall_ESU_R                       ? 
_refine.pdbx_overall_ESU_R_Free                  ? 
_refine.overall_SU_ML                            0.3000 
_refine.overall_SU_B                             ? 
_refine.solvent_model_details                    'FLAT BULK SOLVENT MODEL' 
_refine.pdbx_solvent_vdw_probe_radii             1.1100 
_refine.pdbx_solvent_ion_probe_radii             ? 
_refine.pdbx_solvent_shrinkage_radii             0.9000 
_refine.ls_number_parameters                     ? 
_refine.ls_number_restraints                     ? 
_refine.pdbx_starting_model                      3pk2 
_refine.pdbx_method_to_determine_struct          'MOLECULAR REPLACEMENT' 
_refine.pdbx_stereochemistry_target_values       ML 
_refine.pdbx_stereochem_target_val_spec_case     ? 
_refine.overall_FOM_work_R_set                   0.8062 
_refine.B_iso_max                                73.220 
_refine.B_iso_min                                5.560 
_refine.pdbx_overall_phase_error                 24.7600 
_refine.occupancy_max                            ? 
_refine.occupancy_min                            ? 
_refine.pdbx_ls_sigma_I                          ? 
_refine.ls_redundancy_reflns_obs                 ? 
_refine.ls_R_factor_R_free_error_details         ? 
_refine.pdbx_data_cutoff_high_rms_absF           ? 
_refine.overall_FOM_free_R_set                   ? 
_refine.pdbx_diffrn_id                           1 
_refine.pdbx_refine_id                           'X-RAY DIFFRACTION' 
_refine.pdbx_TLS_residual_ADP_flag               ? 
_refine.pdbx_overall_SU_R_free_Cruickshank_DPI   ? 
_refine.pdbx_overall_SU_R_Blow_DPI               ? 
_refine.pdbx_overall_SU_R_free_Blow_DPI          ? 
# 
_refine_hist.pdbx_refine_id                   'X-RAY DIFFRACTION' 
_refine_hist.cycle_id                         LAST 
_refine_hist.pdbx_number_atoms_protein        916 
_refine_hist.pdbx_number_atoms_nucleic_acid   0 
_refine_hist.pdbx_number_atoms_ligand         31 
_refine_hist.number_atoms_solvent             21 
_refine_hist.number_atoms_total               968 
_refine_hist.d_res_high                       2.5050 
_refine_hist.d_res_low                        24.44 
# 
loop_
_refine_ls_restr.type 
_refine_ls_restr.number 
_refine_ls_restr.dev_ideal 
_refine_ls_restr.dev_ideal_target 
_refine_ls_restr.weight 
_refine_ls_restr.pdbx_restraint_function 
_refine_ls_restr.pdbx_refine_id 
f_bond_d           987  0.007  ? ? ? 'X-RAY DIFFRACTION' 
f_angle_d          1348 1.398  ? ? ? 'X-RAY DIFFRACTION' 
f_chiral_restr     142  0.068  ? ? ? 'X-RAY DIFFRACTION' 
f_plane_restr      166  0.003  ? ? ? 'X-RAY DIFFRACTION' 
f_dihedral_angle_d 304  12.043 ? ? ? 'X-RAY DIFFRACTION' 
# 
loop_
_refine_ls_shell.d_res_high 
_refine_ls_shell.d_res_low 
_refine_ls_shell.pdbx_total_number_of_bins_used 
_refine_ls_shell.percent_reflns_obs 
_refine_ls_shell.number_reflns_R_work 
_refine_ls_shell.R_factor_all 
_refine_ls_shell.R_factor_R_work 
_refine_ls_shell.R_factor_R_free 
_refine_ls_shell.percent_reflns_R_free 
_refine_ls_shell.number_reflns_R_free 
_refine_ls_shell.R_factor_R_free_error 
_refine_ls_shell.number_reflns_all 
_refine_ls_shell.number_reflns_obs 
_refine_ls_shell.pdbx_refine_id 
_refine_ls_shell.redundancy_reflns_obs 
2.505  3.1548  2 74.0000  1947 . 0.2046 0.2865 . 93  . 2040 . 'X-RAY DIFFRACTION' . 
3.1548 24.4431 2 100.0000 2778 . 0.1952 0.2219 . 125 . 2903 . 'X-RAY DIFFRACTION' . 
# 
_struct.entry_id                  4OKA 
_struct.title                     
;Structural-, Kinetic- and Docking Studies of Artificial Imine Reductases Based on the Biotin-Streptavidin Technology: An Induced Lock-and-Key Hypothesis
;
_struct.pdbx_model_details        ? 
_struct.pdbx_CASP_flag            ? 
_struct.pdbx_model_type_details   ? 
# 
_struct_keywords.entry_id        4OKA 
_struct_keywords.text            'beta barrel, transfer hydrogenation, iridium piano stool, BIOTIN-BINDING PROTEIN' 
_struct_keywords.pdbx_keywords   'BIOTIN-BINDING PROTEIN' 
# 
loop_
_struct_asym.id 
_struct_asym.pdbx_blank_PDB_chainid_flag 
_struct_asym.pdbx_modified 
_struct_asym.entity_id 
_struct_asym.details 
A N N 1 ? 
B N N 2 ? 
C N N 3 ? 
D N N 4 ? 
# 
_struct_biol.id        1 
_struct_biol.details   ? 
# 
loop_
_struct_conf.conf_type_id 
_struct_conf.id 
_struct_conf.pdbx_PDB_helix_id 
_struct_conf.beg_label_comp_id 
_struct_conf.beg_label_asym_id 
_struct_conf.beg_label_seq_id 
_struct_conf.pdbx_beg_PDB_ins_code 
_struct_conf.end_label_comp_id 
_struct_conf.end_label_asym_id 
_struct_conf.end_label_seq_id 
_struct_conf.pdbx_end_PDB_ins_code 
_struct_conf.beg_auth_comp_id 
_struct_conf.beg_auth_asym_id 
_struct_conf.beg_auth_seq_id 
_struct_conf.end_auth_comp_id 
_struct_conf.end_auth_asym_id 
_struct_conf.end_auth_seq_id 
_struct_conf.pdbx_PDB_helix_class 
_struct_conf.details 
_struct_conf.pdbx_PDB_helix_length 
HELX_P HELX_P1 1 ASP A 13  ? THR A 18  ? ASP A 13  THR A 18  1 ? 6 
HELX_P HELX_P2 2 THR A 115 ? LYS A 121 ? THR A 115 LYS A 121 5 ? 7 
# 
_struct_conf_type.id          HELX_P 
_struct_conf_type.criteria    ? 
_struct_conf_type.reference   ? 
# 
_struct_conn.id                            metalc1 
_struct_conn.conn_type_id                  metalc 
_struct_conn.pdbx_leaving_atom_flag        ? 
_struct_conn.pdbx_PDB_id                   ? 
_struct_conn.ptnr1_label_asym_id           A 
_struct_conn.ptnr1_label_comp_id           LYS 
_struct_conn.ptnr1_label_seq_id            112 
_struct_conn.ptnr1_label_atom_id           NZ 
_struct_conn.pdbx_ptnr1_label_alt_id       ? 
_struct_conn.pdbx_ptnr1_PDB_ins_code       ? 
_struct_conn.pdbx_ptnr1_standard_comp_id   ? 
_struct_conn.ptnr1_symmetry                1_555 
_struct_conn.ptnr2_label_asym_id           B 
_struct_conn.ptnr2_label_comp_id           5IR 
_struct_conn.ptnr2_label_seq_id            . 
_struct_conn.ptnr2_label_atom_id           IR 
_struct_conn.pdbx_ptnr2_label_alt_id       A 
_struct_conn.pdbx_ptnr2_PDB_ins_code       ? 
_struct_conn.ptnr1_auth_asym_id            A 
_struct_conn.ptnr1_auth_comp_id            LYS 
_struct_conn.ptnr1_auth_seq_id             112 
_struct_conn.ptnr2_auth_asym_id            A 
_struct_conn.ptnr2_auth_comp_id            5IR 
_struct_conn.ptnr2_auth_seq_id             400 
_struct_conn.ptnr2_symmetry                1_555 
_struct_conn.pdbx_ptnr3_label_atom_id      ? 
_struct_conn.pdbx_ptnr3_label_seq_id       ? 
_struct_conn.pdbx_ptnr3_label_comp_id      ? 
_struct_conn.pdbx_ptnr3_label_asym_id      ? 
_struct_conn.pdbx_ptnr3_label_alt_id       ? 
_struct_conn.pdbx_ptnr3_PDB_ins_code       ? 
_struct_conn.details                       ? 
_struct_conn.pdbx_dist_value               2.335 
_struct_conn.pdbx_value_order              ? 
_struct_conn.pdbx_role                     ? 
# 
_struct_conn_type.id          metalc 
_struct_conn_type.criteria    ? 
_struct_conn_type.reference   ? 
# 
_struct_sheet.id               A 
_struct_sheet.type             ? 
_struct_sheet.number_strands   9 
_struct_sheet.details          ? 
# 
loop_
_struct_sheet_order.sheet_id 
_struct_sheet_order.range_id_1 
_struct_sheet_order.range_id_2 
_struct_sheet_order.offset 
_struct_sheet_order.sense 
A 1 2 ? anti-parallel 
A 2 3 ? anti-parallel 
A 3 4 ? anti-parallel 
A 4 5 ? anti-parallel 
A 5 6 ? anti-parallel 
A 6 7 ? anti-parallel 
A 7 8 ? anti-parallel 
A 8 9 ? anti-parallel 
# 
loop_
_struct_sheet_range.sheet_id 
_struct_sheet_range.id 
_struct_sheet_range.beg_label_comp_id 
_struct_sheet_range.beg_label_asym_id 
_struct_sheet_range.beg_label_seq_id 
_struct_sheet_range.pdbx_beg_PDB_ins_code 
_struct_sheet_range.end_label_comp_id 
_struct_sheet_range.end_label_asym_id 
_struct_sheet_range.end_label_seq_id 
_struct_sheet_range.pdbx_end_PDB_ins_code 
_struct_sheet_range.beg_auth_comp_id 
_struct_sheet_range.beg_auth_asym_id 
_struct_sheet_range.beg_auth_seq_id 
_struct_sheet_range.end_auth_comp_id 
_struct_sheet_range.end_auth_asym_id 
_struct_sheet_range.end_auth_seq_id 
A 1 GLY A 19  ? ASN A 23  ? GLY A 19  ASN A 23  
A 2 THR A 28  ? ALA A 33  ? THR A 28  ALA A 33  
A 3 ALA A 38  ? GLU A 44  ? ALA A 38  GLU A 44  
A 4 TYR A 54  ? TYR A 60  ? TYR A 54  TYR A 60  
A 5 THR A 71  ? LYS A 80  ? THR A 71  LYS A 80  
A 6 ASN A 85  ? VAL A 97  ? ASN A 85  VAL A 97  
A 7 ARG A 103 ? LYS A 112 ? ARG A 103 LYS A 112 
A 8 THR A 123 ? THR A 131 ? THR A 123 THR A 131 
A 9 GLY A 19  ? ASN A 23  ? GLY A 19  ASN A 23  
# 
loop_
_pdbx_struct_sheet_hbond.sheet_id 
_pdbx_struct_sheet_hbond.range_id_1 
_pdbx_struct_sheet_hbond.range_id_2 
_pdbx_struct_sheet_hbond.range_1_label_atom_id 
_pdbx_struct_sheet_hbond.range_1_label_comp_id 
_pdbx_struct_sheet_hbond.range_1_label_asym_id 
_pdbx_struct_sheet_hbond.range_1_label_seq_id 
_pdbx_struct_sheet_hbond.range_1_PDB_ins_code 
_pdbx_struct_sheet_hbond.range_1_auth_atom_id 
_pdbx_struct_sheet_hbond.range_1_auth_comp_id 
_pdbx_struct_sheet_hbond.range_1_auth_asym_id 
_pdbx_struct_sheet_hbond.range_1_auth_seq_id 
_pdbx_struct_sheet_hbond.range_2_label_atom_id 
_pdbx_struct_sheet_hbond.range_2_label_comp_id 
_pdbx_struct_sheet_hbond.range_2_label_asym_id 
_pdbx_struct_sheet_hbond.range_2_label_seq_id 
_pdbx_struct_sheet_hbond.range_2_PDB_ins_code 
_pdbx_struct_sheet_hbond.range_2_auth_atom_id 
_pdbx_struct_sheet_hbond.range_2_auth_comp_id 
_pdbx_struct_sheet_hbond.range_2_auth_asym_id 
_pdbx_struct_sheet_hbond.range_2_auth_seq_id 
A 1 2 N TRP A 21  ? N TRP A 21  O PHE A 29  ? O PHE A 29  
A 2 3 N THR A 32  ? N THR A 32  O THR A 40  ? O THR A 40  
A 3 4 N TYR A 43  ? N TYR A 43  O TYR A 54  ? O TYR A 54  
A 4 5 N ARG A 59  ? N ARG A 59  O GLY A 74  ? O GLY A 74  
A 5 6 N TRP A 75  ? N TRP A 75  O TRP A 92  ? O TRP A 92  
A 6 7 N VAL A 97  ? N VAL A 97  O ARG A 103 ? O ARG A 103 
A 7 8 N TRP A 108 ? N TRP A 108 O GLY A 126 ? O GLY A 126 
A 8 9 O THR A 131 ? O THR A 131 N TYR A 22  ? N TYR A 22  
# 
loop_
_struct_site.id 
_struct_site.pdbx_evidence_code 
_struct_site.pdbx_auth_asym_id 
_struct_site.pdbx_auth_comp_id 
_struct_site.pdbx_auth_seq_id 
_struct_site.pdbx_auth_ins_code 
_struct_site.pdbx_num_residues 
_struct_site.details 
AC1 Software A 5IR 400 ? 16 'BINDING SITE FOR RESIDUE 5IR A 400' 
AC2 Software A IR  401 ? 1  'BINDING SITE FOR RESIDUE IR A 401'  
# 
loop_
_struct_site_gen.id 
_struct_site_gen.site_id 
_struct_site_gen.pdbx_num_res 
_struct_site_gen.label_comp_id 
_struct_site_gen.label_asym_id 
_struct_site_gen.label_seq_id 
_struct_site_gen.pdbx_auth_ins_code 
_struct_site_gen.auth_comp_id 
_struct_site_gen.auth_asym_id 
_struct_site_gen.auth_seq_id 
_struct_site_gen.label_atom_id 
_struct_site_gen.label_alt_id 
_struct_site_gen.symmetry 
_struct_site_gen.details 
1  AC1 16 ASN A 23  ? ASN A 23  . ? 1_555  ? 
2  AC1 16 SER A 27  ? SER A 27  . ? 1_555  ? 
3  AC1 16 TYR A 43  ? TYR A 43  . ? 1_555  ? 
4  AC1 16 SER A 45  ? SER A 45  . ? 1_555  ? 
5  AC1 16 VAL A 47  ? VAL A 47  . ? 1_555  ? 
6  AC1 16 GLY A 48  ? GLY A 48  . ? 1_555  ? 
7  AC1 16 ASN A 49  ? ASN A 49  . ? 1_555  ? 
8  AC1 16 TRP A 79  ? TRP A 79  . ? 1_555  ? 
9  AC1 16 ALA A 86  ? ALA A 86  . ? 1_555  ? 
10 AC1 16 SER A 88  ? SER A 88  . ? 1_555  ? 
11 AC1 16 THR A 90  ? THR A 90  . ? 1_555  ? 
12 AC1 16 TRP A 108 ? TRP A 108 . ? 1_555  ? 
13 AC1 16 LYS A 112 ? LYS A 112 . ? 1_555  ? 
14 AC1 16 TRP A 120 ? TRP A 120 . ? 10_445 ? 
15 AC1 16 LEU A 124 ? LEU A 124 . ? 1_555  ? 
16 AC1 16 ASP A 128 ? ASP A 128 . ? 1_555  ? 
17 AC2 1  HIS A 127 ? HIS A 127 . ? 1_555  ? 
# 
_atom_sites.entry_id                    4OKA 
_atom_sites.fract_transf_matrix[1][1]   0.01603659 
_atom_sites.fract_transf_matrix[1][2]   0.00556859 
_atom_sites.fract_transf_matrix[1][3]   0.00363154 
_atom_sites.fract_transf_matrix[2][1]   -0.00115297 
_atom_sites.fract_transf_matrix[2][2]   0.01166883 
_atom_sites.fract_transf_matrix[2][3]   -0.01280151 
_atom_sites.fract_transf_matrix[3][1]   -0.00205736 
_atom_sites.fract_transf_matrix[3][2]   0.00364015 
_atom_sites.fract_transf_matrix[3][3]   0.00350337 
_atom_sites.fract_transf_vector[1]      -0.241419 
_atom_sites.fract_transf_vector[2]      -0.425464 
_atom_sites.fract_transf_vector[3]      -0.010792 
# 
loop_
_atom_type.symbol 
C  
IR 
N  
O  
S  
# 
loop_
_atom_site.group_PDB 
_atom_site.id 
_atom_site.type_symbol 
_atom_site.label_atom_id 
_atom_site.label_alt_id 
_atom_site.label_comp_id 
_atom_site.label_asym_id 
_atom_site.label_entity_id 
_atom_site.label_seq_id 
_atom_site.pdbx_PDB_ins_code 
_atom_site.Cartn_x 
_atom_site.Cartn_y 
_atom_site.Cartn_z 
_atom_site.occupancy 
_atom_site.B_iso_or_equiv 
_atom_site.pdbx_formal_charge 
_atom_site.auth_seq_id 
_atom_site.auth_comp_id 
_atom_site.auth_asym_id 
_atom_site.auth_atom_id 
_atom_site.pdbx_PDB_model_num 
ATOM   1   N  N   . ASP A 1 13  ? 2.502   13.769  10.642  1.00 24.56 ? 13  ASP A N   1 
ATOM   2   C  CA  . ASP A 1 13  ? 2.880   12.362  10.488  1.00 25.04 ? 13  ASP A CA  1 
ATOM   3   C  C   . ASP A 1 13  ? 3.664   12.162  9.207   1.00 23.07 ? 13  ASP A C   1 
ATOM   4   O  O   . ASP A 1 13  ? 4.112   11.050  8.912   1.00 23.35 ? 13  ASP A O   1 
ATOM   5   C  CB  . ASP A 1 13  ? 1.643   11.454  10.460  1.00 25.10 ? 13  ASP A CB  1 
ATOM   6   C  CG  . ASP A 1 13  ? 1.059   11.203  11.843  1.00 31.37 ? 13  ASP A CG  1 
ATOM   7   O  OD1 . ASP A 1 13  ? 1.834   10.977  12.801  1.00 34.64 ? 13  ASP A OD1 1 
ATOM   8   O  OD2 . ASP A 1 13  ? -0.185  11.227  11.969  1.00 33.60 ? 13  ASP A OD2 1 
ATOM   9   N  N   . GLU A 1 14  ? 3.796   13.238  8.438   1.00 20.94 ? 14  GLU A N   1 
ATOM   10  C  CA  . GLU A 1 14  ? 4.624   13.232  7.241   1.00 20.04 ? 14  GLU A CA  1 
ATOM   11  C  C   . GLU A 1 14  ? 5.962   12.533  7.495   1.00 21.85 ? 14  GLU A C   1 
ATOM   12  O  O   . GLU A 1 14  ? 6.399   11.713  6.695   1.00 21.71 ? 14  GLU A O   1 
ATOM   13  C  CB  . GLU A 1 14  ? 4.846   14.667  6.761   1.00 19.14 ? 14  GLU A CB  1 
ATOM   14  C  CG  . GLU A 1 14  ? 6.042   14.834  5.842   1.00 20.81 ? 14  GLU A CG  1 
ATOM   15  C  CD  . GLU A 1 14  ? 6.174   16.246  5.317   1.00 22.10 ? 14  GLU A CD  1 
ATOM   16  O  OE1 . GLU A 1 14  ? 7.079   16.489  4.490   1.00 24.02 ? 14  GLU A OE1 1 
ATOM   17  O  OE2 . GLU A 1 14  ? 5.369   17.113  5.724   1.00 21.86 ? 14  GLU A OE2 1 
ATOM   18  N  N   . ALA A 1 15  ? 6.587   12.829  8.632   1.00 23.46 ? 15  ALA A N   1 
ATOM   19  C  CA  . ALA A 1 15  ? 7.863   12.221  8.999   1.00 21.56 ? 15  ALA A CA  1 
ATOM   20  C  C   . ALA A 1 15  ? 7.769   10.716  9.234   1.00 20.79 ? 15  ALA A C   1 
ATOM   21  O  O   . ALA A 1 15  ? 8.589   9.946   8.718   1.00 21.02 ? 15  ALA A O   1 
ATOM   22  C  CB  . ALA A 1 15  ? 8.411   12.893  10.241  1.00 25.46 ? 15  ALA A CB  1 
ATOM   23  N  N   . GLY A 1 16  ? 6.777   10.312  10.030  1.00 20.80 ? 16  GLY A N   1 
ATOM   24  C  CA  . GLY A 1 16  ? 6.625   8.936   10.472  1.00 16.79 ? 16  GLY A CA  1 
ATOM   25  C  C   . GLY A 1 16  ? 6.232   7.946   9.391   1.00 19.15 ? 16  GLY A C   1 
ATOM   26  O  O   . GLY A 1 16  ? 6.568   6.760   9.485   1.00 19.20 ? 16  GLY A O   1 
ATOM   27  N  N   . ILE A 1 17  ? 5.520   8.416   8.367   1.00 17.18 ? 17  ILE A N   1 
ATOM   28  C  CA  . ILE A 1 17  ? 5.108   7.533   7.276   1.00 15.47 ? 17  ILE A CA  1 
ATOM   29  C  C   . ILE A 1 17  ? 6.251   7.286   6.307   1.00 13.56 ? 17  ILE A C   1 
ATOM   30  O  O   . ILE A 1 17  ? 6.422   6.175   5.805   1.00 13.00 ? 17  ILE A O   1 
ATOM   31  C  CB  . ILE A 1 17  ? 3.908   8.104   6.508   1.00 15.82 ? 17  ILE A CB  1 
ATOM   32  C  CG1 . ILE A 1 17  ? 2.665   8.133   7.402   1.00 16.30 ? 17  ILE A CG1 1 
ATOM   33  C  CG2 . ILE A 1 17  ? 3.630   7.278   5.268   1.00 14.00 ? 17  ILE A CG2 1 
ATOM   34  C  CD1 . ILE A 1 17  ? 1.468   8.827   6.768   1.00 14.37 ? 17  ILE A CD1 1 
ATOM   35  N  N   . THR A 1 18  ? 7.036   8.331   6.056   1.00 16.19 ? 18  THR A N   1 
ATOM   36  C  CA  . THR A 1 18  ? 8.147   8.260   5.101   1.00 15.21 ? 18  THR A CA  1 
ATOM   37  C  C   . THR A 1 18  ? 9.160   7.225   5.547   1.00 12.76 ? 18  THR A C   1 
ATOM   38  O  O   . THR A 1 18  ? 9.510   7.162   6.723   1.00 13.41 ? 18  THR A O   1 
ATOM   39  C  CB  . THR A 1 18  ? 8.861   9.624   4.923   1.00 13.18 ? 18  THR A CB  1 
ATOM   40  O  OG1 . THR A 1 18  ? 7.905   10.631  4.572   1.00 14.20 ? 18  THR A OG1 1 
ATOM   41  C  CG2 . THR A 1 18  ? 9.903   9.532   3.812   1.00 11.36 ? 18  THR A CG2 1 
ATOM   42  N  N   . GLY A 1 19  ? 9.614   6.402   4.609   1.00 12.16 ? 19  GLY A N   1 
ATOM   43  C  CA  . GLY A 1 19  ? 10.556  5.345   4.928   1.00 13.04 ? 19  GLY A CA  1 
ATOM   44  C  C   . GLY A 1 19  ? 10.219  3.993   4.334   1.00 12.89 ? 19  GLY A C   1 
ATOM   45  O  O   . GLY A 1 19  ? 9.308   3.872   3.506   1.00 14.28 ? 19  GLY A O   1 
ATOM   46  N  N   . THR A 1 20  ? 10.957  2.972   4.767   1.00 13.30 ? 20  THR A N   1 
ATOM   47  C  CA  . THR A 1 20  ? 10.793  1.615   4.248   1.00 13.47 ? 20  THR A CA  1 
ATOM   48  C  C   . THR A 1 20  ? 9.944   0.768   5.181   1.00 13.58 ? 20  THR A C   1 
ATOM   49  O  O   . THR A 1 20  ? 10.195  0.711   6.388   1.00 14.46 ? 20  THR A O   1 
ATOM   50  C  CB  . THR A 1 20  ? 12.147  0.906   4.061   1.00 13.99 ? 20  THR A CB  1 
ATOM   51  O  OG1 . THR A 1 20  ? 13.007  1.714   3.250   1.00 14.54 ? 20  THR A OG1 1 
ATOM   52  C  CG2 . THR A 1 20  ? 11.948  -0.438  3.388   1.00 12.97 ? 20  THR A CG2 1 
ATOM   53  N  N   . TRP A 1 21  ? 8.945   0.095   4.611   1.00 14.85 ? 21  TRP A N   1 
ATOM   54  C  CA  . TRP A 1 21  ? 8.029   -0.752  5.377   1.00 12.75 ? 21  TRP A CA  1 
ATOM   55  C  C   . TRP A 1 21  ? 7.991   -2.188  4.846   1.00 13.05 ? 21  TRP A C   1 
ATOM   56  O  O   . TRP A 1 21  ? 8.209   -2.437  3.652   1.00 12.14 ? 21  TRP A O   1 
ATOM   57  C  CB  . TRP A 1 21  ? 6.631   -0.163  5.326   1.00 11.41 ? 21  TRP A CB  1 
ATOM   58  C  CG  . TRP A 1 21  ? 6.490   1.211   5.896   1.00 10.75 ? 21  TRP A CG  1 
ATOM   59  C  CD1 . TRP A 1 21  ? 6.703   2.400   5.255   1.00 11.19 ? 21  TRP A CD1 1 
ATOM   60  C  CD2 . TRP A 1 21  ? 6.049   1.541   7.214   1.00 10.89 ? 21  TRP A CD2 1 
ATOM   61  N  NE1 . TRP A 1 21  ? 6.436   3.452   6.104   1.00 11.16 ? 21  TRP A NE1 1 
ATOM   62  C  CE2 . TRP A 1 21  ? 6.031   2.947   7.312   1.00 11.67 ? 21  TRP A CE2 1 
ATOM   63  C  CE3 . TRP A 1 21  ? 5.671   0.786   8.323   1.00 10.93 ? 21  TRP A CE3 1 
ATOM   64  C  CZ2 . TRP A 1 21  ? 5.648   3.609   8.480   1.00 11.91 ? 21  TRP A CZ2 1 
ATOM   65  C  CZ3 . TRP A 1 21  ? 5.293   1.444   9.478   1.00 11.33 ? 21  TRP A CZ3 1 
ATOM   66  C  CH2 . TRP A 1 21  ? 5.287   2.838   9.550   1.00 10.89 ? 21  TRP A CH2 1 
ATOM   67  N  N   . TYR A 1 22  ? 7.692   -3.121  5.744   1.00 13.46 ? 22  TYR A N   1 
ATOM   68  C  CA  . TYR A 1 22  ? 7.676   -4.548  5.431   1.00 13.96 ? 22  TYR A CA  1 
ATOM   69  C  C   . TYR A 1 22  ? 6.353   -5.169  5.918   1.00 13.56 ? 22  TYR A C   1 
ATOM   70  O  O   . TYR A 1 22  ? 5.871   -4.859  7.015   1.00 13.41 ? 22  TYR A O   1 
ATOM   71  C  CB  . TYR A 1 22  ? 8.881   -5.241  6.104   1.00 13.73 ? 22  TYR A CB  1 
ATOM   72  C  CG  . TYR A 1 22  ? 10.223  -4.560  5.855   1.00 15.91 ? 22  TYR A CG  1 
ATOM   73  C  CD1 . TYR A 1 22  ? 10.979  -4.865  4.732   1.00 16.31 ? 22  TYR A CD1 1 
ATOM   74  C  CD2 . TYR A 1 22  ? 10.738  -3.616  6.745   1.00 15.87 ? 22  TYR A CD2 1 
ATOM   75  C  CE1 . TYR A 1 22  ? 12.200  -4.252  4.496   1.00 14.03 ? 22  TYR A CE1 1 
ATOM   76  C  CE2 . TYR A 1 22  ? 11.960  -2.995  6.510   1.00 13.75 ? 22  TYR A CE2 1 
ATOM   77  C  CZ  . TYR A 1 22  ? 12.681  -3.325  5.383   1.00 13.88 ? 22  TYR A CZ  1 
ATOM   78  O  OH  . TYR A 1 22  ? 13.900  -2.740  5.116   1.00 14.30 ? 22  TYR A OH  1 
ATOM   79  N  N   . ASN A 1 23  ? 5.746   -6.041  5.128   1.00 12.29 ? 23  ASN A N   1 
ATOM   80  C  CA  . ASN A 1 23  ? 4.518   -6.666  5.613   1.00 12.02 ? 23  ASN A CA  1 
ATOM   81  C  C   . ASN A 1 23  ? 4.695   -8.129  5.953   1.00 12.64 ? 23  ASN A C   1 
ATOM   82  O  O   . ASN A 1 23  ? 5.764   -8.696  5.756   1.00 14.12 ? 23  ASN A O   1 
ATOM   83  C  CB  . ASN A 1 23  ? 3.332   -6.445  4.656   1.00 10.75 ? 23  ASN A CB  1 
ATOM   84  C  CG  . ASN A 1 23  ? 3.492   -7.174  3.329   1.00 11.68 ? 23  ASN A CG  1 
ATOM   85  O  OD1 . ASN A 1 23  ? 4.295   -8.108  3.198   1.00 12.65 ? 23  ASN A OD1 1 
ATOM   86  N  ND2 . ASN A 1 23  ? 2.715   -6.754  2.333   1.00 11.02 ? 23  ASN A ND2 1 
ATOM   87  N  N   . GLN A 1 24  ? 3.627   -8.740  6.442   1.00 13.40 ? 24  GLN A N   1 
ATOM   88  C  CA  . GLN A 1 24  ? 3.682   -10.103 6.963   1.00 14.16 ? 24  GLN A CA  1 
ATOM   89  C  C   . GLN A 1 24  ? 4.083   -11.136 5.908   1.00 14.44 ? 24  GLN A C   1 
ATOM   90  O  O   . GLN A 1 24  ? 4.520   -12.231 6.241   1.00 15.49 ? 24  GLN A O   1 
ATOM   91  C  CB  . GLN A 1 24  ? 2.328   -10.473 7.570   1.00 13.90 ? 24  GLN A CB  1 
ATOM   92  C  CG  . GLN A 1 24  ? 1.247   -10.778 6.536   1.00 13.56 ? 24  GLN A CG  1 
ATOM   93  C  CD  . GLN A 1 24  ? 0.700   -9.532  5.844   1.00 13.84 ? 24  GLN A CD  1 
ATOM   94  O  OE1 . GLN A 1 24  ? 0.993   -8.398  6.241   1.00 12.61 ? 24  GLN A OE1 1 
ATOM   95  N  NE2 . GLN A 1 24  ? -0.113  -9.742  4.811   1.00 12.62 ? 24  GLN A NE2 1 
ATOM   96  N  N   . LEU A 1 25  ? 3.941   -10.777 4.638   1.00 14.08 ? 25  LEU A N   1 
ATOM   97  C  CA  . LEU A 1 25  ? 4.286   -11.671 3.539   1.00 14.46 ? 25  LEU A CA  1 
ATOM   98  C  C   . LEU A 1 25  ? 5.744   -11.479 3.118   1.00 15.25 ? 25  LEU A C   1 
ATOM   99  O  O   . LEU A 1 25  ? 6.259   -12.202 2.260   1.00 15.62 ? 25  LEU A O   1 
ATOM   100 C  CB  . LEU A 1 25  ? 3.367   -11.402 2.342   1.00 14.49 ? 25  LEU A CB  1 
ATOM   101 C  CG  . LEU A 1 25  ? 1.881   -11.715 2.527   1.00 13.17 ? 25  LEU A CG  1 
ATOM   102 C  CD1 . LEU A 1 25  ? 1.050   -11.199 1.363   1.00 11.71 ? 25  LEU A CD1 1 
ATOM   103 C  CD2 . LEU A 1 25  ? 1.708   -13.198 2.659   1.00 12.79 ? 25  LEU A CD2 1 
ATOM   104 N  N   . GLY A 1 26  ? 6.413   -10.505 3.725   1.00 14.97 ? 26  GLY A N   1 
ATOM   105 C  CA  . GLY A 1 26  ? 7.786   -10.195 3.356   1.00 14.83 ? 26  GLY A CA  1 
ATOM   106 C  C   . GLY A 1 26  ? 7.888   -9.193  2.215   1.00 13.93 ? 26  GLY A C   1 
ATOM   107 O  O   . GLY A 1 26  ? 8.943   -9.045  1.605   1.00 13.89 ? 26  GLY A O   1 
ATOM   108 N  N   . SER A 1 27  ? 6.796   -8.497  1.916   1.00 13.94 ? 27  SER A N   1 
ATOM   109 C  CA  . SER A 1 27  ? 6.845   -7.468  0.879   1.00 14.33 ? 27  SER A CA  1 
ATOM   110 C  C   . SER A 1 27  ? 7.497   -6.191  1.389   1.00 13.11 ? 27  SER A C   1 
ATOM   111 O  O   . SER A 1 27  ? 7.468   -5.913  2.585   1.00 12.93 ? 27  SER A O   1 
ATOM   112 C  CB  . SER A 1 27  ? 5.453   -7.173  0.339   1.00 11.98 ? 27  SER A CB  1 
ATOM   113 O  OG  . SER A 1 27  ? 5.017   -8.230  -0.487  1.00 11.11 ? 27  SER A OG  1 
ATOM   114 N  N   . THR A 1 28  ? 8.079   -5.425  0.468   1.00 13.09 ? 28  THR A N   1 
ATOM   115 C  CA  . THR A 1 28  ? 8.789   -4.186  0.798   1.00 13.50 ? 28  THR A CA  1 
ATOM   116 C  C   . THR A 1 28  ? 8.090   -2.969  0.203   1.00 12.83 ? 28  THR A C   1 
ATOM   117 O  O   . THR A 1 28  ? 7.814   -2.919  -0.996  1.00 13.08 ? 28  THR A O   1 
ATOM   118 C  CB  . THR A 1 28  ? 10.234  -4.209  0.263   1.00 14.36 ? 28  THR A CB  1 
ATOM   119 O  OG1 . THR A 1 28  ? 10.844  -5.471  0.575   1.00 19.35 ? 28  THR A OG1 1 
ATOM   120 C  CG2 . THR A 1 28  ? 11.050  -3.092  0.873   1.00 12.30 ? 28  THR A CG2 1 
ATOM   121 N  N   . PHE A 1 29  ? 7.850   -1.968  1.039   1.00 12.87 ? 29  PHE A N   1 
ATOM   122 C  CA  . PHE A 1 29  ? 7.053   -0.808  0.661   1.00 12.36 ? 29  PHE A CA  1 
ATOM   123 C  C   . PHE A 1 29  ? 7.826   0.463   1.036   1.00 13.62 ? 29  PHE A C   1 
ATOM   124 O  O   . PHE A 1 29  ? 7.960   0.782   2.223   1.00 13.81 ? 29  PHE A O   1 
ATOM   125 C  CB  . PHE A 1 29  ? 5.706   -0.947  1.378   1.00 12.07 ? 29  PHE A CB  1 
ATOM   126 C  CG  . PHE A 1 29  ? 4.910   0.316   1.506   1.00 10.21 ? 29  PHE A CG  1 
ATOM   127 C  CD1 . PHE A 1 29  ? 4.749   1.173   0.450   1.00 10.49 ? 29  PHE A CD1 1 
ATOM   128 C  CD2 . PHE A 1 29  ? 4.247   0.590   2.693   1.00 9.47  ? 29  PHE A CD2 1 
ATOM   129 C  CE1 . PHE A 1 29  ? 3.975   2.320   0.592   1.00 10.27 ? 29  PHE A CE1 1 
ATOM   130 C  CE2 . PHE A 1 29  ? 3.494   1.723   2.849   1.00 9.42  ? 29  PHE A CE2 1 
ATOM   131 C  CZ  . PHE A 1 29  ? 3.346   2.591   1.790   1.00 9.58  ? 29  PHE A CZ  1 
ATOM   132 N  N   . ILE A 1 30  ? 8.362   1.155   0.023   1.00 13.08 ? 30  ILE A N   1 
ATOM   133 C  CA  . ILE A 1 30  ? 9.176   2.364   0.224   1.00 11.73 ? 30  ILE A CA  1 
ATOM   134 C  C   . ILE A 1 30  ? 8.391   3.600   -0.180  1.00 11.74 ? 30  ILE A C   1 
ATOM   135 O  O   . ILE A 1 30  ? 7.915   3.685   -1.323  1.00 12.03 ? 30  ILE A O   1 
ATOM   136 C  CB  . ILE A 1 30  ? 10.453  2.306   -0.620  1.00 11.42 ? 30  ILE A CB  1 
ATOM   137 C  CG1 . ILE A 1 30  ? 11.162  0.971   -0.380  1.00 14.21 ? 30  ILE A CG1 1 
ATOM   138 C  CG2 . ILE A 1 30  ? 11.369  3.475   -0.291  1.00 12.04 ? 30  ILE A CG2 1 
ATOM   139 C  CD1 . ILE A 1 30  ? 12.455  0.806   -1.120  1.00 15.21 ? 30  ILE A CD1 1 
ATOM   140 N  N   . VAL A 1 31  ? 8.245   4.560   0.734   1.00 10.80 ? 31  VAL A N   1 
ATOM   141 C  CA  . VAL A 1 31  ? 7.288   5.653   0.500   1.00 10.93 ? 31  VAL A CA  1 
ATOM   142 C  C   . VAL A 1 31  ? 7.756   7.013   1.002   1.00 10.29 ? 31  VAL A C   1 
ATOM   143 O  O   . VAL A 1 31  ? 8.420   7.113   2.025   1.00 12.21 ? 31  VAL A O   1 
ATOM   144 C  CB  . VAL A 1 31  ? 5.882   5.309   1.112   1.00 10.09 ? 31  VAL A CB  1 
ATOM   145 C  CG1 . VAL A 1 31  ? 5.901   5.412   2.634   1.00 11.14 ? 31  VAL A CG1 1 
ATOM   146 C  CG2 . VAL A 1 31  ? 4.790   6.188   0.536   1.00 9.14  ? 31  VAL A CG2 1 
ATOM   147 N  N   . THR A 1 32  ? 7.383   8.062   0.277   1.00 11.06 ? 32  THR A N   1 
ATOM   148 C  CA  . THR A 1 32  ? 7.655   9.434   0.695   1.00 11.04 ? 32  THR A CA  1 
ATOM   149 C  C   . THR A 1 32  ? 6.341   10.197  0.826   1.00 11.31 ? 32  THR A C   1 
ATOM   150 O  O   . THR A 1 32  ? 5.537   10.205  -0.104  1.00 11.02 ? 32  THR A O   1 
ATOM   151 C  CB  . THR A 1 32  ? 8.547   10.150  -0.324  1.00 12.07 ? 32  THR A CB  1 
ATOM   152 O  OG1 . THR A 1 32  ? 9.755   9.398   -0.524  1.00 12.65 ? 32  THR A OG1 1 
ATOM   153 C  CG2 . THR A 1 32  ? 8.904   11.542  0.172   1.00 14.33 ? 32  THR A CG2 1 
ATOM   154 N  N   . ALA A 1 33  ? 6.118   10.816  1.985   1.00 12.54 ? 33  ALA A N   1 
ATOM   155 C  CA  . ALA A 1 33  ? 4.918   11.624  2.219   1.00 12.40 ? 33  ALA A CA  1 
ATOM   156 C  C   . ALA A 1 33  ? 5.167   13.086  1.892   1.00 13.83 ? 33  ALA A C   1 
ATOM   157 O  O   . ALA A 1 33  ? 6.160   13.655  2.322   1.00 17.08 ? 33  ALA A O   1 
ATOM   158 C  CB  . ALA A 1 33  ? 4.482   11.502  3.654   1.00 12.96 ? 33  ALA A CB  1 
ATOM   159 N  N   . GLY A 1 34  ? 4.265   13.706  1.144   1.00 14.09 ? 34  GLY A N   1 
ATOM   160 C  CA  . GLY A 1 34  ? 4.346   15.139  0.903   1.00 14.51 ? 34  GLY A CA  1 
ATOM   161 C  C   . GLY A 1 34  ? 3.607   15.881  2.003   1.00 17.88 ? 34  GLY A C   1 
ATOM   162 O  O   . GLY A 1 34  ? 2.789   15.282  2.721   1.00 17.09 ? 34  GLY A O   1 
ATOM   163 N  N   . ALA A 1 35  ? 3.886   17.173  2.157   1.00 17.86 ? 35  ALA A N   1 
ATOM   164 C  CA  . ALA A 1 35  ? 3.225   17.950  3.204   1.00 17.31 ? 35  ALA A CA  1 
ATOM   165 C  C   . ALA A 1 35  ? 1.767   18.219  2.839   1.00 20.69 ? 35  ALA A C   1 
ATOM   166 O  O   . ALA A 1 35  ? 0.926   18.413  3.717   1.00 20.29 ? 35  ALA A O   1 
ATOM   167 C  CB  . ALA A 1 35  ? 3.967   19.237  3.472   1.00 17.13 ? 35  ALA A CB  1 
ATOM   168 N  N   . ASP A 1 36  ? 1.465   18.219  1.543   1.00 20.67 ? 36  ASP A N   1 
ATOM   169 C  CA  . ASP A 1 36  ? 0.086   18.407  1.098   1.00 22.21 ? 36  ASP A CA  1 
ATOM   170 C  C   . ASP A 1 36  ? -0.775  17.146  1.284   1.00 21.67 ? 36  ASP A C   1 
ATOM   171 O  O   . ASP A 1 36  ? -2.006  17.209  1.232   1.00 23.72 ? 36  ASP A O   1 
ATOM   172 C  CB  . ASP A 1 36  ? 0.055   18.859  -0.363  1.00 24.48 ? 36  ASP A CB  1 
ATOM   173 C  CG  . ASP A 1 36  ? 0.641   17.824  -1.310  1.00 25.15 ? 36  ASP A CG  1 
ATOM   174 O  OD1 . ASP A 1 36  ? 1.671   17.196  -0.955  1.00 20.89 ? 36  ASP A OD1 1 
ATOM   175 O  OD2 . ASP A 1 36  ? 0.065   17.644  -2.415  1.00 26.30 ? 36  ASP A OD2 1 
ATOM   176 N  N   . GLY A 1 37  ? -0.134  16.001  1.494   1.00 18.30 ? 37  GLY A N   1 
ATOM   177 C  CA  . GLY A 1 37  ? -0.868  14.760  1.686   1.00 16.42 ? 37  GLY A CA  1 
ATOM   178 C  C   . GLY A 1 37  ? -0.622  13.736  0.596   1.00 14.59 ? 37  GLY A C   1 
ATOM   179 O  O   . GLY A 1 37  ? -1.399  12.790  0.430   1.00 14.23 ? 37  GLY A O   1 
ATOM   180 N  N   . ALA A 1 38  ? 0.464   13.920  -0.146  1.00 13.48 ? 38  ALA A N   1 
ATOM   181 C  CA  . ALA A 1 38  ? 0.798   13.030  -1.247  1.00 11.78 ? 38  ALA A CA  1 
ATOM   182 C  C   . ALA A 1 38  ? 1.657   11.870  -0.763  1.00 10.58 ? 38  ALA A C   1 
ATOM   183 O  O   . ALA A 1 38  ? 2.417   12.012  0.185   1.00 11.82 ? 38  ALA A O   1 
ATOM   184 C  CB  . ALA A 1 38  ? 1.515   13.801  -2.333  1.00 12.49 ? 38  ALA A CB  1 
ATOM   185 N  N   . LEU A 1 39  ? 1.525   10.722  -1.413  1.00 9.31  ? 39  LEU A N   1 
ATOM   186 C  CA  . LEU A 1 39  ? 2.355   9.563   -1.113  1.00 9.02  ? 39  LEU A CA  1 
ATOM   187 C  C   . LEU A 1 39  ? 2.906   9.018   -2.416  1.00 8.75  ? 39  LEU A C   1 
ATOM   188 O  O   . LEU A 1 39  ? 2.146   8.624   -3.294  1.00 10.45 ? 39  LEU A O   1 
ATOM   189 C  CB  . LEU A 1 39  ? 1.542   8.470   -0.424  1.00 8.65  ? 39  LEU A CB  1 
ATOM   190 C  CG  . LEU A 1 39  ? 1.096   8.709   1.017   1.00 9.75  ? 39  LEU A CG  1 
ATOM   191 C  CD1 . LEU A 1 39  ? 0.112   7.623   1.448   1.00 9.32  ? 39  LEU A CD1 1 
ATOM   192 C  CD2 . LEU A 1 39  ? 2.292   8.769   1.952   1.00 8.86  ? 39  LEU A CD2 1 
ATOM   193 N  N   . THR A 1 40  ? 4.222   9.000   -2.547  1.00 8.75  ? 40  THR A N   1 
ATOM   194 C  CA  . THR A 1 40  ? 4.853   8.462   -3.741  1.00 9.62  ? 40  THR A CA  1 
ATOM   195 C  C   . THR A 1 40  ? 5.923   7.489   -3.270  1.00 9.05  ? 40  THR A C   1 
ATOM   196 O  O   . THR A 1 40  ? 6.451   7.633   -2.165  1.00 9.07  ? 40  THR A O   1 
ATOM   197 C  CB  . THR A 1 40  ? 5.491   9.580   -4.614  1.00 6.67  ? 40  THR A CB  1 
ATOM   198 O  OG1 . THR A 1 40  ? 6.458   10.282  -3.839  0.50 8.79  ? 40  THR A OG1 1 
ATOM   199 C  CG2 . THR A 1 40  ? 4.450   10.572  -5.070  0.50 6.99  ? 40  THR A CG2 1 
ATOM   200 N  N   . GLY A 1 41  ? 6.231   6.501   -4.100  1.00 7.28  ? 41  GLY A N   1 
ATOM   201 C  CA  . GLY A 1 41  ? 7.271   5.550   -3.792  1.00 7.64  ? 41  GLY A CA  1 
ATOM   202 C  C   . GLY A 1 41  ? 7.172   4.345   -4.699  1.00 9.92  ? 41  GLY A C   1 
ATOM   203 O  O   . GLY A 1 41  ? 6.599   4.417   -5.786  1.00 9.25  ? 41  GLY A O   1 
ATOM   204 N  N   . THR A 1 42  ? 7.725   3.226   -4.239  1.00 11.38 ? 42  THR A N   1 
ATOM   205 C  CA  . THR A 1 42  ? 7.711   1.978   -4.997  1.00 10.70 ? 42  THR A CA  1 
ATOM   206 C  C   . THR A 1 42  ? 7.298   0.815   -4.098  1.00 10.84 ? 42  THR A C   1 
ATOM   207 O  O   . THR A 1 42  ? 7.488   0.875   -2.875  1.00 11.49 ? 42  THR A O   1 
ATOM   208 C  CB  . THR A 1 42  ? 9.096   1.685   -5.652  1.00 11.04 ? 42  THR A CB  1 
ATOM   209 O  OG1 . THR A 1 42  ? 10.133  1.775   -4.671  1.00 11.00 ? 42  THR A OG1 1 
ATOM   210 C  CG2 . THR A 1 42  ? 9.394   2.679   -6.757  1.00 10.26 ? 42  THR A CG2 1 
ATOM   211 N  N   . TYR A 1 43  ? 6.721   -0.226  -4.704  1.00 10.07 ? 43  TYR A N   1 
ATOM   212 C  CA  . TYR A 1 43  ? 6.343   -1.447  -3.991  1.00 10.30 ? 43  TYR A CA  1 
ATOM   213 C  C   . TYR A 1 43  ? 7.016   -2.659  -4.648  1.00 12.25 ? 43  TYR A C   1 
ATOM   214 O  O   . TYR A 1 43  ? 7.220   -2.690  -5.872  1.00 12.64 ? 43  TYR A O   1 
ATOM   215 C  CB  . TYR A 1 43  ? 4.816   -1.623  -4.019  1.00 10.60 ? 43  TYR A CB  1 
ATOM   216 C  CG  . TYR A 1 43  ? 4.243   -2.522  -2.933  1.00 10.59 ? 43  TYR A CG  1 
ATOM   217 C  CD1 . TYR A 1 43  ? 4.216   -3.908  -3.080  1.00 9.71  ? 43  TYR A CD1 1 
ATOM   218 C  CD2 . TYR A 1 43  ? 3.702   -1.978  -1.769  1.00 9.32  ? 43  TYR A CD2 1 
ATOM   219 C  CE1 . TYR A 1 43  ? 3.685   -4.723  -2.090  1.00 9.11  ? 43  TYR A CE1 1 
ATOM   220 C  CE2 . TYR A 1 43  ? 3.176   -2.779  -0.777  1.00 8.05  ? 43  TYR A CE2 1 
ATOM   221 C  CZ  . TYR A 1 43  ? 3.170   -4.149  -0.935  1.00 9.46  ? 43  TYR A CZ  1 
ATOM   222 O  OH  . TYR A 1 43  ? 2.640   -4.943  0.070   1.00 9.47  ? 43  TYR A OH  1 
ATOM   223 N  N   . GLU A 1 44  ? 7.373   -3.645  -3.831  1.00 11.37 ? 44  GLU A N   1 
ATOM   224 C  CA  . GLU A 1 44  ? 7.888   -4.917  -4.319  1.00 12.44 ? 44  GLU A CA  1 
ATOM   225 C  C   . GLU A 1 44  ? 7.189   -6.045  -3.558  1.00 14.23 ? 44  GLU A C   1 
ATOM   226 O  O   . GLU A 1 44  ? 7.428   -6.255  -2.358  1.00 13.85 ? 44  GLU A O   1 
ATOM   227 C  CB  . GLU A 1 44  ? 9.411   -4.996  -4.137  1.00 14.86 ? 44  GLU A CB  1 
ATOM   228 C  CG  . GLU A 1 44  ? 10.039  -6.369  -4.468  1.00 17.18 ? 44  GLU A CG  1 
ATOM   229 C  CD  . GLU A 1 44  ? 11.580  -6.335  -4.525  1.00 20.26 ? 44  GLU A CD  1 
ATOM   230 O  OE1 . GLU A 1 44  ? 12.186  -7.297  -5.055  1.00 17.53 ? 44  GLU A OE1 1 
ATOM   231 O  OE2 . GLU A 1 44  ? 12.185  -5.350  -4.039  1.00 20.24 ? 44  GLU A OE2 1 
ATOM   232 N  N   . SER A 1 45  ? 6.304   -6.759  -4.249  1.00 12.25 ? 45  SER A N   1 
ATOM   233 C  CA  . SER A 1 45  ? 5.617   -7.885  -3.635  1.00 12.37 ? 45  SER A CA  1 
ATOM   234 C  C   . SER A 1 45  ? 6.530   -9.101  -3.448  1.00 12.18 ? 45  SER A C   1 
ATOM   235 O  O   . SER A 1 45  ? 7.398   -9.365  -4.265  1.00 13.99 ? 45  SER A O   1 
ATOM   236 C  CB  . SER A 1 45  ? 4.402   -8.280  -4.466  1.00 11.73 ? 45  SER A CB  1 
ATOM   237 O  OG  . SER A 1 45  ? 3.762   -9.410  -3.899  1.00 11.75 ? 45  SER A OG  1 
ATOM   238 N  N   . ALA A 1 46  ? 6.331   -9.848  -2.374  1.00 11.94 ? 46  ALA A N   1 
ATOM   239 C  CA  . ALA A 1 46  ? 7.094   -11.070 -2.186  1.00 11.81 ? 46  ALA A CA  1 
ATOM   240 C  C   . ALA A 1 46  ? 6.327   -12.266 -2.716  1.00 12.88 ? 46  ALA A C   1 
ATOM   241 O  O   . ALA A 1 46  ? 6.848   -13.382 -2.726  1.00 14.29 ? 46  ALA A O   1 
ATOM   242 C  CB  . ALA A 1 46  ? 7.432   -11.267 -0.727  1.00 10.69 ? 46  ALA A CB  1 
ATOM   243 N  N   . VAL A 1 47  ? 5.082   -12.037 -3.134  1.00 12.12 ? 47  VAL A N   1 
ATOM   244 C  CA  . VAL A 1 47  ? 4.220   -13.115 -3.627  1.00 11.90 ? 47  VAL A CA  1 
ATOM   245 C  C   . VAL A 1 47  ? 3.499   -12.710 -4.904  1.00 12.56 ? 47  VAL A C   1 
ATOM   246 O  O   . VAL A 1 47  ? 3.378   -11.524 -5.216  1.00 12.31 ? 47  VAL A O   1 
ATOM   247 C  CB  . VAL A 1 47  ? 3.136   -13.516 -2.599  1.00 11.78 ? 47  VAL A CB  1 
ATOM   248 C  CG1 . VAL A 1 47  ? 3.761   -14.102 -1.347  1.00 11.15 ? 47  VAL A CG1 1 
ATOM   249 C  CG2 . VAL A 1 47  ? 2.245   -12.320 -2.265  1.00 11.39 ? 47  VAL A CG2 1 
ATOM   250 N  N   . GLY A 1 48  ? 3.012   -13.703 -5.633  1.00 13.25 ? 48  GLY A N   1 
ATOM   251 C  CA  . GLY A 1 48  ? 2.186   -13.455 -6.794  1.00 13.65 ? 48  GLY A CA  1 
ATOM   252 C  C   . GLY A 1 48  ? 3.004   -13.205 -8.040  1.00 16.81 ? 48  GLY A C   1 
ATOM   253 O  O   . GLY A 1 48  ? 4.219   -13.423 -8.062  1.00 15.91 ? 48  GLY A O   1 
ATOM   254 N  N   . ASN A 1 49  ? 2.327   -12.741 -9.086  1.00 18.31 ? 49  ASN A N   1 
ATOM   255 C  CA  . ASN A 1 49  ? 2.976   -12.468 -10.355 1.00 20.60 ? 49  ASN A CA  1 
ATOM   256 C  C   . ASN A 1 49  ? 3.606   -11.081 -10.343 1.00 20.83 ? 49  ASN A C   1 
ATOM   257 O  O   . ASN A 1 49  ? 3.085   -10.141 -10.954 1.00 22.92 ? 49  ASN A O   1 
ATOM   258 C  CB  . ASN A 1 49  ? 1.960   -12.605 -11.499 1.00 22.72 ? 49  ASN A CB  1 
ATOM   259 C  CG  . ASN A 1 49  ? 2.592   -12.458 -12.874 1.00 24.60 ? 49  ASN A CG  1 
ATOM   260 O  OD1 . ASN A 1 49  ? 3.793   -12.690 -13.052 1.00 25.93 ? 49  ASN A OD1 1 
ATOM   261 N  ND2 . ASN A 1 49  ? 1.782   -12.074 -13.856 1.00 23.66 ? 49  ASN A ND2 1 
ATOM   262 N  N   . ALA A 1 50  ? 4.725   -10.951 -9.641  1.00 18.45 ? 50  ALA A N   1 
ATOM   263 C  CA  . ALA A 1 50  ? 5.394   -9.664  -9.536  1.00 16.41 ? 50  ALA A CA  1 
ATOM   264 C  C   . ALA A 1 50  ? 6.905   -9.865  -9.540  1.00 18.84 ? 50  ALA A C   1 
ATOM   265 O  O   . ALA A 1 50  ? 7.388   -10.952 -9.237  1.00 19.78 ? 50  ALA A O   1 
ATOM   266 C  CB  . ALA A 1 50  ? 4.944   -8.948  -8.281  1.00 15.48 ? 50  ALA A CB  1 
ATOM   267 N  N   . GLU A 1 51  ? 7.655   -8.818  -9.869  1.00 18.38 ? 51  GLU A N   1 
ATOM   268 C  CA  . GLU A 1 51  ? 9.095   -8.950  -10.037 1.00 18.76 ? 51  GLU A CA  1 
ATOM   269 C  C   . GLU A 1 51  ? 9.710   -7.557  -9.980  1.00 17.62 ? 51  GLU A C   1 
ATOM   270 O  O   . GLU A 1 51  ? 9.360   -6.692  -10.787 1.00 18.47 ? 51  GLU A O   1 
ATOM   271 C  CB  . GLU A 1 51  ? 9.372   -9.618  -11.392 1.00 21.87 ? 51  GLU A CB  1 
ATOM   272 C  CG  . GLU A 1 51  ? 10.799  -10.039 -11.681 1.00 21.05 ? 51  GLU A CG  1 
ATOM   273 C  CD  . GLU A 1 51  ? 10.933  -10.632 -13.088 1.00 27.49 ? 51  GLU A CD  1 
ATOM   274 O  OE1 . GLU A 1 51  ? 12.055  -10.647 -13.639 1.00 30.20 ? 51  GLU A OE1 1 
ATOM   275 O  OE2 . GLU A 1 51  ? 9.910   -11.081 -13.653 1.00 26.45 ? 51  GLU A OE2 1 
ATOM   276 N  N   . SER A 1 52  ? 10.609  -7.349  -9.021  1.00 14.59 ? 52  SER A N   1 
ATOM   277 C  CA  . SER A 1 52  ? 11.229  -6.048  -8.755  1.00 14.96 ? 52  SER A CA  1 
ATOM   278 C  C   . SER A 1 52  ? 10.238  -4.985  -8.269  1.00 14.13 ? 52  SER A C   1 
ATOM   279 O  O   . SER A 1 52  ? 9.312   -5.300  -7.525  1.00 15.01 ? 52  SER A O   1 
ATOM   280 C  CB  . SER A 1 52  ? 12.043  -5.551  -9.952  1.00 16.64 ? 52  SER A CB  1 
ATOM   281 O  OG  . SER A 1 52  ? 12.809  -4.418  -9.588  1.00 17.82 ? 52  SER A OG  1 
ATOM   282 N  N   . ARG A 1 53  ? 10.427  -3.736  -8.684  1.00 13.22 ? 53  ARG A N   1 
ATOM   283 C  CA  . ARG A 1 53  ? 9.661   -2.625  -8.115  1.00 12.38 ? 53  ARG A CA  1 
ATOM   284 C  C   . ARG A 1 53  ? 8.504   -2.153  -8.986  1.00 12.08 ? 53  ARG A C   1 
ATOM   285 O  O   . ARG A 1 53  ? 8.546   -2.250  -10.212 1.00 12.89 ? 53  ARG A O   1 
ATOM   286 C  CB  . ARG A 1 53  ? 10.572  -1.429  -7.823  1.00 13.56 ? 53  ARG A CB  1 
ATOM   287 C  CG  . ARG A 1 53  ? 11.661  -1.676  -6.793  1.00 13.54 ? 53  ARG A CG  1 
ATOM   288 C  CD  . ARG A 1 53  ? 12.548  -0.464  -6.640  1.00 14.45 ? 53  ARG A CD  1 
ATOM   289 N  NE  . ARG A 1 53  ? 13.814  -0.808  -5.996  0.50 15.79 ? 53  ARG A NE  1 
ATOM   290 C  CZ  . ARG A 1 53  ? 14.883  -1.252  -6.649  0.50 15.65 ? 53  ARG A CZ  1 
ATOM   291 N  NH1 . ARG A 1 53  ? 15.988  -1.544  -5.986  0.50 15.94 ? 53  ARG A NH1 1 
ATOM   292 N  NH2 . ARG A 1 53  ? 14.844  -1.402  -7.968  0.50 16.11 ? 53  ARG A NH2 1 
ATOM   293 N  N   . TYR A 1 54  ? 7.470   -1.629  -8.342  1.00 11.70 ? 54  TYR A N   1 
ATOM   294 C  CA  . TYR A 1 54  ? 6.353   -1.028  -9.060  1.00 11.56 ? 54  TYR A CA  1 
ATOM   295 C  C   . TYR A 1 54  ? 6.079   0.320   -8.435  1.00 9.97  ? 54  TYR A C   1 
ATOM   296 O  O   . TYR A 1 54  ? 6.197   0.482   -7.228  1.00 10.17 ? 54  TYR A O   1 
ATOM   297 C  CB  . TYR A 1 54  ? 5.094   -1.909  -8.974  1.00 10.24 ? 54  TYR A CB  1 
ATOM   298 C  CG  . TYR A 1 54  ? 5.291   -3.265  -9.596  1.00 10.41 ? 54  TYR A CG  1 
ATOM   299 C  CD1 . TYR A 1 54  ? 4.807   -3.543  -10.864 1.00 10.18 ? 54  TYR A CD1 1 
ATOM   300 C  CD2 . TYR A 1 54  ? 5.988   -4.258  -8.927  1.00 10.27 ? 54  TYR A CD2 1 
ATOM   301 C  CE1 . TYR A 1 54  ? 5.006   -4.772  -11.440 1.00 11.35 ? 54  TYR A CE1 1 
ATOM   302 C  CE2 . TYR A 1 54  ? 6.195   -5.487  -9.494  1.00 11.11 ? 54  TYR A CE2 1 
ATOM   303 C  CZ  . TYR A 1 54  ? 5.705   -5.742  -10.748 1.00 12.73 ? 54  TYR A CZ  1 
ATOM   304 O  OH  . TYR A 1 54  ? 5.909   -6.980  -11.309 1.00 15.49 ? 54  TYR A OH  1 
ATOM   305 N  N   . VAL A 1 55  ? 5.725   1.287   -9.264  1.00 9.14  ? 55  VAL A N   1 
ATOM   306 C  CA  . VAL A 1 55  ? 5.357   2.599   -8.776  1.00 10.02 ? 55  VAL A CA  1 
ATOM   307 C  C   . VAL A 1 55  ? 4.145   2.500   -7.852  1.00 10.79 ? 55  VAL A C   1 
ATOM   308 O  O   . VAL A 1 55  ? 3.244   1.687   -8.083  1.00 10.44 ? 55  VAL A O   1 
ATOM   309 C  CB  . VAL A 1 55  ? 4.993   3.514   -9.939  1.00 9.90  ? 55  VAL A CB  1 
ATOM   310 C  CG1 . VAL A 1 55  ? 4.675   4.912   -9.432  1.00 8.43  ? 55  VAL A CG1 1 
ATOM   311 C  CG2 . VAL A 1 55  ? 6.130   3.540   -10.949 1.00 8.27  ? 55  VAL A CG2 1 
ATOM   312 N  N   . LEU A 1 56  ? 4.134   3.298   -6.788  1.00 10.09 ? 56  LEU A N   1 
ATOM   313 C  CA  . LEU A 1 56  ? 2.902   3.484   -6.035  1.00 9.60  ? 56  LEU A CA  1 
ATOM   314 C  C   . LEU A 1 56  ? 2.635   4.962   -5.838  1.00 9.83  ? 56  LEU A C   1 
ATOM   315 O  O   . LEU A 1 56  ? 3.551   5.787   -5.881  1.00 11.13 ? 56  LEU A O   1 
ATOM   316 C  CB  . LEU A 1 56  ? 2.930   2.756   -4.702  1.00 8.84  ? 56  LEU A CB  1 
ATOM   317 C  CG  . LEU A 1 56  ? 3.767   3.333   -3.571  1.00 9.40  ? 56  LEU A CG  1 
ATOM   318 C  CD1 . LEU A 1 56  ? 3.016   4.363   -2.707  1.00 8.02  ? 56  LEU A CD1 1 
ATOM   319 C  CD2 . LEU A 1 56  ? 4.213   2.162   -2.750  1.00 9.98  ? 56  LEU A CD2 1 
ATOM   320 N  N   . THR A 1 57  ? 1.372   5.292   -5.627  1.00 8.04  ? 57  THR A N   1 
ATOM   321 C  CA  . THR A 1 57  ? 0.971   6.672   -5.472  1.00 8.18  ? 57  THR A CA  1 
ATOM   322 C  C   . THR A 1 57  ? -0.218  6.640   -4.540  1.00 7.41  ? 57  THR A C   1 
ATOM   323 O  O   . THR A 1 57  ? -0.938  5.644   -4.510  1.00 7.61  ? 57  THR A O   1 
ATOM   324 C  CB  . THR A 1 57  ? 0.610   7.291   -6.842  1.00 8.81  ? 57  THR A CB  1 
ATOM   325 O  OG1 . THR A 1 57  ? 0.053   8.598   -6.659  1.00 9.42  ? 57  THR A OG1 1 
ATOM   326 C  CG2 . THR A 1 57  ? -0.394  6.442   -7.553  1.00 8.05  ? 57  THR A CG2 1 
ATOM   327 N  N   . GLY A 1 58  ? -0.425  7.690   -3.758  1.00 7.24  ? 58  GLY A N   1 
ATOM   328 C  CA  . GLY A 1 58  ? -1.542  7.670   -2.835  1.00 7.25  ? 58  GLY A CA  1 
ATOM   329 C  C   . GLY A 1 58  ? -1.783  8.964   -2.101  1.00 7.78  ? 58  GLY A C   1 
ATOM   330 O  O   . GLY A 1 58  ? -1.162  9.984   -2.387  1.00 7.74  ? 58  GLY A O   1 
ATOM   331 N  N   . ARG A 1 59  ? -2.705  8.917   -1.145  1.00 8.80  ? 59  ARG A N   1 
ATOM   332 C  CA  . ARG A 1 59  ? -3.037  10.081  -0.333  1.00 9.45  ? 59  ARG A CA  1 
ATOM   333 C  C   . ARG A 1 59  ? -3.051  9.706   1.144   1.00 9.76  ? 59  ARG A C   1 
ATOM   334 O  O   . ARG A 1 59  ? -3.308  8.561   1.496   1.00 9.20  ? 59  ARG A O   1 
ATOM   335 C  CB  . ARG A 1 59  ? -4.407  10.625  -0.730  1.00 9.13  ? 59  ARG A CB  1 
ATOM   336 C  CG  . ARG A 1 59  ? -4.536  10.955  -2.204  1.00 9.91  ? 59  ARG A CG  1 
ATOM   337 C  CD  . ARG A 1 59  ? -3.619  12.079  -2.578  1.00 8.69  ? 59  ARG A CD  1 
ATOM   338 N  NE  . ARG A 1 59  ? -3.923  13.262  -1.792  1.00 10.32 ? 59  ARG A NE  1 
ATOM   339 C  CZ  . ARG A 1 59  ? -3.186  14.366  -1.795  1.00 13.89 ? 59  ARG A CZ  1 
ATOM   340 N  NH1 . ARG A 1 59  ? -2.089  14.442  -2.545  1.00 12.38 ? 59  ARG A NH1 1 
ATOM   341 N  NH2 . ARG A 1 59  ? -3.547  15.397  -1.043  1.00 15.90 ? 59  ARG A NH2 1 
ATOM   342 N  N   . TYR A 1 60  ? -2.773  10.676  2.005   1.00 10.74 ? 60  TYR A N   1 
ATOM   343 C  CA  . TYR A 1 60  ? -2.904  10.462  3.432   1.00 10.68 ? 60  TYR A CA  1 
ATOM   344 C  C   . TYR A 1 60  ? -3.430  11.724  4.072   1.00 10.96 ? 60  TYR A C   1 
ATOM   345 O  O   . TYR A 1 60  ? -3.227  12.804  3.549   1.00 12.21 ? 60  TYR A O   1 
ATOM   346 C  CB  . TYR A 1 60  ? -1.566  10.037  4.039   1.00 12.35 ? 60  TYR A CB  1 
ATOM   347 C  CG  . TYR A 1 60  ? -0.589  11.149  4.295   1.00 11.82 ? 60  TYR A CG  1 
ATOM   348 C  CD1 . TYR A 1 60  ? 0.270   11.582  3.306   1.00 11.86 ? 60  TYR A CD1 1 
ATOM   349 C  CD2 . TYR A 1 60  ? -0.510  11.745  5.539   1.00 13.42 ? 60  TYR A CD2 1 
ATOM   350 C  CE1 . TYR A 1 60  ? 1.163   12.590  3.540   1.00 13.82 ? 60  TYR A CE1 1 
ATOM   351 C  CE2 . TYR A 1 60  ? 0.382   12.759  5.785   1.00 16.83 ? 60  TYR A CE2 1 
ATOM   352 C  CZ  . TYR A 1 60  ? 1.221   13.179  4.784   1.00 15.67 ? 60  TYR A CZ  1 
ATOM   353 O  OH  . TYR A 1 60  ? 2.118   14.192  5.030   1.00 15.67 ? 60  TYR A OH  1 
ATOM   354 N  N   . ASP A 1 61  ? -4.137  11.581  5.184   1.00 12.24 ? 61  ASP A N   1 
ATOM   355 C  CA  . ASP A 1 61  ? -4.671  12.734  5.900   1.00 14.26 ? 61  ASP A CA  1 
ATOM   356 C  C   . ASP A 1 61  ? -3.502  13.458  6.523   1.00 16.79 ? 61  ASP A C   1 
ATOM   357 O  O   . ASP A 1 61  ? -2.860  12.942  7.434   1.00 19.29 ? 61  ASP A O   1 
ATOM   358 C  CB  . ASP A 1 61  ? -5.683  12.287  6.972   1.00 15.45 ? 61  ASP A CB  1 
ATOM   359 C  CG  . ASP A 1 61  ? -6.090  13.419  7.930   1.00 18.19 ? 61  ASP A CG  1 
ATOM   360 O  OD1 . ASP A 1 61  ? -5.785  14.600  7.661   1.00 18.16 ? 61  ASP A OD1 1 
ATOM   361 O  OD2 . ASP A 1 61  ? -6.729  13.122  8.967   1.00 18.86 ? 61  ASP A OD2 1 
ATOM   362 N  N   . SER A 1 62  ? -3.219  14.656  6.036   1.00 18.15 ? 62  SER A N   1 
ATOM   363 C  CA  . SER A 1 62  ? -2.045  15.391  6.494   1.00 18.79 ? 62  SER A CA  1 
ATOM   364 C  C   . SER A 1 62  ? -2.309  16.255  7.727   1.00 21.37 ? 62  SER A C   1 
ATOM   365 O  O   . SER A 1 62  ? -1.517  17.139  8.038   1.00 25.87 ? 62  SER A O   1 
ATOM   366 C  CB  . SER A 1 62  ? -1.488  16.252  5.366   1.00 17.09 ? 62  SER A CB  1 
ATOM   367 O  OG  . SER A 1 62  ? -2.518  17.038  4.797   1.00 20.85 ? 62  SER A OG  1 
ATOM   368 N  N   . ALA A 1 63  ? -3.414  16.003  8.423   1.00 20.41 ? 63  ALA A N   1 
ATOM   369 C  CA  . ALA A 1 63  ? -3.693  16.667  9.699   1.00 20.68 ? 63  ALA A CA  1 
ATOM   370 C  C   . ALA A 1 63  ? -4.626  15.790  10.524  1.00 22.95 ? 63  ALA A C   1 
ATOM   371 O  O   . ALA A 1 63  ? -5.825  16.058  10.611  1.00 23.32 ? 63  ALA A O   1 
ATOM   372 C  CB  . ALA A 1 63  ? -4.312  18.034  9.471   1.00 18.42 ? 63  ALA A CB  1 
ATOM   373 N  N   . PRO A 1 64  ? -4.077  14.723  11.127  1.00 26.21 ? 64  PRO A N   1 
ATOM   374 C  CA  . PRO A 1 64  ? -4.915  13.755  11.854  1.00 27.31 ? 64  PRO A CA  1 
ATOM   375 C  C   . PRO A 1 64  ? -5.494  14.321  13.143  1.00 29.08 ? 64  PRO A C   1 
ATOM   376 O  O   . PRO A 1 64  ? -4.888  15.197  13.761  1.00 29.94 ? 64  PRO A O   1 
ATOM   377 C  CB  . PRO A 1 64  ? -3.949  12.605  12.162  1.00 25.19 ? 64  PRO A CB  1 
ATOM   378 C  CG  . PRO A 1 64  ? -2.582  13.212  12.091  1.00 27.26 ? 64  PRO A CG  1 
ATOM   379 C  CD  . PRO A 1 64  ? -2.659  14.314  11.073  1.00 24.87 ? 64  PRO A CD  1 
ATOM   380 N  N   . ALA A 1 65  ? -6.672  13.835  13.528  1.00 30.43 ? 65  ALA A N   1 
ATOM   381 C  CA  . ALA A 1 65  ? -7.283  14.235  14.792  1.00 32.22 ? 65  ALA A CA  1 
ATOM   382 C  C   . ALA A 1 65  ? -6.341  13.983  15.983  1.00 39.98 ? 65  ALA A C   1 
ATOM   383 O  O   . ALA A 1 65  ? -5.878  12.857  16.206  1.00 39.81 ? 65  ALA A O   1 
ATOM   384 C  CB  . ALA A 1 65  ? -8.610  13.512  14.992  1.00 27.38 ? 65  ALA A CB  1 
ATOM   385 N  N   . THR A 1 66  ? -6.054  15.047  16.733  1.00 44.40 ? 66  THR A N   1 
ATOM   386 C  CA  . THR A 1 66  ? -5.293  14.949  17.979  1.00 42.39 ? 66  THR A CA  1 
ATOM   387 C  C   . THR A 1 66  ? -6.180  14.351  19.078  1.00 41.10 ? 66  THR A C   1 
ATOM   388 O  O   . THR A 1 66  ? -6.847  15.084  19.817  1.00 47.10 ? 66  THR A O   1 
ATOM   389 C  CB  . THR A 1 66  ? -4.759  16.341  18.429  1.00 40.73 ? 66  THR A CB  1 
ATOM   390 O  OG1 . THR A 1 66  ? -5.831  17.128  18.970  1.00 45.63 ? 66  THR A OG1 1 
ATOM   391 C  CG2 . THR A 1 66  ? -4.144  17.088  17.252  1.00 37.91 ? 66  THR A CG2 1 
ATOM   392 N  N   . ASP A 1 67  ? -6.197  13.026  19.171  1.00 36.73 ? 67  ASP A N   1 
ATOM   393 C  CA  . ASP A 1 67  ? -7.002  12.327  20.175  1.00 37.24 ? 67  ASP A CA  1 
ATOM   394 C  C   . ASP A 1 67  ? -6.512  10.891  20.299  1.00 37.07 ? 67  ASP A C   1 
ATOM   395 O  O   . ASP A 1 67  ? -7.176  10.036  20.897  1.00 35.11 ? 67  ASP A O   1 
ATOM   396 C  CB  . ASP A 1 67  ? -8.489  12.346  19.796  1.00 36.64 ? 67  ASP A CB  1 
ATOM   397 C  CG  . ASP A 1 67  ? -8.775  11.602  18.499  1.00 35.77 ? 67  ASP A CG  1 
ATOM   398 O  OD1 . ASP A 1 67  ? -7.851  11.433  17.678  1.00 35.58 ? 67  ASP A OD1 1 
ATOM   399 O  OD2 . ASP A 1 67  ? -9.933  11.194  18.290  1.00 37.30 ? 67  ASP A OD2 1 
ATOM   400 N  N   . GLY A 1 68  ? -5.344  10.637  19.712  1.00 35.14 ? 68  GLY A N   1 
ATOM   401 C  CA  . GLY A 1 68  ? -4.759  9.309   19.689  1.00 35.10 ? 68  GLY A CA  1 
ATOM   402 C  C   . GLY A 1 68  ? -5.313  8.416   18.590  1.00 35.10 ? 68  GLY A C   1 
ATOM   403 O  O   . GLY A 1 68  ? -5.185  7.193   18.665  1.00 34.35 ? 68  GLY A O   1 
ATOM   404 N  N   . SER A 1 69  ? -5.937  9.020   17.579  1.00 34.20 ? 69  SER A N   1 
ATOM   405 C  CA  . SER A 1 69  ? -6.460  8.276   16.438  1.00 26.81 ? 69  SER A CA  1 
ATOM   406 C  C   . SER A 1 69  ? -5.370  8.035   15.405  1.00 25.52 ? 69  SER A C   1 
ATOM   407 O  O   . SER A 1 69  ? -4.414  8.803   15.313  1.00 27.70 ? 69  SER A O   1 
ATOM   408 C  CB  . SER A 1 69  ? -7.595  9.046   15.774  1.00 25.80 ? 69  SER A CB  1 
ATOM   409 O  OG  . SER A 1 69  ? -8.799  8.905   16.497  1.00 29.96 ? 69  SER A OG  1 
ATOM   410 N  N   . GLY A 1 70  ? -5.520  6.971   14.622  1.00 21.33 ? 70  GLY A N   1 
ATOM   411 C  CA  . GLY A 1 70  ? -4.603  6.714   13.531  1.00 19.43 ? 70  GLY A CA  1 
ATOM   412 C  C   . GLY A 1 70  ? -4.763  7.750   12.443  1.00 18.65 ? 70  GLY A C   1 
ATOM   413 O  O   . GLY A 1 70  ? -5.716  8.527   12.450  1.00 18.62 ? 70  GLY A O   1 
ATOM   414 N  N   . THR A 1 71  ? -3.822  7.763   11.507  1.00 18.21 ? 71  THR A N   1 
ATOM   415 C  CA  . THR A 1 71  ? -3.865  8.678   10.378  1.00 16.09 ? 71  THR A CA  1 
ATOM   416 C  C   . THR A 1 71  ? -4.315  7.910   9.148   1.00 14.30 ? 71  THR A C   1 
ATOM   417 O  O   . THR A 1 71  ? -3.619  7.001   8.706   1.00 13.65 ? 71  THR A O   1 
ATOM   418 C  CB  . THR A 1 71  ? -2.471  9.257   10.115  1.00 17.66 ? 71  THR A CB  1 
ATOM   419 O  OG1 . THR A 1 71  ? -2.083  10.063  11.231  1.00 20.73 ? 71  THR A OG1 1 
ATOM   420 C  CG2 . THR A 1 71  ? -2.466  10.104  8.847   1.00 17.30 ? 71  THR A CG2 1 
ATOM   421 N  N   . ALA A 1 72  ? -5.476  8.261   8.596   1.00 14.08 ? 72  ALA A N   1 
ATOM   422 C  CA  . ALA A 1 72  ? -6.000  7.538   7.435   1.00 10.87 ? 72  ALA A CA  1 
ATOM   423 C  C   . ALA A 1 72  ? -5.135  7.774   6.215   1.00 9.65  ? 72  ALA A C   1 
ATOM   424 O  O   . ALA A 1 72  ? -4.579  8.852   6.044   1.00 11.35 ? 72  ALA A O   1 
ATOM   425 C  CB  . ALA A 1 72  ? -7.411  7.940   7.158   1.00 12.12 ? 72  ALA A CB  1 
ATOM   426 N  N   . LEU A 1 73  ? -5.019  6.759   5.371   1.00 8.26  ? 73  LEU A N   1 
ATOM   427 C  CA  . LEU A 1 73  ? -4.170  6.849   4.189   1.00 8.82  ? 73  LEU A CA  1 
ATOM   428 C  C   . LEU A 1 73  ? -4.501  5.738   3.200   1.00 8.33  ? 73  LEU A C   1 
ATOM   429 O  O   . LEU A 1 73  ? -5.105  4.726   3.570   1.00 9.23  ? 73  LEU A O   1 
ATOM   430 C  CB  . LEU A 1 73  ? -2.683  6.803   4.591   1.00 8.96  ? 73  LEU A CB  1 
ATOM   431 C  CG  . LEU A 1 73  ? -1.940  5.475   4.777   1.00 8.86  ? 73  LEU A CG  1 
ATOM   432 C  CD1 . LEU A 1 73  ? -0.598  5.687   5.467   1.00 9.23  ? 73  LEU A CD1 1 
ATOM   433 C  CD2 . LEU A 1 73  ? -2.752  4.483   5.562   1.00 9.86  ? 73  LEU A CD2 1 
ATOM   434 N  N   . GLY A 1 74  ? -4.100  5.910   1.948   1.00 6.22  ? 74  GLY A N   1 
ATOM   435 C  CA  . GLY A 1 74  ? -4.295  4.862   0.974   1.00 6.12  ? 74  GLY A CA  1 
ATOM   436 C  C   . GLY A 1 74  ? -3.296  4.975   -0.147  1.00 6.81  ? 74  GLY A C   1 
ATOM   437 O  O   . GLY A 1 74  ? -2.745  6.051   -0.371  1.00 7.42  ? 74  GLY A O   1 
ATOM   438 N  N   . TRP A 1 75  ? -3.060  3.871   -0.849  1.00 6.58  ? 75  TRP A N   1 
ATOM   439 C  CA  . TRP A 1 75  ? -2.235  3.900   -2.054  1.00 6.46  ? 75  TRP A CA  1 
ATOM   440 C  C   . TRP A 1 75  ? -2.629  2.801   -3.046  1.00 6.61  ? 75  TRP A C   1 
ATOM   441 O  O   . TRP A 1 75  ? -3.400  1.884   -2.719  1.00 6.18  ? 75  TRP A O   1 
ATOM   442 C  CB  . TRP A 1 75  ? -0.739  3.830   -1.713  1.00 5.96  ? 75  TRP A CB  1 
ATOM   443 C  CG  . TRP A 1 75  ? -0.296  2.513   -1.178  1.00 6.38  ? 75  TRP A CG  1 
ATOM   444 C  CD1 . TRP A 1 75  ? 0.176   1.448   -1.897  1.00 6.48  ? 75  TRP A CD1 1 
ATOM   445 C  CD2 . TRP A 1 75  ? -0.257  2.115   0.201   1.00 6.50  ? 75  TRP A CD2 1 
ATOM   446 N  NE1 . TRP A 1 75  ? 0.505   0.415   -1.048  1.00 6.54  ? 75  TRP A NE1 1 
ATOM   447 C  CE2 . TRP A 1 75  ? 0.249   0.797   0.244   1.00 6.51  ? 75  TRP A CE2 1 
ATOM   448 C  CE3 . TRP A 1 75  ? -0.597  2.745   1.400   1.00 6.40  ? 75  TRP A CE3 1 
ATOM   449 C  CZ2 . TRP A 1 75  ? 0.400   0.094   1.437   1.00 6.32  ? 75  TRP A CZ2 1 
ATOM   450 C  CZ3 . TRP A 1 75  ? -0.431  2.056   2.583   1.00 6.56  ? 75  TRP A CZ3 1 
ATOM   451 C  CH2 . TRP A 1 75  ? 0.052   0.740   2.595   1.00 6.79  ? 75  TRP A CH2 1 
ATOM   452 N  N   . THR A 1 76  ? -2.093  2.916   -4.259  1.00 6.23  ? 76  THR A N   1 
ATOM   453 C  CA  . THR A 1 76  ? -2.411  2.007   -5.355  1.00 6.75  ? 76  THR A CA  1 
ATOM   454 C  C   . THR A 1 76  ? -1.134  1.551   -6.047  1.00 7.17  ? 76  THR A C   1 
ATOM   455 O  O   . THR A 1 76  ? -0.167  2.309   -6.151  1.00 8.25  ? 76  THR A O   1 
ATOM   456 C  CB  . THR A 1 76  ? -3.282  2.716   -6.399  1.00 6.93  ? 76  THR A CB  1 
ATOM   457 O  OG1 . THR A 1 76  ? -4.400  3.341   -5.746  1.00 6.10  ? 76  THR A OG1 1 
ATOM   458 C  CG2 . THR A 1 76  ? -3.783  1.734   -7.450  1.00 6.68  ? 76  THR A CG2 1 
ATOM   459 N  N   . VAL A 1 77  ? -1.119  0.303   -6.497  1.00 7.33  ? 77  VAL A N   1 
ATOM   460 C  CA  . VAL A 1 77  ? -0.063  -0.179  -7.378  1.00 7.47  ? 77  VAL A CA  1 
ATOM   461 C  C   . VAL A 1 77  ? -0.716  -0.832  -8.571  1.00 8.46  ? 77  VAL A C   1 
ATOM   462 O  O   . VAL A 1 77  ? -1.539  -1.725  -8.416  1.00 10.00 ? 77  VAL A O   1 
ATOM   463 C  CB  . VAL A 1 77  ? 0.832   -1.216  -6.698  1.00 7.60  ? 77  VAL A CB  1 
ATOM   464 C  CG1 . VAL A 1 77  ? 1.713   -1.915  -7.729  1.00 7.97  ? 77  VAL A CG1 1 
ATOM   465 C  CG2 . VAL A 1 77  ? 1.674   -0.561  -5.626  1.00 7.76  ? 77  VAL A CG2 1 
ATOM   466 N  N   . ALA A 1 78  ? -0.386  -0.377  -9.771  1.00 9.65  ? 78  ALA A N   1 
ATOM   467 C  CA  . ALA A 1 78  ? -0.735  -1.157  -10.960 1.00 10.11 ? 78  ALA A CA  1 
ATOM   468 C  C   . ALA A 1 78  ? 0.397   -2.137  -11.233 1.00 9.52  ? 78  ALA A C   1 
ATOM   469 O  O   . ALA A 1 78  ? 1.543   -1.731  -11.398 1.00 10.08 ? 78  ALA A O   1 
ATOM   470 C  CB  . ALA A 1 78  ? -0.993  -0.248  -12.176 1.00 9.29  ? 78  ALA A CB  1 
ATOM   471 N  N   . TRP A 1 79  ? 0.077   -3.423  -11.289 1.00 9.88  ? 79  TRP A N   1 
ATOM   472 C  CA  . TRP A 1 79  ? 1.100   -4.462  -11.377 1.00 10.69 ? 79  TRP A CA  1 
ATOM   473 C  C   . TRP A 1 79  ? 1.781   -4.562  -12.733 1.00 11.68 ? 79  TRP A C   1 
ATOM   474 O  O   . TRP A 1 79  ? 2.002   -5.662  -13.249 1.00 13.88 ? 79  TRP A O   1 
ATOM   475 C  CB  . TRP A 1 79  ? 0.529   -5.805  -10.906 1.00 11.22 ? 79  TRP A CB  1 
ATOM   476 C  CG  . TRP A 1 79  ? 0.260   -5.716  -9.457  1.00 11.53 ? 79  TRP A CG  1 
ATOM   477 C  CD1 . TRP A 1 79  ? -0.955  -5.597  -8.841  1.00 10.07 ? 79  TRP A CD1 1 
ATOM   478 C  CD2 . TRP A 1 79  ? 1.244   -5.619  -8.429  1.00 10.99 ? 79  TRP A CD2 1 
ATOM   479 N  NE1 . TRP A 1 79  ? -0.781  -5.470  -7.485  1.00 8.14  ? 79  TRP A NE1 1 
ATOM   480 C  CE2 . TRP A 1 79  ? 0.559   -5.481  -7.207  1.00 9.38  ? 79  TRP A CE2 1 
ATOM   481 C  CE3 . TRP A 1 79  ? 2.643   -5.658  -8.423  1.00 10.81 ? 79  TRP A CE3 1 
ATOM   482 C  CZ2 . TRP A 1 79  ? 1.229   -5.388  -5.987  1.00 9.57  ? 79  TRP A CZ2 1 
ATOM   483 C  CZ3 . TRP A 1 79  ? 3.309   -5.558  -7.213  1.00 9.50  ? 79  TRP A CZ3 1 
ATOM   484 C  CH2 . TRP A 1 79  ? 2.600   -5.426  -6.011  1.00 10.05 ? 79  TRP A CH2 1 
ATOM   485 N  N   . LYS A 1 80  ? 2.128   -3.408  -13.291 1.00 11.57 ? 80  LYS A N   1 
ATOM   486 C  CA  . LYS A 1 80  ? 2.881   -3.340  -14.539 1.00 13.14 ? 80  LYS A CA  1 
ATOM   487 C  C   . LYS A 1 80  ? 4.170   -2.543  -14.366 1.00 12.81 ? 80  LYS A C   1 
ATOM   488 O  O   . LYS A 1 80  ? 4.156   -1.400  -13.876 1.00 11.61 ? 80  LYS A O   1 
ATOM   489 C  CB  . LYS A 1 80  ? 2.032   -2.713  -15.644 1.00 13.63 ? 80  LYS A CB  1 
ATOM   490 C  CG  . LYS A 1 80  ? 2.799   -2.368  -16.905 1.00 13.66 ? 80  LYS A CG  1 
ATOM   491 C  CD  . LYS A 1 80  ? 1.841   -1.953  -18.014 1.00 17.40 ? 80  LYS A CD  1 
ATOM   492 C  CE  . LYS A 1 80  ? 2.585   -1.458  -19.254 1.00 19.28 ? 80  LYS A CE  1 
ATOM   493 N  NZ  . LYS A 1 80  ? 3.425   -0.280  -18.951 1.00 19.86 ? 80  LYS A NZ  1 
ATOM   494 N  N   . ASN A 1 81  ? 5.282   -3.166  -14.741 1.00 11.78 ? 81  ASN A N   1 
ATOM   495 C  CA  . ASN A 1 81  ? 6.559   -2.475  -14.833 1.00 12.59 ? 81  ASN A CA  1 
ATOM   496 C  C   . ASN A 1 81  ? 7.372   -3.030  -16.000 1.00 14.97 ? 81  ASN A C   1 
ATOM   497 O  O   . ASN A 1 81  ? 6.841   -3.723  -16.854 1.00 15.11 ? 81  ASN A O   1 
ATOM   498 C  CB  . ASN A 1 81  ? 7.338   -2.539  -13.507 1.00 13.30 ? 81  ASN A CB  1 
ATOM   499 C  CG  . ASN A 1 81  ? 7.798   -3.951  -13.143 1.00 14.69 ? 81  ASN A CG  1 
ATOM   500 O  OD1 . ASN A 1 81  ? 7.764   -4.877  -13.960 1.00 14.93 ? 81  ASN A OD1 1 
ATOM   501 N  ND2 . ASN A 1 81  ? 8.250   -4.112  -11.901 1.00 13.72 ? 81  ASN A ND2 1 
ATOM   502 N  N   . ASN A 1 82  ? 8.670   -2.762  -16.022 1.00 19.73 ? 82  ASN A N   1 
ATOM   503 C  CA  . ASN A 1 82  ? 9.506   -3.225  -17.129 1.00 19.97 ? 82  ASN A CA  1 
ATOM   504 C  C   . ASN A 1 82  ? 9.638   -4.747  -17.302 1.00 21.39 ? 82  ASN A C   1 
ATOM   505 O  O   . ASN A 1 82  ? 9.936   -5.224  -18.397 1.00 23.45 ? 82  ASN A O   1 
ATOM   506 C  CB  . ASN A 1 82  ? 10.876  -2.558  -17.059 1.00 21.36 ? 82  ASN A CB  1 
ATOM   507 C  CG  . ASN A 1 82  ? 10.828  -1.113  -17.514 1.00 23.90 ? 82  ASN A CG  1 
ATOM   508 O  OD1 . ASN A 1 82  ? 9.834   -0.675  -18.104 1.00 21.87 ? 82  ASN A OD1 1 
ATOM   509 N  ND2 . ASN A 1 82  ? 11.899  -0.368  -17.253 1.00 19.86 ? 82  ASN A ND2 1 
ATOM   510 N  N   . TYR A 1 83  ? 9.388   -5.505  -16.241 1.00 18.86 ? 83  TYR A N   1 
ATOM   511 C  CA  . TYR A 1 83  ? 9.591   -6.945  -16.293 1.00 19.41 ? 83  TYR A CA  1 
ATOM   512 C  C   . TYR A 1 83  ? 8.316   -7.730  -16.587 1.00 18.24 ? 83  TYR A C   1 
ATOM   513 O  O   . TYR A 1 83  ? 8.334   -8.668  -17.384 1.00 17.63 ? 83  TYR A O   1 
ATOM   514 C  CB  . TYR A 1 83  ? 10.230  -7.439  -14.989 1.00 21.73 ? 83  TYR A CB  1 
ATOM   515 C  CG  . TYR A 1 83  ? 11.545  -6.760  -14.659 1.00 25.56 ? 83  TYR A CG  1 
ATOM   516 C  CD1 . TYR A 1 83  ? 12.755  -7.390  -14.905 1.00 26.79 ? 83  TYR A CD1 1 
ATOM   517 C  CD2 . TYR A 1 83  ? 11.574  -5.482  -14.098 1.00 28.15 ? 83  TYR A CD2 1 
ATOM   518 C  CE1 . TYR A 1 83  ? 13.966  -6.766  -14.602 1.00 31.79 ? 83  TYR A CE1 1 
ATOM   519 C  CE2 . TYR A 1 83  ? 12.778  -4.850  -13.794 1.00 29.54 ? 83  TYR A CE2 1 
ATOM   520 C  CZ  . TYR A 1 83  ? 13.972  -5.496  -14.050 1.00 33.28 ? 83  TYR A CZ  1 
ATOM   521 O  OH  . TYR A 1 83  ? 15.170  -4.874  -13.751 1.00 32.04 ? 83  TYR A OH  1 
ATOM   522 N  N   . ARG A 1 84  ? 7.217   -7.354  -15.933 1.00 18.20 ? 84  ARG A N   1 
ATOM   523 C  CA  . ARG A 1 84  ? 5.958   -8.093  -16.049 1.00 16.08 ? 84  ARG A CA  1 
ATOM   524 C  C   . ARG A 1 84  ? 4.729   -7.202  -16.072 1.00 15.52 ? 84  ARG A C   1 
ATOM   525 O  O   . ARG A 1 84  ? 4.766   -6.060  -15.613 1.00 15.96 ? 84  ARG A O   1 
ATOM   526 C  CB  . ARG A 1 84  ? 5.804   -9.086  -14.898 1.00 18.24 ? 84  ARG A CB  1 
ATOM   527 C  CG  . ARG A 1 84  ? 6.775   -10.235 -14.927 1.00 21.74 ? 84  ARG A CG  1 
ATOM   528 C  CD  . ARG A 1 84  ? 6.501   -11.200 -13.810 1.00 22.26 ? 84  ARG A CD  1 
ATOM   529 N  NE  . ARG A 1 84  ? 7.732   -11.852 -13.373 1.00 25.50 ? 84  ARG A NE  1 
ATOM   530 C  CZ  . ARG A 1 84  ? 7.779   -12.890 -12.540 1.00 26.00 ? 84  ARG A CZ  1 
ATOM   531 N  NH1 . ARG A 1 84  ? 8.953   -13.409 -12.198 1.00 26.87 ? 84  ARG A NH1 1 
ATOM   532 N  NH2 . ARG A 1 84  ? 6.658   -13.409 -12.050 1.00 25.24 ? 84  ARG A NH2 1 
ATOM   533 N  N   . ASN A 1 85  ? 3.637   -7.738  -16.605 1.00 14.56 ? 85  ASN A N   1 
ATOM   534 C  CA  . ASN A 1 85  ? 2.333   -7.106  -16.482 1.00 14.65 ? 85  ASN A CA  1 
ATOM   535 C  C   . ASN A 1 85  ? 1.301   -8.131  -16.001 1.00 16.28 ? 85  ASN A C   1 
ATOM   536 O  O   . ASN A 1 85  ? 0.903   -9.006  -16.750 1.00 19.22 ? 85  ASN A O   1 
ATOM   537 C  CB  . ASN A 1 85  ? 1.903   -6.500  -17.812 1.00 16.06 ? 85  ASN A CB  1 
ATOM   538 C  CG  . ASN A 1 85  ? 0.680   -5.599  -17.679 1.00 18.54 ? 85  ASN A CG  1 
ATOM   539 O  OD1 . ASN A 1 85  ? 0.026   -5.565  -16.629 1.00 18.05 ? 85  ASN A OD1 1 
ATOM   540 N  ND2 . ASN A 1 85  ? 0.361   -4.870  -18.749 1.00 16.19 ? 85  ASN A ND2 1 
ATOM   541 N  N   . ALA A 1 86  ? 0.871   -8.027  -14.751 1.00 15.50 ? 86  ALA A N   1 
ATOM   542 C  CA  . ALA A 1 86  ? -0.116  -8.955  -14.219 1.00 16.07 ? 86  ALA A CA  1 
ATOM   543 C  C   . ALA A 1 86  ? -1.546  -8.523  -14.558 1.00 17.04 ? 86  ALA A C   1 
ATOM   544 O  O   . ALA A 1 86  ? -2.503  -9.155  -14.117 1.00 16.98 ? 86  ALA A O   1 
ATOM   545 C  CB  . ALA A 1 86  ? 0.051   -9.096  -12.720 1.00 16.55 ? 86  ALA A CB  1 
ATOM   546 N  N   . HIS A 1 87  ? -1.686  -7.449  -15.332 1.00 16.75 ? 87  HIS A N   1 
ATOM   547 C  CA  . HIS A 1 87  ? -3.004  -6.936  -15.697 1.00 16.71 ? 87  HIS A CA  1 
ATOM   548 C  C   . HIS A 1 87  ? -3.912  -6.805  -14.482 1.00 16.11 ? 87  HIS A C   1 
ATOM   549 O  O   . HIS A 1 87  ? -5.094  -7.176  -14.527 1.00 15.14 ? 87  HIS A O   1 
ATOM   550 C  CB  . HIS A 1 87  ? -3.665  -7.856  -16.716 1.00 18.32 ? 87  HIS A CB  1 
ATOM   551 C  CG  . HIS A 1 87  ? -2.863  -8.051  -17.957 1.00 19.24 ? 87  HIS A CG  1 
ATOM   552 N  ND1 . HIS A 1 87  ? -2.364  -6.996  -18.696 1.00 19.68 ? 87  HIS A ND1 1 
ATOM   553 C  CD2 . HIS A 1 87  ? -2.469  -9.177  -18.598 1.00 19.27 ? 87  HIS A CD2 1 
ATOM   554 C  CE1 . HIS A 1 87  ? -1.698  -7.466  -19.732 1.00 22.94 ? 87  HIS A CE1 1 
ATOM   555 N  NE2 . HIS A 1 87  ? -1.747  -8.790  -19.698 1.00 22.18 ? 87  HIS A NE2 1 
ATOM   556 N  N   . SER A 1 88  ? -3.353  -6.307  -13.387 1.00 14.37 ? 88  SER A N   1 
ATOM   557 C  CA  . SER A 1 88  ? -4.125  -6.146  -12.170 1.00 13.47 ? 88  SER A CA  1 
ATOM   558 C  C   . SER A 1 88  ? -3.696  -4.883  -11.453 1.00 11.40 ? 88  SER A C   1 
ATOM   559 O  O   . SER A 1 88  ? -2.776  -4.204  -11.889 1.00 12.18 ? 88  SER A O   1 
ATOM   560 C  CB  . SER A 1 88  ? -3.980  -7.370  -11.271 1.00 14.23 ? 88  SER A CB  1 
ATOM   561 O  OG  . SER A 1 88  ? -2.624  -7.641  -11.005 1.00 15.31 ? 88  SER A OG  1 
ATOM   562 N  N   . ALA A 1 89  ? -4.378  -4.558  -10.365 1.00 10.34 ? 89  ALA A N   1 
ATOM   563 C  CA  . ALA A 1 89  ? -4.054  -3.381  -9.579  1.00 10.32 ? 89  ALA A CA  1 
ATOM   564 C  C   . ALA A 1 89  ? -4.499  -3.643  -8.143  1.00 11.19 ? 89  ALA A C   1 
ATOM   565 O  O   . ALA A 1 89  ? -5.516  -4.314  -7.926  1.00 11.38 ? 89  ALA A O   1 
ATOM   566 C  CB  . ALA A 1 89  ? -4.756  -2.163  -10.146 1.00 8.61  ? 89  ALA A CB  1 
ATOM   567 N  N   . THR A 1 90  ? -3.749  -3.144  -7.162  1.00 7.57  ? 90  THR A N   1 
ATOM   568 C  CA  . THR A 1 90  ? -4.192  -3.280  -5.790  1.00 7.49  ? 90  THR A CA  1 
ATOM   569 C  C   . THR A 1 90  ? -4.232  -1.951  -5.085  1.00 8.10  ? 90  THR A C   1 
ATOM   570 O  O   . THR A 1 90  ? -3.293  -1.159  -5.190  1.00 8.92  ? 90  THR A O   1 
ATOM   571 C  CB  . THR A 1 90  ? -3.262  -4.152  -4.978  1.00 8.95  ? 90  THR A CB  1 
ATOM   572 O  OG1 . THR A 1 90  ? -3.065  -5.401  -5.652  1.00 10.21 ? 90  THR A OG1 1 
ATOM   573 C  CG2 . THR A 1 90  ? -3.865  -4.398  -3.590  1.00 8.25  ? 90  THR A CG2 1 
ATOM   574 N  N   . THR A 1 91  ? -5.299  -1.705  -4.340  1.00 6.79  ? 91  THR A N   1 
ATOM   575 C  CA  . THR A 1 91  ? -5.329  -0.525  -3.500  1.00 7.02  ? 91  THR A CA  1 
ATOM   576 C  C   . THR A 1 91  ? -5.355  -0.918  -2.043  1.00 7.27  ? 91  THR A C   1 
ATOM   577 O  O   . THR A 1 91  ? -6.002  -1.893  -1.665  1.00 6.63  ? 91  THR A O   1 
ATOM   578 C  CB  . THR A 1 91  ? -6.509  0.415   -3.814  1.00 7.13  ? 91  THR A CB  1 
ATOM   579 O  OG1 . THR A 1 91  ? -7.749  -0.211  -3.471  1.00 6.51  ? 91  THR A OG1 1 
ATOM   580 C  CG2 . THR A 1 91  ? -6.508  0.804   -5.278  1.00 7.80  ? 91  THR A CG2 1 
ATOM   581 N  N   . TRP A 1 92  ? -4.622  -0.150  -1.236  1.00 8.22  ? 92  TRP A N   1 
ATOM   582 C  CA  . TRP A 1 92  ? -4.554  -0.371  0.206   1.00 7.45  ? 92  TRP A CA  1 
ATOM   583 C  C   . TRP A 1 92  ? -5.254  0.769   0.932   1.00 8.00  ? 92  TRP A C   1 
ATOM   584 O  O   . TRP A 1 92  ? -4.928  1.943   0.729   1.00 7.98  ? 92  TRP A O   1 
ATOM   585 C  CB  . TRP A 1 92  ? -3.105  -0.435  0.669   1.00 6.19  ? 92  TRP A CB  1 
ATOM   586 C  CG  . TRP A 1 92  ? -2.394  -1.701  0.360   1.00 6.03  ? 92  TRP A CG  1 
ATOM   587 C  CD1 . TRP A 1 92  ? -2.189  -2.750  1.205   1.00 6.22  ? 92  TRP A CD1 1 
ATOM   588 C  CD2 . TRP A 1 92  ? -1.762  -2.047  -0.875  1.00 5.99  ? 92  TRP A CD2 1 
ATOM   589 N  NE1 . TRP A 1 92  ? -1.478  -3.737  0.567   1.00 6.07  ? 92  TRP A NE1 1 
ATOM   590 C  CE2 . TRP A 1 92  ? -1.200  -3.331  -0.709  1.00 6.03  ? 92  TRP A CE2 1 
ATOM   591 C  CE3 . TRP A 1 92  ? -1.628  -1.401  -2.108  1.00 6.52  ? 92  TRP A CE3 1 
ATOM   592 C  CZ2 . TRP A 1 92  ? -0.506  -3.983  -1.731  1.00 6.70  ? 92  TRP A CZ2 1 
ATOM   593 C  CZ3 . TRP A 1 92  ? -0.933  -2.045  -3.126  1.00 7.62  ? 92  TRP A CZ3 1 
ATOM   594 C  CH2 . TRP A 1 92  ? -0.382  -3.325  -2.932  1.00 8.23  ? 92  TRP A CH2 1 
ATOM   595 N  N   . SER A 1 93  ? -6.221  0.423   1.769   1.00 7.56  ? 93  SER A N   1 
ATOM   596 C  CA  . SER A 1 93  ? -6.898  1.404   2.600   1.00 7.67  ? 93  SER A CA  1 
ATOM   597 C  C   . SER A 1 93  ? -6.586  1.049   4.057   1.00 9.40  ? 93  SER A C   1 
ATOM   598 O  O   . SER A 1 93  ? -6.704  -0.107  4.460   1.00 9.09  ? 93  SER A O   1 
ATOM   599 C  CB  . SER A 1 93  ? -8.398  1.328   2.327   1.00 7.88  ? 93  SER A CB  1 
ATOM   600 O  OG  . SER A 1 93  ? -9.089  2.493   2.729   1.00 8.64  ? 93  SER A OG  1 
ATOM   601 N  N   . GLY A 1 94  ? -6.160  2.024   4.850   1.00 10.35 ? 94  GLY A N   1 
ATOM   602 C  CA  . GLY A 1 94  ? -5.787  1.735   6.226   1.00 9.61  ? 94  GLY A CA  1 
ATOM   603 C  C   . GLY A 1 94  ? -5.409  2.960   7.034   1.00 10.14 ? 94  GLY A C   1 
ATOM   604 O  O   . GLY A 1 94  ? -5.729  4.089   6.673   1.00 10.29 ? 94  GLY A O   1 
ATOM   605 N  N   . GLN A 1 95  ? -4.726  2.745   8.145   1.00 12.14 ? 95  GLN A N   1 
ATOM   606 C  CA  . GLN A 1 95  ? -4.267  3.870   8.940   1.00 13.72 ? 95  GLN A CA  1 
ATOM   607 C  C   . GLN A 1 95  ? -2.883  3.632   9.500   1.00 13.00 ? 95  GLN A C   1 
ATOM   608 O  O   . GLN A 1 95  ? -2.492  2.505   9.791   1.00 13.80 ? 95  GLN A O   1 
ATOM   609 C  CB  . GLN A 1 95  ? -5.270  4.230   10.050  1.00 14.60 ? 95  GLN A CB  1 
ATOM   610 C  CG  . GLN A 1 95  ? -5.707  3.084   10.950  1.00 13.28 ? 95  GLN A CG  1 
ATOM   611 C  CD  . GLN A 1 95  ? -6.797  3.515   11.933  1.00 17.35 ? 95  GLN A CD  1 
ATOM   612 O  OE1 . GLN A 1 95  ? -6.777  4.636   12.445  1.00 17.64 ? 95  GLN A OE1 1 
ATOM   613 N  NE2 . GLN A 1 95  ? -7.758  2.630   12.189  1.00 15.64 ? 95  GLN A NE2 1 
ATOM   614 N  N   . TYR A 1 96  ? -2.135  4.716   9.622   1.00 14.24 ? 96  TYR A N   1 
ATOM   615 C  CA  . TYR A 1 96  ? -0.806  4.683   10.201  1.00 14.42 ? 96  TYR A CA  1 
ATOM   616 C  C   . TYR A 1 96  ? -0.927  4.886   11.701  1.00 15.07 ? 96  TYR A C   1 
ATOM   617 O  O   . TYR A 1 96  ? -1.565  5.838   12.160  1.00 15.21 ? 96  TYR A O   1 
ATOM   618 C  CB  . TYR A 1 96  ? 0.045   5.783   9.561   1.00 14.05 ? 96  TYR A CB  1 
ATOM   619 C  CG  . TYR A 1 96  ? 1.181   6.313   10.413  1.00 18.23 ? 96  TYR A CG  1 
ATOM   620 C  CD1 . TYR A 1 96  ? 2.390   5.629   10.508  1.00 16.94 ? 96  TYR A CD1 1 
ATOM   621 C  CD2 . TYR A 1 96  ? 1.057   7.518   11.098  1.00 19.33 ? 96  TYR A CD2 1 
ATOM   622 C  CE1 . TYR A 1 96  ? 3.429   6.119   11.273  1.00 16.70 ? 96  TYR A CE1 1 
ATOM   623 C  CE2 . TYR A 1 96  ? 2.088   8.011   11.866  1.00 18.49 ? 96  TYR A CE2 1 
ATOM   624 C  CZ  . TYR A 1 96  ? 3.270   7.307   11.949  1.00 18.64 ? 96  TYR A CZ  1 
ATOM   625 O  OH  . TYR A 1 96  ? 4.298   7.801   12.709  1.00 20.83 ? 96  TYR A OH  1 
ATOM   626 N  N   . VAL A 1 97  ? -0.339  3.974   12.461  1.00 14.75 ? 97  VAL A N   1 
ATOM   627 C  CA  . VAL A 1 97  ? -0.286  4.110   13.914  1.00 17.73 ? 97  VAL A CA  1 
ATOM   628 C  C   . VAL A 1 97  ? 1.165   4.239   14.347  1.00 19.54 ? 97  VAL A C   1 
ATOM   629 O  O   . VAL A 1 97  ? 1.965   3.329   14.135  1.00 19.47 ? 97  VAL A O   1 
ATOM   630 C  CB  . VAL A 1 97  ? -0.933  2.911   14.634  1.00 18.24 ? 97  VAL A CB  1 
ATOM   631 C  CG1 . VAL A 1 97  ? -1.105  3.230   16.094  1.00 21.52 ? 97  VAL A CG1 1 
ATOM   632 C  CG2 . VAL A 1 97  ? -2.285  2.566   14.021  1.00 14.92 ? 97  VAL A CG2 1 
ATOM   633 N  N   . GLY A 1 98  ? 1.510   5.377   14.946  1.00 22.08 ? 98  GLY A N   1 
ATOM   634 C  CA  . GLY A 1 98  ? 2.891   5.666   15.309  1.00 22.14 ? 98  GLY A CA  1 
ATOM   635 C  C   . GLY A 1 98  ? 3.281   5.228   16.709  1.00 26.75 ? 98  GLY A C   1 
ATOM   636 O  O   . GLY A 1 98  ? 2.563   4.450   17.348  1.00 27.23 ? 98  GLY A O   1 
ATOM   637 N  N   . GLY A 1 99  ? 4.427   5.720   17.186  1.00 26.43 ? 99  GLY A N   1 
ATOM   638 C  CA  . GLY A 1 99  ? 4.921   5.368   18.505  1.00 25.13 ? 99  GLY A CA  1 
ATOM   639 C  C   . GLY A 1 99  ? 6.011   4.312   18.447  1.00 32.62 ? 99  GLY A C   1 
ATOM   640 O  O   . GLY A 1 99  ? 6.612   4.100   17.391  1.00 33.35 ? 99  GLY A O   1 
ATOM   641 N  N   . ALA A 1 100 ? 6.251   3.637   19.574  1.00 34.56 ? 100 ALA A N   1 
ATOM   642 C  CA  . ALA A 1 100 ? 7.350   2.673   19.712  1.00 31.20 ? 100 ALA A CA  1 
ATOM   643 C  C   . ALA A 1 100 ? 7.185   1.406   18.870  1.00 34.38 ? 100 ALA A C   1 
ATOM   644 O  O   . ALA A 1 100 ? 8.172   0.748   18.534  1.00 35.95 ? 100 ALA A O   1 
ATOM   645 C  CB  . ALA A 1 100 ? 7.550   2.310   21.180  1.00 31.39 ? 100 ALA A CB  1 
ATOM   646 N  N   . GLU A 1 101 ? 5.942   1.048   18.557  1.00 33.30 ? 101 GLU A N   1 
ATOM   647 C  CA  . GLU A 1 101 ? 5.686   -0.054  17.638  1.00 31.94 ? 101 GLU A CA  1 
ATOM   648 C  C   . GLU A 1 101 ? 4.830   0.449   16.476  1.00 30.23 ? 101 GLU A C   1 
ATOM   649 O  O   . GLU A 1 101 ? 3.622   0.192   16.421  1.00 30.81 ? 101 GLU A O   1 
ATOM   650 C  CB  . GLU A 1 101 ? 4.997   -1.219  18.358  1.00 30.57 ? 101 GLU A CB  1 
ATOM   651 C  CG  . GLU A 1 101 ? 5.730   -1.699  19.599  0.50 31.09 ? 101 GLU A CG  1 
ATOM   652 C  CD  . GLU A 1 101 ? 5.289   -3.084  20.038  0.50 32.52 ? 101 GLU A CD  1 
ATOM   653 O  OE1 . GLU A 1 101 ? 5.284   -3.351  21.259  0.50 34.39 ? 101 GLU A OE1 1 
ATOM   654 O  OE2 . GLU A 1 101 ? 4.957   -3.910  19.163  0.50 30.84 ? 101 GLU A OE2 1 
ATOM   655 N  N   . ALA A 1 102 ? 5.464   1.162   15.548  1.00 25.60 ? 102 ALA A N   1 
ATOM   656 C  CA  . ALA A 1 102 ? 4.755   1.839   14.455  1.00 24.01 ? 102 ALA A CA  1 
ATOM   657 C  C   . ALA A 1 102 ? 4.160   0.892   13.419  1.00 17.65 ? 102 ALA A C   1 
ATOM   658 O  O   . ALA A 1 102 ? 4.859   0.070   12.841  1.00 18.55 ? 102 ALA A O   1 
ATOM   659 C  CB  . ALA A 1 102 ? 5.672   2.842   13.783  1.00 23.27 ? 102 ALA A CB  1 
ATOM   660 N  N   . ARG A 1 103 ? 2.867   1.028   13.169  1.00 18.10 ? 103 ARG A N   1 
ATOM   661 C  CA  . ARG A 1 103 ? 2.175   0.133   12.241  1.00 16.73 ? 103 ARG A CA  1 
ATOM   662 C  C   . ARG A 1 103 ? 1.359   0.858   11.176  1.00 14.81 ? 103 ARG A C   1 
ATOM   663 O  O   . ARG A 1 103 ? 0.753   1.901   11.438  1.00 15.12 ? 103 ARG A O   1 
ATOM   664 C  CB  . ARG A 1 103 ? 1.256   -0.821  13.008  1.00 15.73 ? 103 ARG A CB  1 
ATOM   665 C  CG  . ARG A 1 103 ? 1.972   -1.692  14.015  0.50 18.14 ? 103 ARG A CG  1 
ATOM   666 C  CD  . ARG A 1 103 ? 1.081   -2.807  14.501  0.50 18.75 ? 103 ARG A CD  1 
ATOM   667 N  NE  . ARG A 1 103 ? 1.745   -4.103  14.380  0.50 20.60 ? 103 ARG A NE  1 
ATOM   668 C  CZ  . ARG A 1 103 ? 2.434   -4.686  15.356  0.50 19.59 ? 103 ARG A CZ  1 
ATOM   669 N  NH1 . ARG A 1 103 ? 3.004   -5.864  15.147  0.50 17.76 ? 103 ARG A NH1 1 
ATOM   670 N  NH2 . ARG A 1 103 ? 2.546   -4.093  16.539  0.50 20.60 ? 103 ARG A NH2 1 
ATOM   671 N  N   . ILE A 1 104 ? 1.350   0.300   9.970   1.00 13.44 ? 104 ILE A N   1 
ATOM   672 C  CA  . ILE A 1 104 ? 0.312   0.646   9.005   1.00 12.53 ? 104 ILE A CA  1 
ATOM   673 C  C   . ILE A 1 104 ? -0.546  -0.589  8.835   1.00 11.31 ? 104 ILE A C   1 
ATOM   674 O  O   . ILE A 1 104 ? -0.120  -1.578  8.244   1.00 11.29 ? 104 ILE A O   1 
ATOM   675 C  CB  . ILE A 1 104 ? 0.882   1.070   7.646   1.00 11.91 ? 104 ILE A CB  1 
ATOM   676 C  CG1 . ILE A 1 104 ? 1.914   2.183   7.826   1.00 10.70 ? 104 ILE A CG1 1 
ATOM   677 C  CG2 . ILE A 1 104 ? -0.237  1.541   6.743   1.00 9.70  ? 104 ILE A CG2 1 
ATOM   678 C  CD1 . ILE A 1 104 ? 2.708   2.477   6.589   1.00 10.14 ? 104 ILE A CD1 1 
ATOM   679 N  N   . ASN A 1 105 ? -1.742  -0.556  9.404   1.00 11.70 ? 105 ASN A N   1 
ATOM   680 C  CA  . ASN A 1 105 ? -2.661  -1.667  9.242   1.00 12.12 ? 105 ASN A CA  1 
ATOM   681 C  C   . ASN A 1 105 ? -3.586  -1.362  8.085   1.00 10.82 ? 105 ASN A C   1 
ATOM   682 O  O   . ASN A 1 105 ? -4.181  -0.290  8.042   1.00 10.99 ? 105 ASN A O   1 
ATOM   683 C  CB  . ASN A 1 105 ? -3.450  -1.890  10.526  1.00 12.10 ? 105 ASN A CB  1 
ATOM   684 C  CG  . ASN A 1 105 ? -2.545  -1.988  11.743  1.00 15.35 ? 105 ASN A CG  1 
ATOM   685 O  OD1 . ASN A 1 105 ? -1.728  -2.909  11.855  1.00 16.70 ? 105 ASN A OD1 1 
ATOM   686 N  ND2 . ASN A 1 105 ? -2.677  -1.035  12.658  1.00 17.03 ? 105 ASN A ND2 1 
ATOM   687 N  N   . THR A 1 106 ? -3.685  -2.287  7.134   1.00 9.65  ? 106 THR A N   1 
ATOM   688 C  CA  . THR A 1 106 ? -4.521  -2.071  5.958   1.00 9.44  ? 106 THR A CA  1 
ATOM   689 C  C   . THR A 1 106 ? -5.400  -3.240  5.593   1.00 9.14  ? 106 THR A C   1 
ATOM   690 O  O   . THR A 1 106 ? -5.114  -4.393  5.913   1.00 9.64  ? 106 THR A O   1 
ATOM   691 C  CB  . THR A 1 106 ? -3.673  -1.790  4.705   1.00 9.51  ? 106 THR A CB  1 
ATOM   692 O  OG1 . THR A 1 106 ? -2.874  -2.944  4.397   1.00 9.06  ? 106 THR A OG1 1 
ATOM   693 C  CG2 . THR A 1 106 ? -2.781  -0.589  4.920   1.00 9.42  ? 106 THR A CG2 1 
ATOM   694 N  N   . GLN A 1 107 ? -6.480  -2.935  4.894   1.00 9.80  ? 107 GLN A N   1 
ATOM   695 C  CA  . GLN A 1 107 ? -7.134  -3.954  4.097   1.00 9.11  ? 107 GLN A CA  1 
ATOM   696 C  C   . GLN A 1 107 ? -6.849  -3.579  2.648   1.00 7.97  ? 107 GLN A C   1 
ATOM   697 O  O   . GLN A 1 107 ? -6.625  -2.410  2.363   1.00 8.10  ? 107 GLN A O   1 
ATOM   698 C  CB  . GLN A 1 107 ? -8.612  -4.022  4.441   1.00 7.37  ? 107 GLN A CB  1 
ATOM   699 C  CG  . GLN A 1 107 ? -8.802  -4.255  5.918   0.50 8.06  ? 107 GLN A CG  1 
ATOM   700 C  CD  . GLN A 1 107 ? -10.089 -4.935  6.251   0.50 7.50  ? 107 GLN A CD  1 
ATOM   701 O  OE1 . GLN A 1 107 ? -10.276 -6.115  5.967   0.50 7.80  ? 107 GLN A OE1 1 
ATOM   702 N  NE2 . GLN A 1 107 ? -10.994 -4.197  6.868   0.50 7.99  ? 107 GLN A NE2 1 
ATOM   703 N  N   . TRP A 1 108 ? -6.780  -4.563  1.753   1.00 7.70  ? 108 TRP A N   1 
ATOM   704 C  CA  . TRP A 1 108 ? -6.486  -4.285  0.347   1.00 6.94  ? 108 TRP A CA  1 
ATOM   705 C  C   . TRP A 1 108 ? -7.472  -4.941  -0.611  1.00 7.52  ? 108 TRP A C   1 
ATOM   706 O  O   . TRP A 1 108 ? -7.995  -6.021  -0.317  1.00 8.28  ? 108 TRP A O   1 
ATOM   707 C  CB  . TRP A 1 108 ? -5.050  -4.679  -0.023  1.00 6.16  ? 108 TRP A CB  1 
ATOM   708 C  CG  . TRP A 1 108 ? -4.667  -6.079  0.296   1.00 7.02  ? 108 TRP A CG  1 
ATOM   709 C  CD1 . TRP A 1 108 ? -3.908  -6.499  1.356   1.00 8.16  ? 108 TRP A CD1 1 
ATOM   710 C  CD2 . TRP A 1 108 ? -5.004  -7.264  -0.444  1.00 9.73  ? 108 TRP A CD2 1 
ATOM   711 N  NE1 . TRP A 1 108 ? -3.758  -7.864  1.327   1.00 7.81  ? 108 TRP A NE1 1 
ATOM   712 C  CE2 . TRP A 1 108 ? -4.420  -8.364  0.236   1.00 9.00  ? 108 TRP A CE2 1 
ATOM   713 C  CE3 . TRP A 1 108 ? -5.745  -7.507  -1.610  1.00 7.81  ? 108 TRP A CE3 1 
ATOM   714 C  CZ2 . TRP A 1 108 ? -4.551  -9.681  -0.213  1.00 7.78  ? 108 TRP A CZ2 1 
ATOM   715 C  CZ3 . TRP A 1 108 ? -5.875  -8.811  -2.052  1.00 8.24  ? 108 TRP A CZ3 1 
ATOM   716 C  CH2 . TRP A 1 108 ? -5.281  -9.883  -1.355  1.00 8.83  ? 108 TRP A CH2 1 
ATOM   717 N  N   . LEU A 1 109 ? -7.720  -4.277  -1.746  1.00 7.41  ? 109 LEU A N   1 
ATOM   718 C  CA  . LEU A 1 109 ? -8.498  -4.832  -2.860  1.00 8.15  ? 109 LEU A CA  1 
ATOM   719 C  C   . LEU A 1 109 ? -7.624  -5.029  -4.104  1.00 9.07  ? 109 LEU A C   1 
ATOM   720 O  O   . LEU A 1 109 ? -7.062  -4.068  -4.624  1.00 9.46  ? 109 LEU A O   1 
ATOM   721 C  CB  . LEU A 1 109 ? -9.655  -3.902  -3.231  1.00 7.91  ? 109 LEU A CB  1 
ATOM   722 C  CG  . LEU A 1 109 ? -10.750 -3.606  -2.211  1.00 7.55  ? 109 LEU A CG  1 
ATOM   723 C  CD1 . LEU A 1 109 ? -11.711 -2.533  -2.708  1.00 5.56  ? 109 LEU A CD1 1 
ATOM   724 C  CD2 . LEU A 1 109 ? -11.468 -4.882  -1.873  1.00 6.09  ? 109 LEU A CD2 1 
ATOM   725 N  N   . LEU A 1 110 ? -7.511  -6.264  -4.586  1.00 9.75  ? 110 LEU A N   1 
ATOM   726 C  CA  . LEU A 1 110 ? -6.758  -6.534  -5.816  1.00 10.01 ? 110 LEU A CA  1 
ATOM   727 C  C   . LEU A 1 110 ? -7.742  -6.852  -6.936  1.00 11.59 ? 110 LEU A C   1 
ATOM   728 O  O   . LEU A 1 110 ? -8.426  -7.877  -6.898  1.00 11.56 ? 110 LEU A O   1 
ATOM   729 C  CB  . LEU A 1 110 ? -5.777  -7.704  -5.610  1.00 9.85  ? 110 LEU A CB  1 
ATOM   730 C  CG  . LEU A 1 110 ? -4.717  -8.048  -6.670  1.00 11.55 ? 110 LEU A CG  1 
ATOM   731 C  CD1 . LEU A 1 110 ? -3.710  -9.032  -6.124  1.00 12.22 ? 110 LEU A CD1 1 
ATOM   732 C  CD2 . LEU A 1 110 ? -5.329  -8.630  -7.924  1.00 14.33 ? 110 LEU A CD2 1 
ATOM   733 N  N   . THR A 1 111 ? -7.817  -5.982  -7.940  1.00 12.96 ? 111 THR A N   1 
ATOM   734 C  CA  . THR A 1 111 ? -8.699  -6.234  -9.080  1.00 12.28 ? 111 THR A CA  1 
ATOM   735 C  C   . THR A 1 111 ? -7.874  -6.585  -10.296 1.00 13.56 ? 111 THR A C   1 
ATOM   736 O  O   . THR A 1 111 ? -6.838  -5.985  -10.527 1.00 14.68 ? 111 THR A O   1 
ATOM   737 C  CB  . THR A 1 111 ? -9.547  -5.011  -9.421  1.00 12.17 ? 111 THR A CB  1 
ATOM   738 O  OG1 . THR A 1 111 ? -10.152 -4.495  -8.223  1.00 11.39 ? 111 THR A OG1 1 
ATOM   739 C  CG2 . THR A 1 111 ? -10.639 -5.382  -10.446 1.00 11.71 ? 111 THR A CG2 1 
ATOM   740 N  N   . LYS A 1 112 ? -8.330  -7.557  -11.075 1.00 16.30 ? 112 LYS A N   1 
ATOM   741 C  CA  . LYS A 1 112 ? -7.649  -7.926  -12.309 1.00 16.73 ? 112 LYS A CA  1 
ATOM   742 C  C   . LYS A 1 112 ? -8.585  -7.745  -13.500 1.00 15.66 ? 112 LYS A C   1 
ATOM   743 O  O   . LYS A 1 112 ? -9.799  -7.888  -13.376 1.00 15.87 ? 112 LYS A O   1 
ATOM   744 C  CB  . LYS A 1 112 ? -7.187  -9.373  -12.232 1.00 18.91 ? 112 LYS A CB  1 
ATOM   745 C  CG  . LYS A 1 112 ? -8.299  -10.305 -11.807 1.00 19.81 ? 112 LYS A CG  1 
ATOM   746 C  CD  . LYS A 1 112 ? -7.991  -11.736 -12.178 1.00 25.52 ? 112 LYS A CD  1 
ATOM   747 C  CE  . LYS A 1 112 ? -8.968  -12.694 -11.508 1.00 29.09 ? 112 LYS A CE  1 
ATOM   748 N  NZ  . LYS A 1 112 ? -8.905  -14.058 -12.110 1.00 36.38 ? 112 LYS A NZ  1 
ATOM   749 N  N   . GLY A 1 113 ? -8.021  -7.427  -14.656 1.00 17.41 ? 113 GLY A N   1 
ATOM   750 C  CA  . GLY A 1 113 ? -8.821  -7.233  -15.856 1.00 18.96 ? 113 GLY A CA  1 
ATOM   751 C  C   . GLY A 1 113 ? -9.455  -8.543  -16.266 1.00 20.19 ? 113 GLY A C   1 
ATOM   752 O  O   . GLY A 1 113 ? -8.792  -9.586  -16.258 1.00 20.10 ? 113 GLY A O   1 
ATOM   753 N  N   . THR A 1 114 ? -10.743 -8.498  -16.594 1.00 18.50 ? 114 THR A N   1 
ATOM   754 C  CA  . THR A 1 114 ? -11.492 -9.695  -16.924 1.00 19.03 ? 114 THR A CA  1 
ATOM   755 C  C   . THR A 1 114 ? -12.521 -9.373  -17.982 1.00 22.21 ? 114 THR A C   1 
ATOM   756 O  O   . THR A 1 114 ? -12.748 -8.210  -18.302 1.00 23.28 ? 114 THR A O   1 
ATOM   757 C  CB  . THR A 1 114 ? -12.287 -10.206 -15.724 1.00 20.90 ? 114 THR A CB  1 
ATOM   758 O  OG1 . THR A 1 114 ? -13.255 -9.213  -15.353 1.00 21.29 ? 114 THR A OG1 1 
ATOM   759 C  CG2 . THR A 1 114 ? -11.374 -10.548 -14.540 1.00 17.96 ? 114 THR A CG2 1 
ATOM   760 N  N   . THR A 1 115 ? -13.155 -10.406 -18.520 1.00 22.75 ? 115 THR A N   1 
ATOM   761 C  CA  . THR A 1 115 ? -14.275 -10.207 -19.426 1.00 22.47 ? 115 THR A CA  1 
ATOM   762 C  C   . THR A 1 115 ? -15.478 -9.982  -18.540 1.00 23.42 ? 115 THR A C   1 
ATOM   763 O  O   . THR A 1 115 ? -15.460 -10.363 -17.365 1.00 23.64 ? 115 THR A O   1 
ATOM   764 C  CB  . THR A 1 115 ? -14.502 -11.430 -20.323 1.00 22.13 ? 115 THR A CB  1 
ATOM   765 O  OG1 . THR A 1 115 ? -14.907 -12.544 -19.517 1.00 24.76 ? 115 THR A OG1 1 
ATOM   766 C  CG2 . THR A 1 115 ? -13.221 -11.788 -21.064 1.00 20.71 ? 115 THR A CG2 1 
ATOM   767 N  N   . GLU A 1 116 ? -16.519 -9.359  -19.078 1.00 23.93 ? 116 GLU A N   1 
ATOM   768 C  CA  . GLU A 1 116 ? -17.658 -9.003  -18.252 1.00 21.54 ? 116 GLU A CA  1 
ATOM   769 C  C   . GLU A 1 116 ? -18.299 -10.261 -17.686 1.00 24.02 ? 116 GLU A C   1 
ATOM   770 O  O   . GLU A 1 116 ? -18.857 -10.245 -16.591 1.00 26.45 ? 116 GLU A O   1 
ATOM   771 C  CB  . GLU A 1 116 ? -18.651 -8.173  -19.049 1.00 23.19 ? 116 GLU A CB  1 
ATOM   772 C  CG  . GLU A 1 116 ? -18.017 -6.951  -19.691 0.50 23.01 ? 116 GLU A CG  1 
ATOM   773 C  CD  . GLU A 1 116 ? -19.017 -6.098  -20.433 0.50 24.11 ? 116 GLU A CD  1 
ATOM   774 O  OE1 . GLU A 1 116 ? -18.701 -5.646  -21.556 0.50 22.57 ? 116 GLU A OE1 1 
ATOM   775 O  OE2 . GLU A 1 116 ? -20.117 -5.872  -19.890 0.50 26.41 ? 116 GLU A OE2 1 
ATOM   776 N  N   . ALA A 1 117 ? -18.185 -11.356 -18.432 1.00 24.18 ? 117 ALA A N   1 
ATOM   777 C  CA  . ALA A 1 117 ? -18.670 -12.658 -17.986 1.00 22.22 ? 117 ALA A CA  1 
ATOM   778 C  C   . ALA A 1 117 ? -17.965 -13.090 -16.716 1.00 21.13 ? 117 ALA A C   1 
ATOM   779 O  O   . ALA A 1 117 ? -18.577 -13.686 -15.835 1.00 23.14 ? 117 ALA A O   1 
ATOM   780 C  CB  . ALA A 1 117 ? -18.457 -13.692 -19.071 1.00 22.55 ? 117 ALA A CB  1 
ATOM   781 N  N   . ASN A 1 118 ? -16.676 -12.792 -16.619 1.00 20.61 ? 118 ASN A N   1 
ATOM   782 C  CA  . ASN A 1 118 ? -15.914 -13.204 -15.451 1.00 20.20 ? 118 ASN A CA  1 
ATOM   783 C  C   . ASN A 1 118 ? -15.701 -12.113 -14.401 1.00 18.56 ? 118 ASN A C   1 
ATOM   784 O  O   . ASN A 1 118 ? -14.901 -12.279 -13.496 1.00 18.60 ? 118 ASN A O   1 
ATOM   785 C  CB  . ASN A 1 118 ? -14.582 -13.815 -15.874 1.00 19.33 ? 118 ASN A CB  1 
ATOM   786 C  CG  . ASN A 1 118 ? -14.764 -15.031 -16.747 1.00 24.32 ? 118 ASN A CG  1 
ATOM   787 O  OD1 . ASN A 1 118 ? -15.888 -15.480 -16.966 1.00 30.86 ? 118 ASN A OD1 1 
ATOM   788 N  ND2 . ASN A 1 118 ? -13.663 -15.584 -17.242 1.00 22.76 ? 118 ASN A ND2 1 
ATOM   789 N  N   . ALA A 1 119 ? -16.431 -11.012 -14.501 1.00 19.23 ? 119 ALA A N   1 
ATOM   790 C  CA  . ALA A 1 119 ? -16.211 -9.897  -13.581 1.00 18.83 ? 119 ALA A CA  1 
ATOM   791 C  C   . ALA A 1 119 ? -16.549 -10.244 -12.134 1.00 15.01 ? 119 ALA A C   1 
ATOM   792 O  O   . ALA A 1 119 ? -16.012 -9.648  -11.207 1.00 15.69 ? 119 ALA A O   1 
ATOM   793 C  CB  . ALA A 1 119 ? -16.980 -8.661  -14.033 1.00 17.85 ? 119 ALA A CB  1 
ATOM   794 N  N   . TRP A 1 120 ? -17.428 -11.215 -11.941 1.00 15.33 ? 120 TRP A N   1 
ATOM   795 C  CA  . TRP A 1 120 ? -17.860 -11.583 -10.599 1.00 13.15 ? 120 TRP A CA  1 
ATOM   796 C  C   . TRP A 1 120 ? -16.685 -12.137 -9.802  1.00 13.94 ? 120 TRP A C   1 
ATOM   797 O  O   . TRP A 1 120 ? -16.655 -12.041 -8.574  1.00 12.99 ? 120 TRP A O   1 
ATOM   798 C  CB  . TRP A 1 120 ? -18.997 -12.608 -10.671 1.00 11.14 ? 120 TRP A CB  1 
ATOM   799 C  CG  . TRP A 1 120 ? -18.564 -13.953 -11.171 1.00 12.09 ? 120 TRP A CG  1 
ATOM   800 C  CD1 . TRP A 1 120 ? -18.522 -14.377 -12.469 1.00 12.49 ? 120 TRP A CD1 1 
ATOM   801 C  CD2 . TRP A 1 120 ? -18.110 -15.057 -10.374 1.00 13.01 ? 120 TRP A CD2 1 
ATOM   802 N  NE1 . TRP A 1 120 ? -18.064 -15.669 -12.529 1.00 12.96 ? 120 TRP A NE1 1 
ATOM   803 C  CE2 . TRP A 1 120 ? -17.808 -16.113 -11.257 1.00 13.08 ? 120 TRP A CE2 1 
ATOM   804 C  CE3 . TRP A 1 120 ? -17.929 -15.251 -9.000  1.00 11.77 ? 120 TRP A CE3 1 
ATOM   805 C  CZ2 . TRP A 1 120 ? -17.339 -17.349 -10.810 1.00 13.63 ? 120 TRP A CZ2 1 
ATOM   806 C  CZ3 . TRP A 1 120 ? -17.454 -16.476 -8.557  1.00 11.93 ? 120 TRP A CZ3 1 
ATOM   807 C  CH2 . TRP A 1 120 ? -17.165 -17.509 -9.457  1.00 13.23 ? 120 TRP A CH2 1 
ATOM   808 N  N   . LYS A 1 121 ? -15.710 -12.709 -10.506 1.00 14.10 ? 121 LYS A N   1 
ATOM   809 C  CA  . LYS A 1 121 ? -14.537 -13.270 -9.843  1.00 14.03 ? 121 LYS A CA  1 
ATOM   810 C  C   . LYS A 1 121 ? -13.269 -12.465 -10.147 1.00 14.33 ? 121 LYS A C   1 
ATOM   811 O  O   . LYS A 1 121 ? -12.194 -13.019 -10.344 1.00 17.69 ? 121 LYS A O   1 
ATOM   812 C  CB  . LYS A 1 121 ? -14.359 -14.745 -10.226 1.00 14.27 ? 121 LYS A CB  1 
ATOM   813 C  CG  . LYS A 1 121 ? -14.245 -14.986 -11.721 1.00 14.12 ? 121 LYS A CG  1 
ATOM   814 C  CD  . LYS A 1 121 ? -14.121 -16.470 -12.035 1.00 15.06 ? 121 LYS A CD  1 
ATOM   815 C  CE  . LYS A 1 121 ? -14.135 -16.704 -13.545 1.00 19.01 ? 121 LYS A CE  1 
ATOM   816 N  NZ  . LYS A 1 121 ? -13.927 -18.132 -13.904 1.00 19.14 ? 121 LYS A NZ  1 
ATOM   817 N  N   . SER A 1 122 ? -13.381 -11.149 -10.153 1.00 14.42 ? 122 SER A N   1 
ATOM   818 C  CA  . SER A 1 122 ? -12.251 -10.320 -10.537 1.00 14.94 ? 122 SER A CA  1 
ATOM   819 C  C   . SER A 1 122 ? -11.522 -9.721  -9.343  1.00 13.04 ? 122 SER A C   1 
ATOM   820 O  O   . SER A 1 122 ? -10.417 -9.201  -9.493  1.00 13.88 ? 122 SER A O   1 
ATOM   821 C  CB  . SER A 1 122 ? -12.734 -9.201  -11.461 1.00 14.35 ? 122 SER A CB  1 
ATOM   822 O  OG  . SER A 1 122 ? -13.625 -8.340  -10.777 1.00 12.97 ? 122 SER A OG  1 
ATOM   823 N  N   . THR A 1 123 ? -12.129 -9.787  -8.163  1.00 10.10 ? 123 THR A N   1 
ATOM   824 C  CA  . THR A 1 123 ? -11.594 -9.039  -7.035  1.00 10.04 ? 123 THR A CA  1 
ATOM   825 C  C   . THR A 1 123 ? -11.306 -9.855  -5.774  1.00 12.79 ? 123 THR A C   1 
ATOM   826 O  O   . THR A 1 123 ? -12.235 -10.388 -5.123  1.00 11.07 ? 123 THR A O   1 
ATOM   827 C  CB  . THR A 1 123 ? -12.504 -7.868  -6.663  1.00 10.46 ? 123 THR A CB  1 
ATOM   828 O  OG1 . THR A 1 123 ? -12.969 -7.225  -7.862  1.00 12.28 ? 123 THR A OG1 1 
ATOM   829 C  CG2 . THR A 1 123 ? -11.738 -6.869  -5.811  1.00 9.33  ? 123 THR A CG2 1 
ATOM   830 N  N   . LEU A 1 124 ? -10.008 -9.923  -5.443  1.00 11.01 ? 124 LEU A N   1 
ATOM   831 C  CA  . LEU A 1 124 ? -9.500  -10.516 -4.214  1.00 8.11  ? 124 LEU A CA  1 
ATOM   832 C  C   . LEU A 1 124 ? -9.488  -9.502  -3.084  1.00 8.41  ? 124 LEU A C   1 
ATOM   833 O  O   . LEU A 1 124 ? -9.206  -8.331  -3.300  1.00 8.56  ? 124 LEU A O   1 
ATOM   834 C  CB  . LEU A 1 124 ? -8.075  -10.987 -4.445  1.00 9.54  ? 124 LEU A CB  1 
ATOM   835 C  CG  . LEU A 1 124 ? -7.880  -12.196 -5.348  1.00 11.82 ? 124 LEU A CG  1 
ATOM   836 C  CD1 . LEU A 1 124 ? -6.411  -12.415 -5.639  1.00 10.32 ? 124 LEU A CD1 1 
ATOM   837 C  CD2 . LEU A 1 124 ? -8.502  -13.418 -4.676  1.00 12.36 ? 124 LEU A CD2 1 
ATOM   838 N  N   . VAL A 1 125 ? -9.772  -9.954  -1.868  1.00 9.13  ? 125 VAL A N   1 
ATOM   839 C  CA  . VAL A 1 125 ? -9.690  -9.083  -0.701  1.00 8.43  ? 125 VAL A CA  1 
ATOM   840 C  C   . VAL A 1 125 ? -8.750  -9.707  0.317   1.00 8.84  ? 125 VAL A C   1 
ATOM   841 O  O   . VAL A 1 125 ? -8.664  -10.930 0.424   1.00 8.03  ? 125 VAL A O   1 
ATOM   842 C  CB  . VAL A 1 125 ? -11.075 -8.853  -0.050  1.00 9.23  ? 125 VAL A CB  1 
ATOM   843 C  CG1 . VAL A 1 125 ? -11.645 -10.166 0.473   1.00 8.81  ? 125 VAL A CG1 1 
ATOM   844 C  CG2 . VAL A 1 125 ? -10.995 -7.816  1.073   1.00 7.12  ? 125 VAL A CG2 1 
ATOM   845 N  N   . GLY A 1 126 ? -8.030  -8.859  1.044   1.00 8.61  ? 126 GLY A N   1 
ATOM   846 C  CA  . GLY A 1 126 ? -7.123  -9.313  2.068   1.00 8.26  ? 126 GLY A CA  1 
ATOM   847 C  C   . GLY A 1 126 ? -6.696  -8.144  2.914   1.00 8.08  ? 126 GLY A C   1 
ATOM   848 O  O   . GLY A 1 126 ? -7.205  -7.031  2.754   1.00 7.24  ? 126 GLY A O   1 
ATOM   849 N  N   . HIS A 1 127 ? -5.761  -8.400  3.821   1.00 9.50  ? 127 HIS A N   1 
ATOM   850 C  CA  . HIS A 1 127 ? -5.294  -7.373  4.738   1.00 10.24 ? 127 HIS A CA  1 
ATOM   851 C  C   . HIS A 1 127 ? -3.780  -7.496  4.950   1.00 9.33  ? 127 HIS A C   1 
ATOM   852 O  O   . HIS A 1 127 ? -3.264  -8.604  5.052   1.00 10.64 ? 127 HIS A O   1 
ATOM   853 C  CB  . HIS A 1 127 ? -6.060  -7.493  6.065   1.00 9.55  ? 127 HIS A CB  1 
ATOM   854 C  CG  . HIS A 1 127 ? -5.964  -8.846  6.696   1.00 12.50 ? 127 HIS A CG  1 
ATOM   855 N  ND1 . HIS A 1 127 ? -6.822  -9.884  6.379   1.00 14.93 ? 127 HIS A ND1 1 
ATOM   856 C  CD2 . HIS A 1 127 ? -5.117  -9.342  7.631   1.00 14.44 ? 127 HIS A CD2 1 
ATOM   857 C  CE1 . HIS A 1 127 ? -6.509  -10.950 7.087   1.00 12.22 ? 127 HIS A CE1 1 
ATOM   858 N  NE2 . HIS A 1 127 ? -5.471  -10.650 7.855   1.00 14.29 ? 127 HIS A NE2 1 
ATOM   859 N  N   . ASP A 1 128 ? -3.074  -6.369  5.000   1.00 9.54  ? 128 ASP A N   1 
ATOM   860 C  CA  . ASP A 1 128 ? -1.636  -6.363  5.314   1.00 9.26  ? 128 ASP A CA  1 
ATOM   861 C  C   . ASP A 1 128 ? -1.322  -5.472  6.496   1.00 9.30  ? 128 ASP A C   1 
ATOM   862 O  O   . ASP A 1 128 ? -1.986  -4.456  6.711   1.00 8.83  ? 128 ASP A O   1 
ATOM   863 C  CB  . ASP A 1 128 ? -0.790  -5.861  4.142   1.00 8.62  ? 128 ASP A CB  1 
ATOM   864 C  CG  . ASP A 1 128 ? -0.758  -6.815  2.995   1.00 8.74  ? 128 ASP A CG  1 
ATOM   865 O  OD1 . ASP A 1 128 ? -1.068  -8.003  3.184   1.00 11.46 ? 128 ASP A OD1 1 
ATOM   866 O  OD2 . ASP A 1 128 ? -0.414  -6.373  1.890   1.00 8.19  ? 128 ASP A OD2 1 
ATOM   867 N  N   . THR A 1 129 ? -0.290  -5.862  7.245   1.00 10.30 ? 129 THR A N   1 
ATOM   868 C  CA  . THR A 1 129 ? 0.279   -5.056  8.326   1.00 11.35 ? 129 THR A CA  1 
ATOM   869 C  C   . THR A 1 129 ? 1.724   -4.735  8.003   1.00 10.12 ? 129 THR A C   1 
ATOM   870 O  O   . THR A 1 129 ? 2.514   -5.632  7.701   1.00 10.77 ? 129 THR A O   1 
ATOM   871 C  CB  . THR A 1 129 ? 0.255   -5.817  9.664   1.00 12.62 ? 129 THR A CB  1 
ATOM   872 O  OG1 . THR A 1 129 ? -1.091  -6.208  9.952   1.00 17.67 ? 129 THR A OG1 1 
ATOM   873 C  CG2 . THR A 1 129 ? 0.783   -4.947  10.799  1.00 12.02 ? 129 THR A CG2 1 
ATOM   874 N  N   . PHE A 1 130 ? 2.076   -3.458  8.070   1.00 10.64 ? 130 PHE A N   1 
ATOM   875 C  CA  . PHE A 1 130 ? 3.438   -3.043  7.758   1.00 11.05 ? 130 PHE A CA  1 
ATOM   876 C  C   . PHE A 1 130 ? 4.133   -2.557  9.020   1.00 12.49 ? 130 PHE A C   1 
ATOM   877 O  O   . PHE A 1 130 ? 3.554   -1.795  9.797   1.00 13.48 ? 130 PHE A O   1 
ATOM   878 C  CB  . PHE A 1 130 ? 3.448   -1.930  6.694   1.00 10.24 ? 130 PHE A CB  1 
ATOM   879 C  CG  . PHE A 1 130 ? 2.878   -2.348  5.351   1.00 10.76 ? 130 PHE A CG  1 
ATOM   880 C  CD1 . PHE A 1 130 ? 1.502   -2.288  5.104   1.00 9.20  ? 130 PHE A CD1 1 
ATOM   881 C  CD2 . PHE A 1 130 ? 3.715   -2.778  4.328   1.00 10.16 ? 130 PHE A CD2 1 
ATOM   882 C  CE1 . PHE A 1 130 ? 0.976   -2.667  3.870   1.00 7.93  ? 130 PHE A CE1 1 
ATOM   883 C  CE2 . PHE A 1 130 ? 3.191   -3.160  3.086   1.00 9.15  ? 130 PHE A CE2 1 
ATOM   884 C  CZ  . PHE A 1 130 ? 1.818   -3.102  2.861   1.00 7.99  ? 130 PHE A CZ  1 
ATOM   885 N  N   . THR A 1 131 ? 5.370   -3.009  9.218   1.00 12.59 ? 131 THR A N   1 
ATOM   886 C  CA  . THR A 1 131 ? 6.227   -2.539  10.304  1.00 13.52 ? 131 THR A CA  1 
ATOM   887 C  C   . THR A 1 131 ? 7.553   -2.078  9.702   1.00 16.22 ? 131 THR A C   1 
ATOM   888 O  O   . THR A 1 131 ? 7.856   -2.400  8.545   1.00 15.40 ? 131 THR A O   1 
ATOM   889 C  CB  . THR A 1 131 ? 6.477   -3.630  11.387  1.00 14.17 ? 131 THR A CB  1 
ATOM   890 O  OG1 . THR A 1 131 ? 6.823   -4.876  10.768  1.00 15.39 ? 131 THR A OG1 1 
ATOM   891 C  CG2 . THR A 1 131 ? 5.246   -3.838  12.251  1.00 13.32 ? 131 THR A CG2 1 
ATOM   892 N  N   . LYS A 1 132 ? 8.330   -1.317  10.476  1.00 15.83 ? 132 LYS A N   1 
ATOM   893 C  CA  . LYS A 1 132 ? 9.596   -0.757  10.004  1.00 15.73 ? 132 LYS A CA  1 
ATOM   894 C  C   . LYS A 1 132 ? 10.735  -1.781  10.033  1.00 16.11 ? 132 LYS A C   1 
ATOM   895 O  O   . LYS A 1 132 ? 11.740  -1.633  9.341   1.00 14.93 ? 132 LYS A O   1 
ATOM   896 C  CB  . LYS A 1 132 ? 9.974   0.471   10.840  1.00 16.46 ? 132 LYS A CB  1 
ATOM   897 C  CG  . LYS A 1 132 ? 8.973   1.634   10.762  1.00 15.86 ? 132 LYS A CG  1 
ATOM   898 C  CD  . LYS A 1 132 ? 8.926   2.260   9.371   1.00 15.13 ? 132 LYS A CD  1 
ATOM   899 C  CE  . LYS A 1 132 ? 10.158  3.119   9.092   1.00 17.75 ? 132 LYS A CE  1 
ATOM   900 N  NZ  . LYS A 1 132 ? 10.860  2.736   7.820   1.00 16.83 ? 132 LYS A NZ  1 
ATOM   901 N  N   . VAL A 1 133 ? 10.547  -2.828  10.826  1.00 20.19 ? 133 VAL A N   1 
ATOM   902 C  CA  . VAL A 1 133 ? 11.542  -3.887  11.016  1.00 20.23 ? 133 VAL A CA  1 
ATOM   903 C  C   . VAL A 1 133 ? 11.086  -5.215  10.410  1.00 23.78 ? 133 VAL A C   1 
ATOM   904 O  O   . VAL A 1 133 ? 9.915   -5.355  10.029  1.00 23.57 ? 133 VAL A O   1 
ATOM   905 C  CB  . VAL A 1 133 ? 11.796  -4.102  12.503  1.00 17.60 ? 133 VAL A CB  1 
ATOM   906 C  CG1 . VAL A 1 133 ? 12.407  -2.845  13.106  1.00 16.82 ? 133 VAL A CG1 1 
ATOM   907 C  CG2 . VAL A 1 133 ? 10.491  -4.431  13.197  1.00 19.92 ? 133 VAL A CG2 1 
ATOM   908 N  N   . LYS A 1 134 ? 12.013  -6.180  10.366  1.00 29.87 ? 134 LYS A N   1 
ATOM   909 C  CA  . LYS A 1 134 ? 11.872  -7.465  9.647   1.00 27.48 ? 134 LYS A CA  1 
ATOM   910 C  C   . LYS A 1 134 ? 12.121  -7.300  8.144   1.00 27.29 ? 134 LYS A C   1 
ATOM   911 O  O   . LYS A 1 134 ? 13.250  -7.017  7.715   1.00 27.40 ? 134 LYS A O   1 
ATOM   912 C  CB  . LYS A 1 134 ? 10.524  -8.156  9.920   1.00 25.81 ? 134 LYS A CB  1 
ATOM   913 C  CG  . LYS A 1 134 ? 10.267  -9.393  9.082   1.00 30.14 ? 134 LYS A CG  1 
ATOM   914 C  CD  . LYS A 1 134 ? 9.272   -9.113  7.956   1.00 29.02 ? 134 LYS A CD  1 
ATOM   915 C  CE  . LYS A 1 134 ? 7.910   -8.655  8.490   1.00 25.79 ? 134 LYS A CE  1 
ATOM   916 N  NZ  . LYS A 1 134 ? 7.288   -9.652  9.418   1.00 27.38 ? 134 LYS A NZ  1 
HETATM 917 IR IR  A 5IR B 2 .   ? -7.938  -15.693 -10.753 0.60 63.79 ? 400 5IR A IR  1 
HETATM 918 IR IR  B 5IR B 2 .   ? -3.810  -16.990 -13.407 0.40 73.22 ? 400 5IR A IR  1 
HETATM 919 C  C1  . 5IR B 2 .   ? 1.344   -8.133  -0.918  1.00 9.23  ? 400 5IR A C1  1 
HETATM 920 N  N1  . 5IR B 2 .   ? 0.055   -7.957  -0.382  1.00 7.92  ? 400 5IR A N1  1 
HETATM 921 O  O1  . 5IR B 2 .   ? 2.487   -7.442  -0.397  1.00 9.99  ? 400 5IR A O1  1 
HETATM 922 S  S1  . 5IR B 2 .   ? -0.917  -7.292  -3.453  1.00 10.44 ? 400 5IR A S1  1 
HETATM 923 C  C2  . 5IR B 2 .   ? -0.876  -8.667  -1.204  1.00 9.63  ? 400 5IR A C2  1 
HETATM 924 N  N2  . 5IR B 2 .   ? 1.417   -9.045  -2.031  1.00 9.83  ? 400 5IR A N2  1 
HETATM 925 O  O2  . 5IR B 2 .   ? -0.080  -11.678 -8.698  1.00 17.87 ? 400 5IR A O2  1 
HETATM 926 S  S2  A 5IR B 2 .   ? -5.178  -14.860 -10.020 0.60 34.11 ? 400 5IR A S2  1 
HETATM 927 S  S2  B 5IR B 2 .   ? -4.816  -14.345 -12.172 0.40 31.34 ? 400 5IR A S2  1 
HETATM 928 C  C3  . 5IR B 2 .   ? -1.759  -7.664  -1.940  1.00 8.75  ? 400 5IR A C3  1 
HETATM 929 N  N3  . 5IR B 2 .   ? -1.890  -10.106 -9.377  1.00 20.56 ? 400 5IR A N3  1 
HETATM 930 O  O3  A 5IR B 2 .   ? -5.174  -15.380 -11.413 0.60 32.25 ? 400 5IR A O3  1 
HETATM 931 O  O3  B 5IR B 2 .   ? -5.113  -15.504 -11.292 0.40 32.03 ? 400 5IR A O3  1 
HETATM 932 C  C4  . 5IR B 2 .   ? 0.007   -9.403  -2.232  1.00 9.83  ? 400 5IR A C4  1 
HETATM 933 N  N4  A 5IR B 2 .   ? -6.648  -14.302 -9.723  0.60 28.44 ? 400 5IR A N4  1 
HETATM 934 N  N4  B 5IR B 2 .   ? -3.829  -14.810 -13.353 0.40 33.94 ? 400 5IR A N4  1 
HETATM 935 O  O4  A 5IR B 2 .   ? -4.839  -15.926 -9.042  0.60 29.70 ? 400 5IR A O4  1 
HETATM 936 O  O4  B 5IR B 2 .   ? -6.050  -13.858 -12.808 0.40 29.76 ? 400 5IR A O4  1 
HETATM 937 C  C5  . 5IR B 2 .   ? -0.461  -8.972  -3.634  1.00 10.15 ? 400 5IR A C5  1 
HETATM 938 N  N5  A 5IR B 2 .   ? -9.275  -15.159 -9.086  0.60 31.09 ? 400 5IR A N5  1 
HETATM 939 N  N5  B 5IR B 2 .   ? -3.859  -16.546 -15.559 0.40 34.28 ? 400 5IR A N5  1 
HETATM 940 C  C6  . 5IR B 2 .   ? 0.606   -9.095  -4.719  1.00 10.90 ? 400 5IR A C6  1 
HETATM 941 C  C7  . 5IR B 2 .   ? 0.030   -8.860  -6.104  1.00 11.75 ? 400 5IR A C7  1 
HETATM 942 C  C8  . 5IR B 2 .   ? 1.002   -9.328  -7.203  1.00 13.57 ? 400 5IR A C8  1 
HETATM 943 C  C9  . 5IR B 2 .   ? 0.397   -9.174  -8.602  1.00 15.27 ? 400 5IR A C9  1 
HETATM 944 C  C10 . 5IR B 2 .   ? -0.526  -10.337 -8.895  1.00 19.64 ? 400 5IR A C10 1 
HETATM 945 C  C11 A 5IR B 2 .   ? -2.703  -11.292 -9.590  0.60 23.12 ? 400 5IR A C11 1 
HETATM 946 C  C11 B 5IR B 2 .   ? -2.626  -11.175 -10.063 0.40 23.08 ? 400 5IR A C11 1 
HETATM 947 C  C12 A 5IR B 2 .   ? -3.296  -11.877 -8.485  0.60 23.58 ? 400 5IR A C12 1 
HETATM 948 C  C12 B 5IR B 2 .   ? -3.020  -12.317 -9.366  0.40 24.65 ? 400 5IR A C12 1 
HETATM 949 C  C13 A 5IR B 2 .   ? -4.075  -13.010 -8.643  0.60 24.84 ? 400 5IR A C13 1 
HETATM 950 C  C13 B 5IR B 2 .   ? -3.717  -13.330 -10.020 0.40 27.46 ? 400 5IR A C13 1 
HETATM 951 C  C14 A 5IR B 2 .   ? -2.868  -11.822 -10.864 0.60 24.58 ? 400 5IR A C14 1 
HETATM 952 C  C14 B 5IR B 2 .   ? -2.935  -11.043 -11.413 0.40 23.41 ? 400 5IR A C14 1 
HETATM 953 C  C15 A 5IR B 2 .   ? -3.653  -12.964 -11.019 0.60 28.14 ? 400 5IR A C15 1 
HETATM 954 C  C15 B 5IR B 2 .   ? -3.632  -12.052 -12.066 0.40 25.96 ? 400 5IR A C15 1 
HETATM 955 C  C16 A 5IR B 2 .   ? -4.243  -13.563 -9.900  0.60 28.26 ? 400 5IR A C16 1 
HETATM 956 C  C16 B 5IR B 2 .   ? -4.032  -13.195 -11.372 0.40 28.98 ? 400 5IR A C16 1 
HETATM 957 C  C27 A 5IR B 2 .   ? -7.036  -14.440 -8.317  0.60 29.71 ? 400 5IR A C27 1 
HETATM 958 C  C27 B 5IR B 2 .   ? -4.365  -14.356 -14.644 0.40 31.26 ? 400 5IR A C27 1 
HETATM 959 C  C28 A 5IR B 2 .   ? -8.547  -14.195 -8.262  0.60 30.56 ? 400 5IR A C28 1 
HETATM 960 C  C28 B 5IR B 2 .   ? -3.632  -15.122 -15.740 0.40 32.05 ? 400 5IR A C28 1 
HETATM 961 IR IR  . IR  C 3 .   ? -4.082  -11.513 10.213  0.30 43.99 ? 401 IR  A IR  1 
HETATM 962 O  O   . HOH D 4 .   ? -1.751  -9.852  -21.664 1.00 5.93  ? 501 HOH A O   1 
HETATM 963 O  O   . HOH D 4 .   ? -3.916  5.590   -5.028  0.50 6.23  ? 502 HOH A O   1 
HETATM 964 O  O   . HOH D 4 .   ? -1.587  -4.428  -14.311 1.00 14.58 ? 503 HOH A O   1 
HETATM 965 O  O   . HOH D 4 .   ? 1.738   0.866   -10.462 1.00 9.60  ? 504 HOH A O   1 
HETATM 966 O  O   . HOH D 4 .   ? 11.981  0.204   8.069   1.00 15.96 ? 505 HOH A O   1 
HETATM 967 O  O   . HOH D 4 .   ? 10.509  7.152   -2.621  1.00 10.91 ? 506 HOH A O   1 
HETATM 968 O  O   . HOH D 4 .   ? 4.074   -9.871  -17.763 1.00 17.26 ? 507 HOH A O   1 
HETATM 969 O  O   . HOH D 4 .   ? -4.254  15.141  3.616   1.00 17.00 ? 508 HOH A O   1 
HETATM 970 O  O   . HOH D 4 .   ? -6.848  10.351  9.511   1.00 14.96 ? 509 HOH A O   1 
HETATM 971 O  O   . HOH D 4 .   ? -7.506  -12.880 -0.353  1.00 12.61 ? 510 HOH A O   1 
HETATM 972 O  O   . HOH D 4 .   ? 5.647   0.496   -11.921 1.00 10.76 ? 511 HOH A O   1 
HETATM 973 O  O   . HOH D 4 .   ? 10.495  -7.984  -0.664  1.00 13.87 ? 512 HOH A O   1 
HETATM 974 O  O   . HOH D 4 .   ? 10.648  -9.260  -6.239  1.00 18.85 ? 513 HOH A O   1 
HETATM 975 O  O   . HOH D 4 .   ? 7.763   -7.176  -6.814  1.00 13.85 ? 514 HOH A O   1 
HETATM 976 O  O   . HOH D 4 .   ? 2.229   16.201  9.623   1.00 21.04 ? 515 HOH A O   1 
HETATM 977 O  O   . HOH D 4 .   ? 3.886   17.090  -1.721  1.00 22.98 ? 516 HOH A O   1 
HETATM 978 O  O   . HOH D 4 .   ? 6.638   -6.010  -22.458 0.50 19.17 ? 517 HOH A O   1 
HETATM 979 O  O   . HOH D 4 .   ? -13.369 -4.625  -7.842  1.00 9.93  ? 518 HOH A O   1 
HETATM 980 O  O   . HOH D 4 .   ? 6.817   -7.829  -20.464 0.50 16.55 ? 519 HOH A O   1 
HETATM 981 O  O   . HOH D 4 .   ? -5.676  15.470  1.209   1.00 13.19 ? 520 HOH A O   1 
HETATM 982 O  O   . HOH D 4 .   ? 5.753   16.131  -3.364  1.00 25.74 ? 521 HOH A O   1 
# 
loop_
_pdbx_poly_seq_scheme.asym_id 
_pdbx_poly_seq_scheme.entity_id 
_pdbx_poly_seq_scheme.seq_id 
_pdbx_poly_seq_scheme.mon_id 
_pdbx_poly_seq_scheme.ndb_seq_num 
_pdbx_poly_seq_scheme.pdb_seq_num 
_pdbx_poly_seq_scheme.auth_seq_num 
_pdbx_poly_seq_scheme.pdb_mon_id 
_pdbx_poly_seq_scheme.auth_mon_id 
_pdbx_poly_seq_scheme.pdb_strand_id 
_pdbx_poly_seq_scheme.pdb_ins_code 
_pdbx_poly_seq_scheme.hetero 
A 1 1   MET 1   1   ?   ?   ?   A . n 
A 1 2   ALA 2   2   ?   ?   ?   A . n 
A 1 3   SER 3   3   ?   ?   ?   A . n 
A 1 4   MET 4   4   ?   ?   ?   A . n 
A 1 5   THR 5   5   ?   ?   ?   A . n 
A 1 6   GLY 6   6   ?   ?   ?   A . n 
A 1 7   GLY 7   7   ?   ?   ?   A . n 
A 1 8   GLN 8   8   ?   ?   ?   A . n 
A 1 9   GLN 9   9   ?   ?   ?   A . n 
A 1 10  MET 10  10  ?   ?   ?   A . n 
A 1 11  GLY 11  11  ?   ?   ?   A . n 
A 1 12  ARG 12  12  ?   ?   ?   A . n 
A 1 13  ASP 13  13  13  ASP ASP A . n 
A 1 14  GLU 14  14  14  GLU GLU A . n 
A 1 15  ALA 15  15  15  ALA ALA A . n 
A 1 16  GLY 16  16  16  GLY GLY A . n 
A 1 17  ILE 17  17  17  ILE ILE A . n 
A 1 18  THR 18  18  18  THR THR A . n 
A 1 19  GLY 19  19  19  GLY GLY A . n 
A 1 20  THR 20  20  20  THR THR A . n 
A 1 21  TRP 21  21  21  TRP TRP A . n 
A 1 22  TYR 22  22  22  TYR TYR A . n 
A 1 23  ASN 23  23  23  ASN ASN A . n 
A 1 24  GLN 24  24  24  GLN GLN A . n 
A 1 25  LEU 25  25  25  LEU LEU A . n 
A 1 26  GLY 26  26  26  GLY GLY A . n 
A 1 27  SER 27  27  27  SER SER A . n 
A 1 28  THR 28  28  28  THR THR A . n 
A 1 29  PHE 29  29  29  PHE PHE A . n 
A 1 30  ILE 30  30  30  ILE ILE A . n 
A 1 31  VAL 31  31  31  VAL VAL A . n 
A 1 32  THR 32  32  32  THR THR A . n 
A 1 33  ALA 33  33  33  ALA ALA A . n 
A 1 34  GLY 34  34  34  GLY GLY A . n 
A 1 35  ALA 35  35  35  ALA ALA A . n 
A 1 36  ASP 36  36  36  ASP ASP A . n 
A 1 37  GLY 37  37  37  GLY GLY A . n 
A 1 38  ALA 38  38  38  ALA ALA A . n 
A 1 39  LEU 39  39  39  LEU LEU A . n 
A 1 40  THR 40  40  40  THR THR A . n 
A 1 41  GLY 41  41  41  GLY GLY A . n 
A 1 42  THR 42  42  42  THR THR A . n 
A 1 43  TYR 43  43  43  TYR TYR A . n 
A 1 44  GLU 44  44  44  GLU GLU A . n 
A 1 45  SER 45  45  45  SER SER A . n 
A 1 46  ALA 46  46  46  ALA ALA A . n 
A 1 47  VAL 47  47  47  VAL VAL A . n 
A 1 48  GLY 48  48  48  GLY GLY A . n 
A 1 49  ASN 49  49  49  ASN ASN A . n 
A 1 50  ALA 50  50  50  ALA ALA A . n 
A 1 51  GLU 51  51  51  GLU GLU A . n 
A 1 52  SER 52  52  52  SER SER A . n 
A 1 53  ARG 53  53  53  ARG ARG A . n 
A 1 54  TYR 54  54  54  TYR TYR A . n 
A 1 55  VAL 55  55  55  VAL VAL A . n 
A 1 56  LEU 56  56  56  LEU LEU A . n 
A 1 57  THR 57  57  57  THR THR A . n 
A 1 58  GLY 58  58  58  GLY GLY A . n 
A 1 59  ARG 59  59  59  ARG ARG A . n 
A 1 60  TYR 60  60  60  TYR TYR A . n 
A 1 61  ASP 61  61  61  ASP ASP A . n 
A 1 62  SER 62  62  62  SER SER A . n 
A 1 63  ALA 63  63  63  ALA ALA A . n 
A 1 64  PRO 64  64  64  PRO PRO A . n 
A 1 65  ALA 65  65  65  ALA ALA A . n 
A 1 66  THR 66  66  66  THR THR A . n 
A 1 67  ASP 67  67  67  ASP ASP A . n 
A 1 68  GLY 68  68  68  GLY GLY A . n 
A 1 69  SER 69  69  69  SER SER A . n 
A 1 70  GLY 70  70  70  GLY GLY A . n 
A 1 71  THR 71  71  71  THR THR A . n 
A 1 72  ALA 72  72  72  ALA ALA A . n 
A 1 73  LEU 73  73  73  LEU LEU A . n 
A 1 74  GLY 74  74  74  GLY GLY A . n 
A 1 75  TRP 75  75  75  TRP TRP A . n 
A 1 76  THR 76  76  76  THR THR A . n 
A 1 77  VAL 77  77  77  VAL VAL A . n 
A 1 78  ALA 78  78  78  ALA ALA A . n 
A 1 79  TRP 79  79  79  TRP TRP A . n 
A 1 80  LYS 80  80  80  LYS LYS A . n 
A 1 81  ASN 81  81  81  ASN ASN A . n 
A 1 82  ASN 82  82  82  ASN ASN A . n 
A 1 83  TYR 83  83  83  TYR TYR A . n 
A 1 84  ARG 84  84  84  ARG ARG A . n 
A 1 85  ASN 85  85  85  ASN ASN A . n 
A 1 86  ALA 86  86  86  ALA ALA A . n 
A 1 87  HIS 87  87  87  HIS HIS A . n 
A 1 88  SER 88  88  88  SER SER A . n 
A 1 89  ALA 89  89  89  ALA ALA A . n 
A 1 90  THR 90  90  90  THR THR A . n 
A 1 91  THR 91  91  91  THR THR A . n 
A 1 92  TRP 92  92  92  TRP TRP A . n 
A 1 93  SER 93  93  93  SER SER A . n 
A 1 94  GLY 94  94  94  GLY GLY A . n 
A 1 95  GLN 95  95  95  GLN GLN A . n 
A 1 96  TYR 96  96  96  TYR TYR A . n 
A 1 97  VAL 97  97  97  VAL VAL A . n 
A 1 98  GLY 98  98  98  GLY GLY A . n 
A 1 99  GLY 99  99  99  GLY GLY A . n 
A 1 100 ALA 100 100 100 ALA ALA A . n 
A 1 101 GLU 101 101 101 GLU GLU A . n 
A 1 102 ALA 102 102 102 ALA ALA A . n 
A 1 103 ARG 103 103 103 ARG ARG A . n 
A 1 104 ILE 104 104 104 ILE ILE A . n 
A 1 105 ASN 105 105 105 ASN ASN A . n 
A 1 106 THR 106 106 106 THR THR A . n 
A 1 107 GLN 107 107 107 GLN GLN A . n 
A 1 108 TRP 108 108 108 TRP TRP A . n 
A 1 109 LEU 109 109 109 LEU LEU A . n 
A 1 110 LEU 110 110 110 LEU LEU A . n 
A 1 111 THR 111 111 111 THR THR A . n 
A 1 112 LYS 112 112 112 LYS LYS A . n 
A 1 113 GLY 113 113 113 GLY GLY A . n 
A 1 114 THR 114 114 114 THR THR A . n 
A 1 115 THR 115 115 115 THR THR A . n 
A 1 116 GLU 116 116 116 GLU GLU A . n 
A 1 117 ALA 117 117 117 ALA ALA A . n 
A 1 118 ASN 118 118 118 ASN ASN A . n 
A 1 119 ALA 119 119 119 ALA ALA A . n 
A 1 120 TRP 120 120 120 TRP TRP A . n 
A 1 121 LYS 121 121 121 LYS LYS A . n 
A 1 122 SER 122 122 122 SER SER A . n 
A 1 123 THR 123 123 123 THR THR A . n 
A 1 124 LEU 124 124 124 LEU LEU A . n 
A 1 125 VAL 125 125 125 VAL VAL A . n 
A 1 126 GLY 126 126 126 GLY GLY A . n 
A 1 127 HIS 127 127 127 HIS HIS A . n 
A 1 128 ASP 128 128 128 ASP ASP A . n 
A 1 129 THR 129 129 129 THR THR A . n 
A 1 130 PHE 130 130 130 PHE PHE A . n 
A 1 131 THR 131 131 131 THR THR A . n 
A 1 132 LYS 132 132 132 LYS LYS A . n 
A 1 133 VAL 133 133 133 VAL VAL A . n 
A 1 134 LYS 134 134 134 LYS LYS A . n 
A 1 135 PRO 135 135 ?   ?   ?   A . n 
A 1 136 SER 136 136 ?   ?   ?   A . n 
A 1 137 ALA 137 137 ?   ?   ?   A . n 
A 1 138 ALA 138 138 ?   ?   ?   A . n 
A 1 139 SER 139 139 ?   ?   ?   A . n 
A 1 140 ILE 140 140 ?   ?   ?   A . n 
A 1 141 ASP 141 141 ?   ?   ?   A . n 
A 1 142 ALA 142 142 ?   ?   ?   A . n 
A 1 143 ALA 143 143 ?   ?   ?   A . n 
A 1 144 LYS 144 144 ?   ?   ?   A . n 
A 1 145 LYS 145 145 ?   ?   ?   A . n 
A 1 146 ALA 146 146 ?   ?   ?   A . n 
A 1 147 GLY 147 147 ?   ?   ?   A . n 
A 1 148 VAL 148 148 ?   ?   ?   A . n 
A 1 149 ASN 149 149 ?   ?   ?   A . n 
A 1 150 ASN 150 150 ?   ?   ?   A . n 
A 1 151 GLY 151 151 ?   ?   ?   A . n 
A 1 152 ASN 152 152 ?   ?   ?   A . n 
A 1 153 PRO 153 153 ?   ?   ?   A . n 
A 1 154 LEU 154 154 ?   ?   ?   A . n 
A 1 155 ASP 155 155 ?   ?   ?   A . n 
A 1 156 ALA 156 156 ?   ?   ?   A . n 
A 1 157 VAL 157 157 ?   ?   ?   A . n 
A 1 158 GLN 158 158 ?   ?   ?   A . n 
A 1 159 GLN 159 159 ?   ?   ?   A . n 
# 
loop_
_pdbx_nonpoly_scheme.asym_id 
_pdbx_nonpoly_scheme.entity_id 
_pdbx_nonpoly_scheme.mon_id 
_pdbx_nonpoly_scheme.ndb_seq_num 
_pdbx_nonpoly_scheme.pdb_seq_num 
_pdbx_nonpoly_scheme.auth_seq_num 
_pdbx_nonpoly_scheme.pdb_mon_id 
_pdbx_nonpoly_scheme.auth_mon_id 
_pdbx_nonpoly_scheme.pdb_strand_id 
_pdbx_nonpoly_scheme.pdb_ins_code 
B 2 5IR 1  400 400 5IR 5IR A . 
C 3 IR  1  401 401 IR  IR  A . 
D 4 HOH 1  501 1   HOH HOH A . 
D 4 HOH 2  502 2   HOH HOH A . 
D 4 HOH 3  503 3   HOH HOH A . 
D 4 HOH 4  504 4   HOH HOH A . 
D 4 HOH 5  505 5   HOH HOH A . 
D 4 HOH 6  506 6   HOH HOH A . 
D 4 HOH 7  507 7   HOH HOH A . 
D 4 HOH 8  508 8   HOH HOH A . 
D 4 HOH 9  509 9   HOH HOH A . 
D 4 HOH 10 510 10  HOH HOH A . 
D 4 HOH 11 511 11  HOH HOH A . 
D 4 HOH 12 512 12  HOH HOH A . 
D 4 HOH 13 513 13  HOH HOH A . 
D 4 HOH 14 514 14  HOH HOH A . 
D 4 HOH 15 515 15  HOH HOH A . 
D 4 HOH 16 516 16  HOH HOH A . 
D 4 HOH 17 517 17  HOH HOH A . 
D 4 HOH 18 518 18  HOH HOH A . 
D 4 HOH 19 519 19  HOH HOH A . 
D 4 HOH 20 520 20  HOH HOH A . 
D 4 HOH 21 521 21  HOH HOH A . 
# 
_pdbx_struct_assembly.id                   1 
_pdbx_struct_assembly.details              author_and_software_defined_assembly 
_pdbx_struct_assembly.method_details       PISA 
_pdbx_struct_assembly.oligomeric_details   tetrameric 
_pdbx_struct_assembly.oligomeric_count     4 
# 
_pdbx_struct_assembly_gen.assembly_id       1 
_pdbx_struct_assembly_gen.oper_expression   1,2,3,4 
_pdbx_struct_assembly_gen.asym_id_list      A,B,C,D 
# 
loop_
_pdbx_struct_assembly_prop.biol_id 
_pdbx_struct_assembly_prop.type 
_pdbx_struct_assembly_prop.value 
_pdbx_struct_assembly_prop.details 
1 'ABSA (A^2)' 10110 ? 
1 MORE         -79   ? 
1 'SSA (A^2)'  18420 ? 
# 
loop_
_pdbx_struct_oper_list.id 
_pdbx_struct_oper_list.type 
_pdbx_struct_oper_list.name 
_pdbx_struct_oper_list.symmetry_operation 
_pdbx_struct_oper_list.matrix[1][1] 
_pdbx_struct_oper_list.matrix[1][2] 
_pdbx_struct_oper_list.matrix[1][3] 
_pdbx_struct_oper_list.vector[1] 
_pdbx_struct_oper_list.matrix[2][1] 
_pdbx_struct_oper_list.matrix[2][2] 
_pdbx_struct_oper_list.matrix[2][3] 
_pdbx_struct_oper_list.vector[2] 
_pdbx_struct_oper_list.matrix[3][1] 
_pdbx_struct_oper_list.matrix[3][2] 
_pdbx_struct_oper_list.matrix[3][3] 
_pdbx_struct_oper_list.vector[3] 
1 'identity operation'         1_555  x,y,z        1.0000000000  0.0000000000  0.0000000000  0.0000000000   0.0000000000  1.0000000000  0.0000000000  0.0000000000   0.0000000000  0.0000000000  1.0000000000  0.0000000000  
2 'crystal symmetry operation' 8_445  -y-1,-x-1,-z -0.0195388153 -0.3479463467 0.9373108207  -17.9449472178 -0.3479463467 -0.8765207006 -0.3326331331 -16.4142868567 0.9373108207  -0.3326331331 -0.1039404841 12.6777935370 
3 'crystal symmetry operation' 10_445 -x-1,-y-1,z  -0.7155128571 -0.5033511643 -0.4844367417 -26.9502799248 -0.5033511643 -0.1094065199 0.8571276560  -15.3292139843 -0.4844367417 0.8571276560  -0.1750806230 0.1010855845  
4 'crystal symmetry operation' 15_555 y,x,-z       -0.2649483277 0.8512975110  -0.4528740790 -11.9898780621 0.8512975110  -0.0140727795 -0.5244945230 6.3657135515   -0.4528740790 -0.5244945230 -0.7209788929 -7.4944978659 
# 
loop_
_pdbx_struct_special_symmetry.id 
_pdbx_struct_special_symmetry.PDB_model_num 
_pdbx_struct_special_symmetry.auth_asym_id 
_pdbx_struct_special_symmetry.auth_comp_id 
_pdbx_struct_special_symmetry.auth_seq_id 
_pdbx_struct_special_symmetry.PDB_ins_code 
_pdbx_struct_special_symmetry.label_asym_id 
_pdbx_struct_special_symmetry.label_comp_id 
_pdbx_struct_special_symmetry.label_seq_id 
1 1 A HOH 502 ? D HOH . 
2 1 A HOH 517 ? D HOH . 
3 1 A HOH 519 ? D HOH . 
# 
loop_
_pdbx_struct_conn_angle.id 
_pdbx_struct_conn_angle.ptnr1_label_atom_id 
_pdbx_struct_conn_angle.ptnr1_label_alt_id 
_pdbx_struct_conn_angle.ptnr1_label_asym_id 
_pdbx_struct_conn_angle.ptnr1_label_comp_id 
_pdbx_struct_conn_angle.ptnr1_label_seq_id 
_pdbx_struct_conn_angle.ptnr1_auth_atom_id 
_pdbx_struct_conn_angle.ptnr1_auth_asym_id 
_pdbx_struct_conn_angle.ptnr1_auth_comp_id 
_pdbx_struct_conn_angle.ptnr1_auth_seq_id 
_pdbx_struct_conn_angle.ptnr1_PDB_ins_code 
_pdbx_struct_conn_angle.ptnr1_symmetry 
_pdbx_struct_conn_angle.ptnr2_label_atom_id 
_pdbx_struct_conn_angle.ptnr2_label_alt_id 
_pdbx_struct_conn_angle.ptnr2_label_asym_id 
_pdbx_struct_conn_angle.ptnr2_label_comp_id 
_pdbx_struct_conn_angle.ptnr2_label_seq_id 
_pdbx_struct_conn_angle.ptnr2_auth_atom_id 
_pdbx_struct_conn_angle.ptnr2_auth_asym_id 
_pdbx_struct_conn_angle.ptnr2_auth_comp_id 
_pdbx_struct_conn_angle.ptnr2_auth_seq_id 
_pdbx_struct_conn_angle.ptnr2_PDB_ins_code 
_pdbx_struct_conn_angle.ptnr2_symmetry 
_pdbx_struct_conn_angle.ptnr3_label_atom_id 
_pdbx_struct_conn_angle.ptnr3_label_alt_id 
_pdbx_struct_conn_angle.ptnr3_label_asym_id 
_pdbx_struct_conn_angle.ptnr3_label_comp_id 
_pdbx_struct_conn_angle.ptnr3_label_seq_id 
_pdbx_struct_conn_angle.ptnr3_auth_atom_id 
_pdbx_struct_conn_angle.ptnr3_auth_asym_id 
_pdbx_struct_conn_angle.ptnr3_auth_comp_id 
_pdbx_struct_conn_angle.ptnr3_auth_seq_id 
_pdbx_struct_conn_angle.ptnr3_PDB_ins_code 
_pdbx_struct_conn_angle.ptnr3_symmetry 
_pdbx_struct_conn_angle.value 
_pdbx_struct_conn_angle.value_esd 
1 NZ ? A LYS 112 ? A LYS 112 ? 1_555 IR A B 5IR . ? A 5IR 400 ? 1_555 N4 A B 5IR . ? A 5IR 400 ? 1_555 94.2 ? 
2 NZ ? A LYS 112 ? A LYS 112 ? 1_555 IR A B 5IR . ? A 5IR 400 ? 1_555 N5 A B 5IR . ? A 5IR 400 ? 1_555 91.0 ? 
3 N4 A B 5IR .   ? A 5IR 400 ? 1_555 IR A B 5IR . ? A 5IR 400 ? 1_555 N5 A B 5IR . ? A 5IR 400 ? 1_555 81.1 ? 
# 
loop_
_pdbx_audit_revision_history.ordinal 
_pdbx_audit_revision_history.data_content_type 
_pdbx_audit_revision_history.major_revision 
_pdbx_audit_revision_history.minor_revision 
_pdbx_audit_revision_history.revision_date 
1 'Structure model' 1 0 2014-11-05 
2 'Structure model' 1 1 2014-12-03 
3 'Structure model' 1 2 2023-11-08 
# 
_pdbx_audit_revision_details.ordinal             1 
_pdbx_audit_revision_details.revision_ordinal    1 
_pdbx_audit_revision_details.data_content_type   'Structure model' 
_pdbx_audit_revision_details.provider            repository 
_pdbx_audit_revision_details.type                'Initial release' 
_pdbx_audit_revision_details.description         ? 
_pdbx_audit_revision_details.details             ? 
# 
loop_
_pdbx_audit_revision_group.ordinal 
_pdbx_audit_revision_group.revision_ordinal 
_pdbx_audit_revision_group.data_content_type 
_pdbx_audit_revision_group.group 
1 2 'Structure model' 'Database references'    
2 3 'Structure model' 'Data collection'        
3 3 'Structure model' 'Database references'    
4 3 'Structure model' 'Derived calculations'   
5 3 'Structure model' 'Refinement description' 
# 
loop_
_pdbx_audit_revision_category.ordinal 
_pdbx_audit_revision_category.revision_ordinal 
_pdbx_audit_revision_category.data_content_type 
_pdbx_audit_revision_category.category 
1 3 'Structure model' chem_comp_atom                
2 3 'Structure model' chem_comp_bond                
3 3 'Structure model' database_2                    
4 3 'Structure model' pdbx_initial_refinement_model 
5 3 'Structure model' struct_ref_seq_dif            
6 3 'Structure model' struct_site                   
# 
loop_
_pdbx_audit_revision_item.ordinal 
_pdbx_audit_revision_item.revision_ordinal 
_pdbx_audit_revision_item.data_content_type 
_pdbx_audit_revision_item.item 
1 3 'Structure model' '_database_2.pdbx_DOI'                
2 3 'Structure model' '_database_2.pdbx_database_accession' 
3 3 'Structure model' '_struct_ref_seq_dif.details'         
4 3 'Structure model' '_struct_site.pdbx_auth_asym_id'      
5 3 'Structure model' '_struct_site.pdbx_auth_comp_id'      
6 3 'Structure model' '_struct_site.pdbx_auth_seq_id'       
# 
_phasing.method   MR 
# 
loop_
_software.pdbx_ordinal 
_software.name 
_software.version 
_software.date 
_software.type 
_software.contact_author 
_software.contact_author_email 
_software.classification 
_software.location 
_software.language 
_software.citation_id 
1 MOSFLM      .          ?               package 'Andrew G.W. Leslie' andrew@mrc-lmb.cam.ac.uk    'data reduction'  
http://www.mrc-lmb.cam.ac.uk/harry/mosflm/          ?   ? 
2 Aimless     3.3.20     2011/05/18      program 'Phil Evans'         ?                           'data scaling'    
http://www.mrc-lmb.cam.ac.uk/harry/pre/aimless.html ?   ? 
3 PHASER      .          ?               program 'Randy J. Read'      cimr-phaser@lists.cam.ac.uk phasing           
http://www-structmed.cimr.cam.ac.uk/phaser/         ?   ? 
4 PHENIX      1.8.2_1309 ?               package 'Paul D. Adams'      PDAdams@lbl.gov             refinement        
http://www.phenix-online.org/                       C++ ? 
5 PDB_EXTRACT 3.14       'Dec. 10, 2013' package PDB                  deposit@deposit.rcsb.org    'data extraction' 
http://sw-tools.pdb.org/apps/PDB_EXTRACT/           C++ ? 
# 
_pdbx_validate_symm_contact.id                1 
_pdbx_validate_symm_contact.PDB_model_num     1 
_pdbx_validate_symm_contact.auth_atom_id_1    OG1 
_pdbx_validate_symm_contact.auth_asym_id_1    A 
_pdbx_validate_symm_contact.auth_comp_id_1    THR 
_pdbx_validate_symm_contact.auth_seq_id_1     57 
_pdbx_validate_symm_contact.PDB_ins_code_1    ? 
_pdbx_validate_symm_contact.label_alt_id_1    ? 
_pdbx_validate_symm_contact.site_symmetry_1   1_555 
_pdbx_validate_symm_contact.auth_atom_id_2    OG1 
_pdbx_validate_symm_contact.auth_asym_id_2    A 
_pdbx_validate_symm_contact.auth_comp_id_2    THR 
_pdbx_validate_symm_contact.auth_seq_id_2     57 
_pdbx_validate_symm_contact.PDB_ins_code_2    ? 
_pdbx_validate_symm_contact.label_alt_id_2    ? 
_pdbx_validate_symm_contact.site_symmetry_2   15_555 
_pdbx_validate_symm_contact.dist              2.17 
# 
loop_
_pdbx_validate_torsion.id 
_pdbx_validate_torsion.PDB_model_num 
_pdbx_validate_torsion.auth_comp_id 
_pdbx_validate_torsion.auth_asym_id 
_pdbx_validate_torsion.auth_seq_id 
_pdbx_validate_torsion.PDB_ins_code 
_pdbx_validate_torsion.label_alt_id 
_pdbx_validate_torsion.phi 
_pdbx_validate_torsion.psi 
1 1 SER A 52 ? ? 65.06   -143.47 
2 1 ALA A 63 ? ? -155.19 76.67   
3 1 ASP A 67 ? ? -163.58 12.59   
4 1 TRP A 79 ? ? -73.27  43.96   
# 
loop_
_pdbx_unobs_or_zero_occ_residues.id 
_pdbx_unobs_or_zero_occ_residues.PDB_model_num 
_pdbx_unobs_or_zero_occ_residues.polymer_flag 
_pdbx_unobs_or_zero_occ_residues.occupancy_flag 
_pdbx_unobs_or_zero_occ_residues.auth_asym_id 
_pdbx_unobs_or_zero_occ_residues.auth_comp_id 
_pdbx_unobs_or_zero_occ_residues.auth_seq_id 
_pdbx_unobs_or_zero_occ_residues.PDB_ins_code 
_pdbx_unobs_or_zero_occ_residues.label_asym_id 
_pdbx_unobs_or_zero_occ_residues.label_comp_id 
_pdbx_unobs_or_zero_occ_residues.label_seq_id 
1  1 Y 1 A MET 1   ? A MET 1   
2  1 Y 1 A ALA 2   ? A ALA 2   
3  1 Y 1 A SER 3   ? A SER 3   
4  1 Y 1 A MET 4   ? A MET 4   
5  1 Y 1 A THR 5   ? A THR 5   
6  1 Y 1 A GLY 6   ? A GLY 6   
7  1 Y 1 A GLY 7   ? A GLY 7   
8  1 Y 1 A GLN 8   ? A GLN 8   
9  1 Y 1 A GLN 9   ? A GLN 9   
10 1 Y 1 A MET 10  ? A MET 10  
11 1 Y 1 A GLY 11  ? A GLY 11  
12 1 Y 1 A ARG 12  ? A ARG 12  
13 1 Y 1 A PRO 135 ? A PRO 135 
14 1 Y 1 A SER 136 ? A SER 136 
15 1 Y 1 A ALA 137 ? A ALA 137 
16 1 Y 1 A ALA 138 ? A ALA 138 
17 1 Y 1 A SER 139 ? A SER 139 
18 1 Y 1 A ILE 140 ? A ILE 140 
19 1 Y 1 A ASP 141 ? A ASP 141 
20 1 Y 1 A ALA 142 ? A ALA 142 
21 1 Y 1 A ALA 143 ? A ALA 143 
22 1 Y 1 A LYS 144 ? A LYS 144 
23 1 Y 1 A LYS 145 ? A LYS 145 
24 1 Y 1 A ALA 146 ? A ALA 146 
25 1 Y 1 A GLY 147 ? A GLY 147 
26 1 Y 1 A VAL 148 ? A VAL 148 
27 1 Y 1 A ASN 149 ? A ASN 149 
28 1 Y 1 A ASN 150 ? A ASN 150 
29 1 Y 1 A GLY 151 ? A GLY 151 
30 1 Y 1 A ASN 152 ? A ASN 152 
31 1 Y 1 A PRO 153 ? A PRO 153 
32 1 Y 1 A LEU 154 ? A LEU 154 
33 1 Y 1 A ASP 155 ? A ASP 155 
34 1 Y 1 A ALA 156 ? A ALA 156 
35 1 Y 1 A VAL 157 ? A VAL 157 
36 1 Y 1 A GLN 158 ? A GLN 158 
37 1 Y 1 A GLN 159 ? A GLN 159 
# 
loop_
_chem_comp_atom.comp_id 
_chem_comp_atom.atom_id 
_chem_comp_atom.type_symbol 
_chem_comp_atom.pdbx_aromatic_flag 
_chem_comp_atom.pdbx_stereo_config 
_chem_comp_atom.pdbx_ordinal 
5IR IR   IR N N 1   
5IR C1   C  N N 2   
5IR N1   N  N N 3   
5IR O1   O  N N 4   
5IR S1   S  N N 5   
5IR C2   C  N R 6   
5IR N2   N  N N 7   
5IR O2   O  N N 8   
5IR S2   S  N N 9   
5IR C3   C  N N 10  
5IR N3   N  N N 11  
5IR O3   O  N N 12  
5IR C4   C  N S 13  
5IR N4   N  N N 14  
5IR O4   O  N N 15  
5IR C5   C  N S 16  
5IR N5   N  N N 17  
5IR C6   C  N N 18  
5IR C7   C  N N 19  
5IR C8   C  N N 20  
5IR C9   C  N N 21  
5IR C10  C  N N 22  
5IR C11  C  Y N 23  
5IR C12  C  Y N 24  
5IR C13  C  Y N 25  
5IR C14  C  Y N 26  
5IR C15  C  Y N 27  
5IR C16  C  Y N 28  
5IR C27  C  N N 29  
5IR C28  C  N N 30  
5IR HN1  H  N N 31  
5IR H2   H  N N 32  
5IR HN2  H  N N 33  
5IR H13  H  N N 34  
5IR H23  H  N N 35  
5IR HN3  H  N N 36  
5IR H4   H  N N 37  
5IR H5   H  N N 38  
5IR HN5  H  N N 39  
5IR H16  H  N N 40  
5IR H26  H  N N 41  
5IR H17  H  N N 42  
5IR H27  H  N N 43  
5IR H18  H  N N 44  
5IR H28  H  N N 45  
5IR H19  H  N N 46  
5IR H29  H  N N 47  
5IR H12  H  N N 48  
5IR H13A H  N N 49  
5IR H14  H  N N 50  
5IR H15  H  N N 51  
5IR H127 H  N N 52  
5IR H227 H  N N 53  
5IR H128 H  N N 54  
5IR H228 H  N N 55  
5IR H261 H  N N 56  
ALA N    N  N N 57  
ALA CA   C  N S 58  
ALA C    C  N N 59  
ALA O    O  N N 60  
ALA CB   C  N N 61  
ALA OXT  O  N N 62  
ALA H    H  N N 63  
ALA H2   H  N N 64  
ALA HA   H  N N 65  
ALA HB1  H  N N 66  
ALA HB2  H  N N 67  
ALA HB3  H  N N 68  
ALA HXT  H  N N 69  
ARG N    N  N N 70  
ARG CA   C  N S 71  
ARG C    C  N N 72  
ARG O    O  N N 73  
ARG CB   C  N N 74  
ARG CG   C  N N 75  
ARG CD   C  N N 76  
ARG NE   N  N N 77  
ARG CZ   C  N N 78  
ARG NH1  N  N N 79  
ARG NH2  N  N N 80  
ARG OXT  O  N N 81  
ARG H    H  N N 82  
ARG H2   H  N N 83  
ARG HA   H  N N 84  
ARG HB2  H  N N 85  
ARG HB3  H  N N 86  
ARG HG2  H  N N 87  
ARG HG3  H  N N 88  
ARG HD2  H  N N 89  
ARG HD3  H  N N 90  
ARG HE   H  N N 91  
ARG HH11 H  N N 92  
ARG HH12 H  N N 93  
ARG HH21 H  N N 94  
ARG HH22 H  N N 95  
ARG HXT  H  N N 96  
ASN N    N  N N 97  
ASN CA   C  N S 98  
ASN C    C  N N 99  
ASN O    O  N N 100 
ASN CB   C  N N 101 
ASN CG   C  N N 102 
ASN OD1  O  N N 103 
ASN ND2  N  N N 104 
ASN OXT  O  N N 105 
ASN H    H  N N 106 
ASN H2   H  N N 107 
ASN HA   H  N N 108 
ASN HB2  H  N N 109 
ASN HB3  H  N N 110 
ASN HD21 H  N N 111 
ASN HD22 H  N N 112 
ASN HXT  H  N N 113 
ASP N    N  N N 114 
ASP CA   C  N S 115 
ASP C    C  N N 116 
ASP O    O  N N 117 
ASP CB   C  N N 118 
ASP CG   C  N N 119 
ASP OD1  O  N N 120 
ASP OD2  O  N N 121 
ASP OXT  O  N N 122 
ASP H    H  N N 123 
ASP H2   H  N N 124 
ASP HA   H  N N 125 
ASP HB2  H  N N 126 
ASP HB3  H  N N 127 
ASP HD2  H  N N 128 
ASP HXT  H  N N 129 
GLN N    N  N N 130 
GLN CA   C  N S 131 
GLN C    C  N N 132 
GLN O    O  N N 133 
GLN CB   C  N N 134 
GLN CG   C  N N 135 
GLN CD   C  N N 136 
GLN OE1  O  N N 137 
GLN NE2  N  N N 138 
GLN OXT  O  N N 139 
GLN H    H  N N 140 
GLN H2   H  N N 141 
GLN HA   H  N N 142 
GLN HB2  H  N N 143 
GLN HB3  H  N N 144 
GLN HG2  H  N N 145 
GLN HG3  H  N N 146 
GLN HE21 H  N N 147 
GLN HE22 H  N N 148 
GLN HXT  H  N N 149 
GLU N    N  N N 150 
GLU CA   C  N S 151 
GLU C    C  N N 152 
GLU O    O  N N 153 
GLU CB   C  N N 154 
GLU CG   C  N N 155 
GLU CD   C  N N 156 
GLU OE1  O  N N 157 
GLU OE2  O  N N 158 
GLU OXT  O  N N 159 
GLU H    H  N N 160 
GLU H2   H  N N 161 
GLU HA   H  N N 162 
GLU HB2  H  N N 163 
GLU HB3  H  N N 164 
GLU HG2  H  N N 165 
GLU HG3  H  N N 166 
GLU HE2  H  N N 167 
GLU HXT  H  N N 168 
GLY N    N  N N 169 
GLY CA   C  N N 170 
GLY C    C  N N 171 
GLY O    O  N N 172 
GLY OXT  O  N N 173 
GLY H    H  N N 174 
GLY H2   H  N N 175 
GLY HA2  H  N N 176 
GLY HA3  H  N N 177 
GLY HXT  H  N N 178 
HIS N    N  N N 179 
HIS CA   C  N S 180 
HIS C    C  N N 181 
HIS O    O  N N 182 
HIS CB   C  N N 183 
HIS CG   C  Y N 184 
HIS ND1  N  Y N 185 
HIS CD2  C  Y N 186 
HIS CE1  C  Y N 187 
HIS NE2  N  Y N 188 
HIS OXT  O  N N 189 
HIS H    H  N N 190 
HIS H2   H  N N 191 
HIS HA   H  N N 192 
HIS HB2  H  N N 193 
HIS HB3  H  N N 194 
HIS HD1  H  N N 195 
HIS HD2  H  N N 196 
HIS HE1  H  N N 197 
HIS HE2  H  N N 198 
HIS HXT  H  N N 199 
HOH O    O  N N 200 
HOH H1   H  N N 201 
HOH H2   H  N N 202 
ILE N    N  N N 203 
ILE CA   C  N S 204 
ILE C    C  N N 205 
ILE O    O  N N 206 
ILE CB   C  N S 207 
ILE CG1  C  N N 208 
ILE CG2  C  N N 209 
ILE CD1  C  N N 210 
ILE OXT  O  N N 211 
ILE H    H  N N 212 
ILE H2   H  N N 213 
ILE HA   H  N N 214 
ILE HB   H  N N 215 
ILE HG12 H  N N 216 
ILE HG13 H  N N 217 
ILE HG21 H  N N 218 
ILE HG22 H  N N 219 
ILE HG23 H  N N 220 
ILE HD11 H  N N 221 
ILE HD12 H  N N 222 
ILE HD13 H  N N 223 
ILE HXT  H  N N 224 
IR  IR   IR N N 225 
LEU N    N  N N 226 
LEU CA   C  N S 227 
LEU C    C  N N 228 
LEU O    O  N N 229 
LEU CB   C  N N 230 
LEU CG   C  N N 231 
LEU CD1  C  N N 232 
LEU CD2  C  N N 233 
LEU OXT  O  N N 234 
LEU H    H  N N 235 
LEU H2   H  N N 236 
LEU HA   H  N N 237 
LEU HB2  H  N N 238 
LEU HB3  H  N N 239 
LEU HG   H  N N 240 
LEU HD11 H  N N 241 
LEU HD12 H  N N 242 
LEU HD13 H  N N 243 
LEU HD21 H  N N 244 
LEU HD22 H  N N 245 
LEU HD23 H  N N 246 
LEU HXT  H  N N 247 
LYS N    N  N N 248 
LYS CA   C  N S 249 
LYS C    C  N N 250 
LYS O    O  N N 251 
LYS CB   C  N N 252 
LYS CG   C  N N 253 
LYS CD   C  N N 254 
LYS CE   C  N N 255 
LYS NZ   N  N N 256 
LYS OXT  O  N N 257 
LYS H    H  N N 258 
LYS H2   H  N N 259 
LYS HA   H  N N 260 
LYS HB2  H  N N 261 
LYS HB3  H  N N 262 
LYS HG2  H  N N 263 
LYS HG3  H  N N 264 
LYS HD2  H  N N 265 
LYS HD3  H  N N 266 
LYS HE2  H  N N 267 
LYS HE3  H  N N 268 
LYS HZ1  H  N N 269 
LYS HZ2  H  N N 270 
LYS HZ3  H  N N 271 
LYS HXT  H  N N 272 
MET N    N  N N 273 
MET CA   C  N S 274 
MET C    C  N N 275 
MET O    O  N N 276 
MET CB   C  N N 277 
MET CG   C  N N 278 
MET SD   S  N N 279 
MET CE   C  N N 280 
MET OXT  O  N N 281 
MET H    H  N N 282 
MET H2   H  N N 283 
MET HA   H  N N 284 
MET HB2  H  N N 285 
MET HB3  H  N N 286 
MET HG2  H  N N 287 
MET HG3  H  N N 288 
MET HE1  H  N N 289 
MET HE2  H  N N 290 
MET HE3  H  N N 291 
MET HXT  H  N N 292 
PHE N    N  N N 293 
PHE CA   C  N S 294 
PHE C    C  N N 295 
PHE O    O  N N 296 
PHE CB   C  N N 297 
PHE CG   C  Y N 298 
PHE CD1  C  Y N 299 
PHE CD2  C  Y N 300 
PHE CE1  C  Y N 301 
PHE CE2  C  Y N 302 
PHE CZ   C  Y N 303 
PHE OXT  O  N N 304 
PHE H    H  N N 305 
PHE H2   H  N N 306 
PHE HA   H  N N 307 
PHE HB2  H  N N 308 
PHE HB3  H  N N 309 
PHE HD1  H  N N 310 
PHE HD2  H  N N 311 
PHE HE1  H  N N 312 
PHE HE2  H  N N 313 
PHE HZ   H  N N 314 
PHE HXT  H  N N 315 
PRO N    N  N N 316 
PRO CA   C  N S 317 
PRO C    C  N N 318 
PRO O    O  N N 319 
PRO CB   C  N N 320 
PRO CG   C  N N 321 
PRO CD   C  N N 322 
PRO OXT  O  N N 323 
PRO H    H  N N 324 
PRO HA   H  N N 325 
PRO HB2  H  N N 326 
PRO HB3  H  N N 327 
PRO HG2  H  N N 328 
PRO HG3  H  N N 329 
PRO HD2  H  N N 330 
PRO HD3  H  N N 331 
PRO HXT  H  N N 332 
SER N    N  N N 333 
SER CA   C  N S 334 
SER C    C  N N 335 
SER O    O  N N 336 
SER CB   C  N N 337 
SER OG   O  N N 338 
SER OXT  O  N N 339 
SER H    H  N N 340 
SER H2   H  N N 341 
SER HA   H  N N 342 
SER HB2  H  N N 343 
SER HB3  H  N N 344 
SER HG   H  N N 345 
SER HXT  H  N N 346 
THR N    N  N N 347 
THR CA   C  N S 348 
THR C    C  N N 349 
THR O    O  N N 350 
THR CB   C  N R 351 
THR OG1  O  N N 352 
THR CG2  C  N N 353 
THR OXT  O  N N 354 
THR H    H  N N 355 
THR H2   H  N N 356 
THR HA   H  N N 357 
THR HB   H  N N 358 
THR HG1  H  N N 359 
THR HG21 H  N N 360 
THR HG22 H  N N 361 
THR HG23 H  N N 362 
THR HXT  H  N N 363 
TRP N    N  N N 364 
TRP CA   C  N S 365 
TRP C    C  N N 366 
TRP O    O  N N 367 
TRP CB   C  N N 368 
TRP CG   C  Y N 369 
TRP CD1  C  Y N 370 
TRP CD2  C  Y N 371 
TRP NE1  N  Y N 372 
TRP CE2  C  Y N 373 
TRP CE3  C  Y N 374 
TRP CZ2  C  Y N 375 
TRP CZ3  C  Y N 376 
TRP CH2  C  Y N 377 
TRP OXT  O  N N 378 
TRP H    H  N N 379 
TRP H2   H  N N 380 
TRP HA   H  N N 381 
TRP HB2  H  N N 382 
TRP HB3  H  N N 383 
TRP HD1  H  N N 384 
TRP HE1  H  N N 385 
TRP HE3  H  N N 386 
TRP HZ2  H  N N 387 
TRP HZ3  H  N N 388 
TRP HH2  H  N N 389 
TRP HXT  H  N N 390 
TYR N    N  N N 391 
TYR CA   C  N S 392 
TYR C    C  N N 393 
TYR O    O  N N 394 
TYR CB   C  N N 395 
TYR CG   C  Y N 396 
TYR CD1  C  Y N 397 
TYR CD2  C  Y N 398 
TYR CE1  C  Y N 399 
TYR CE2  C  Y N 400 
TYR CZ   C  Y N 401 
TYR OH   O  N N 402 
TYR OXT  O  N N 403 
TYR H    H  N N 404 
TYR H2   H  N N 405 
TYR HA   H  N N 406 
TYR HB2  H  N N 407 
TYR HB3  H  N N 408 
TYR HD1  H  N N 409 
TYR HD2  H  N N 410 
TYR HE1  H  N N 411 
TYR HE2  H  N N 412 
TYR HH   H  N N 413 
TYR HXT  H  N N 414 
VAL N    N  N N 415 
VAL CA   C  N S 416 
VAL C    C  N N 417 
VAL O    O  N N 418 
VAL CB   C  N N 419 
VAL CG1  C  N N 420 
VAL CG2  C  N N 421 
VAL OXT  O  N N 422 
VAL H    H  N N 423 
VAL H2   H  N N 424 
VAL HA   H  N N 425 
VAL HB   H  N N 426 
VAL HG11 H  N N 427 
VAL HG12 H  N N 428 
VAL HG13 H  N N 429 
VAL HG21 H  N N 430 
VAL HG22 H  N N 431 
VAL HG23 H  N N 432 
VAL HXT  H  N N 433 
# 
loop_
_chem_comp_bond.comp_id 
_chem_comp_bond.atom_id_1 
_chem_comp_bond.atom_id_2 
_chem_comp_bond.value_order 
_chem_comp_bond.pdbx_aromatic_flag 
_chem_comp_bond.pdbx_stereo_config 
_chem_comp_bond.pdbx_ordinal 
5IR IR  N4   sing N N 1   
5IR IR  N5   sing N N 2   
5IR C1  O1   doub N N 3   
5IR C1  N1   sing N N 4   
5IR N1  HN1  sing N N 5   
5IR S1  C3   sing N N 6   
5IR C2  C3   sing N N 7   
5IR C2  N1   sing N N 8   
5IR C2  H2   sing N N 9   
5IR N2  C4   sing N N 10  
5IR N2  C1   sing N N 11  
5IR N2  HN2  sing N N 12  
5IR O2  C10  doub N N 13  
5IR S2  C16  sing N N 14  
5IR S2  N4   sing N N 15  
5IR C3  H13  sing N N 16  
5IR C3  H23  sing N N 17  
5IR N3  HN3  sing N N 18  
5IR O3  S2   doub N N 19  
5IR C4  C2   sing N N 20  
5IR C4  H4   sing N N 21  
5IR N4  C27  sing N N 22  
5IR O4  S2   doub N N 23  
5IR C5  C4   sing N N 24  
5IR C5  S1   sing N N 25  
5IR C5  H5   sing N N 26  
5IR N5  C28  sing N N 27  
5IR N5  HN5  sing N N 28  
5IR C6  C5   sing N N 29  
5IR C6  H16  sing N N 30  
5IR C6  H26  sing N N 31  
5IR C7  C6   sing N N 32  
5IR C7  H17  sing N N 33  
5IR C7  H27  sing N N 34  
5IR C8  C7   sing N N 35  
5IR C8  H18  sing N N 36  
5IR C8  H28  sing N N 37  
5IR C9  C8   sing N N 38  
5IR C9  H19  sing N N 39  
5IR C9  H29  sing N N 40  
5IR C10 N3   sing N N 41  
5IR C10 C9   sing N N 42  
5IR C11 C12  sing Y N 43  
5IR C11 N3   sing N N 44  
5IR C12 H12  sing N N 45  
5IR C13 C12  doub Y N 46  
5IR C13 H13A sing N N 47  
5IR C14 C11  doub Y N 48  
5IR C14 H14  sing N N 49  
5IR C15 C16  doub Y N 50  
5IR C15 C14  sing Y N 51  
5IR C15 H15  sing N N 52  
5IR C16 C13  sing Y N 53  
5IR C27 C28  sing N N 54  
5IR C27 H127 sing N N 55  
5IR C27 H227 sing N N 56  
5IR C28 H128 sing N N 57  
5IR C28 H228 sing N N 58  
5IR N5  H261 sing N N 59  
ALA N   CA   sing N N 60  
ALA N   H    sing N N 61  
ALA N   H2   sing N N 62  
ALA CA  C    sing N N 63  
ALA CA  CB   sing N N 64  
ALA CA  HA   sing N N 65  
ALA C   O    doub N N 66  
ALA C   OXT  sing N N 67  
ALA CB  HB1  sing N N 68  
ALA CB  HB2  sing N N 69  
ALA CB  HB3  sing N N 70  
ALA OXT HXT  sing N N 71  
ARG N   CA   sing N N 72  
ARG N   H    sing N N 73  
ARG N   H2   sing N N 74  
ARG CA  C    sing N N 75  
ARG CA  CB   sing N N 76  
ARG CA  HA   sing N N 77  
ARG C   O    doub N N 78  
ARG C   OXT  sing N N 79  
ARG CB  CG   sing N N 80  
ARG CB  HB2  sing N N 81  
ARG CB  HB3  sing N N 82  
ARG CG  CD   sing N N 83  
ARG CG  HG2  sing N N 84  
ARG CG  HG3  sing N N 85  
ARG CD  NE   sing N N 86  
ARG CD  HD2  sing N N 87  
ARG CD  HD3  sing N N 88  
ARG NE  CZ   sing N N 89  
ARG NE  HE   sing N N 90  
ARG CZ  NH1  sing N N 91  
ARG CZ  NH2  doub N N 92  
ARG NH1 HH11 sing N N 93  
ARG NH1 HH12 sing N N 94  
ARG NH2 HH21 sing N N 95  
ARG NH2 HH22 sing N N 96  
ARG OXT HXT  sing N N 97  
ASN N   CA   sing N N 98  
ASN N   H    sing N N 99  
ASN N   H2   sing N N 100 
ASN CA  C    sing N N 101 
ASN CA  CB   sing N N 102 
ASN CA  HA   sing N N 103 
ASN C   O    doub N N 104 
ASN C   OXT  sing N N 105 
ASN CB  CG   sing N N 106 
ASN CB  HB2  sing N N 107 
ASN CB  HB3  sing N N 108 
ASN CG  OD1  doub N N 109 
ASN CG  ND2  sing N N 110 
ASN ND2 HD21 sing N N 111 
ASN ND2 HD22 sing N N 112 
ASN OXT HXT  sing N N 113 
ASP N   CA   sing N N 114 
ASP N   H    sing N N 115 
ASP N   H2   sing N N 116 
ASP CA  C    sing N N 117 
ASP CA  CB   sing N N 118 
ASP CA  HA   sing N N 119 
ASP C   O    doub N N 120 
ASP C   OXT  sing N N 121 
ASP CB  CG   sing N N 122 
ASP CB  HB2  sing N N 123 
ASP CB  HB3  sing N N 124 
ASP CG  OD1  doub N N 125 
ASP CG  OD2  sing N N 126 
ASP OD2 HD2  sing N N 127 
ASP OXT HXT  sing N N 128 
GLN N   CA   sing N N 129 
GLN N   H    sing N N 130 
GLN N   H2   sing N N 131 
GLN CA  C    sing N N 132 
GLN CA  CB   sing N N 133 
GLN CA  HA   sing N N 134 
GLN C   O    doub N N 135 
GLN C   OXT  sing N N 136 
GLN CB  CG   sing N N 137 
GLN CB  HB2  sing N N 138 
GLN CB  HB3  sing N N 139 
GLN CG  CD   sing N N 140 
GLN CG  HG2  sing N N 141 
GLN CG  HG3  sing N N 142 
GLN CD  OE1  doub N N 143 
GLN CD  NE2  sing N N 144 
GLN NE2 HE21 sing N N 145 
GLN NE2 HE22 sing N N 146 
GLN OXT HXT  sing N N 147 
GLU N   CA   sing N N 148 
GLU N   H    sing N N 149 
GLU N   H2   sing N N 150 
GLU CA  C    sing N N 151 
GLU CA  CB   sing N N 152 
GLU CA  HA   sing N N 153 
GLU C   O    doub N N 154 
GLU C   OXT  sing N N 155 
GLU CB  CG   sing N N 156 
GLU CB  HB2  sing N N 157 
GLU CB  HB3  sing N N 158 
GLU CG  CD   sing N N 159 
GLU CG  HG2  sing N N 160 
GLU CG  HG3  sing N N 161 
GLU CD  OE1  doub N N 162 
GLU CD  OE2  sing N N 163 
GLU OE2 HE2  sing N N 164 
GLU OXT HXT  sing N N 165 
GLY N   CA   sing N N 166 
GLY N   H    sing N N 167 
GLY N   H2   sing N N 168 
GLY CA  C    sing N N 169 
GLY CA  HA2  sing N N 170 
GLY CA  HA3  sing N N 171 
GLY C   O    doub N N 172 
GLY C   OXT  sing N N 173 
GLY OXT HXT  sing N N 174 
HIS N   CA   sing N N 175 
HIS N   H    sing N N 176 
HIS N   H2   sing N N 177 
HIS CA  C    sing N N 178 
HIS CA  CB   sing N N 179 
HIS CA  HA   sing N N 180 
HIS C   O    doub N N 181 
HIS C   OXT  sing N N 182 
HIS CB  CG   sing N N 183 
HIS CB  HB2  sing N N 184 
HIS CB  HB3  sing N N 185 
HIS CG  ND1  sing Y N 186 
HIS CG  CD2  doub Y N 187 
HIS ND1 CE1  doub Y N 188 
HIS ND1 HD1  sing N N 189 
HIS CD2 NE2  sing Y N 190 
HIS CD2 HD2  sing N N 191 
HIS CE1 NE2  sing Y N 192 
HIS CE1 HE1  sing N N 193 
HIS NE2 HE2  sing N N 194 
HIS OXT HXT  sing N N 195 
HOH O   H1   sing N N 196 
HOH O   H2   sing N N 197 
ILE N   CA   sing N N 198 
ILE N   H    sing N N 199 
ILE N   H2   sing N N 200 
ILE CA  C    sing N N 201 
ILE CA  CB   sing N N 202 
ILE CA  HA   sing N N 203 
ILE C   O    doub N N 204 
ILE C   OXT  sing N N 205 
ILE CB  CG1  sing N N 206 
ILE CB  CG2  sing N N 207 
ILE CB  HB   sing N N 208 
ILE CG1 CD1  sing N N 209 
ILE CG1 HG12 sing N N 210 
ILE CG1 HG13 sing N N 211 
ILE CG2 HG21 sing N N 212 
ILE CG2 HG22 sing N N 213 
ILE CG2 HG23 sing N N 214 
ILE CD1 HD11 sing N N 215 
ILE CD1 HD12 sing N N 216 
ILE CD1 HD13 sing N N 217 
ILE OXT HXT  sing N N 218 
LEU N   CA   sing N N 219 
LEU N   H    sing N N 220 
LEU N   H2   sing N N 221 
LEU CA  C    sing N N 222 
LEU CA  CB   sing N N 223 
LEU CA  HA   sing N N 224 
LEU C   O    doub N N 225 
LEU C   OXT  sing N N 226 
LEU CB  CG   sing N N 227 
LEU CB  HB2  sing N N 228 
LEU CB  HB3  sing N N 229 
LEU CG  CD1  sing N N 230 
LEU CG  CD2  sing N N 231 
LEU CG  HG   sing N N 232 
LEU CD1 HD11 sing N N 233 
LEU CD1 HD12 sing N N 234 
LEU CD1 HD13 sing N N 235 
LEU CD2 HD21 sing N N 236 
LEU CD2 HD22 sing N N 237 
LEU CD2 HD23 sing N N 238 
LEU OXT HXT  sing N N 239 
LYS N   CA   sing N N 240 
LYS N   H    sing N N 241 
LYS N   H2   sing N N 242 
LYS CA  C    sing N N 243 
LYS CA  CB   sing N N 244 
LYS CA  HA   sing N N 245 
LYS C   O    doub N N 246 
LYS C   OXT  sing N N 247 
LYS CB  CG   sing N N 248 
LYS CB  HB2  sing N N 249 
LYS CB  HB3  sing N N 250 
LYS CG  CD   sing N N 251 
LYS CG  HG2  sing N N 252 
LYS CG  HG3  sing N N 253 
LYS CD  CE   sing N N 254 
LYS CD  HD2  sing N N 255 
LYS CD  HD3  sing N N 256 
LYS CE  NZ   sing N N 257 
LYS CE  HE2  sing N N 258 
LYS CE  HE3  sing N N 259 
LYS NZ  HZ1  sing N N 260 
LYS NZ  HZ2  sing N N 261 
LYS NZ  HZ3  sing N N 262 
LYS OXT HXT  sing N N 263 
MET N   CA   sing N N 264 
MET N   H    sing N N 265 
MET N   H2   sing N N 266 
MET CA  C    sing N N 267 
MET CA  CB   sing N N 268 
MET CA  HA   sing N N 269 
MET C   O    doub N N 270 
MET C   OXT  sing N N 271 
MET CB  CG   sing N N 272 
MET CB  HB2  sing N N 273 
MET CB  HB3  sing N N 274 
MET CG  SD   sing N N 275 
MET CG  HG2  sing N N 276 
MET CG  HG3  sing N N 277 
MET SD  CE   sing N N 278 
MET CE  HE1  sing N N 279 
MET CE  HE2  sing N N 280 
MET CE  HE3  sing N N 281 
MET OXT HXT  sing N N 282 
PHE N   CA   sing N N 283 
PHE N   H    sing N N 284 
PHE N   H2   sing N N 285 
PHE CA  C    sing N N 286 
PHE CA  CB   sing N N 287 
PHE CA  HA   sing N N 288 
PHE C   O    doub N N 289 
PHE C   OXT  sing N N 290 
PHE CB  CG   sing N N 291 
PHE CB  HB2  sing N N 292 
PHE CB  HB3  sing N N 293 
PHE CG  CD1  doub Y N 294 
PHE CG  CD2  sing Y N 295 
PHE CD1 CE1  sing Y N 296 
PHE CD1 HD1  sing N N 297 
PHE CD2 CE2  doub Y N 298 
PHE CD2 HD2  sing N N 299 
PHE CE1 CZ   doub Y N 300 
PHE CE1 HE1  sing N N 301 
PHE CE2 CZ   sing Y N 302 
PHE CE2 HE2  sing N N 303 
PHE CZ  HZ   sing N N 304 
PHE OXT HXT  sing N N 305 
PRO N   CA   sing N N 306 
PRO N   CD   sing N N 307 
PRO N   H    sing N N 308 
PRO CA  C    sing N N 309 
PRO CA  CB   sing N N 310 
PRO CA  HA   sing N N 311 
PRO C   O    doub N N 312 
PRO C   OXT  sing N N 313 
PRO CB  CG   sing N N 314 
PRO CB  HB2  sing N N 315 
PRO CB  HB3  sing N N 316 
PRO CG  CD   sing N N 317 
PRO CG  HG2  sing N N 318 
PRO CG  HG3  sing N N 319 
PRO CD  HD2  sing N N 320 
PRO CD  HD3  sing N N 321 
PRO OXT HXT  sing N N 322 
SER N   CA   sing N N 323 
SER N   H    sing N N 324 
SER N   H2   sing N N 325 
SER CA  C    sing N N 326 
SER CA  CB   sing N N 327 
SER CA  HA   sing N N 328 
SER C   O    doub N N 329 
SER C   OXT  sing N N 330 
SER CB  OG   sing N N 331 
SER CB  HB2  sing N N 332 
SER CB  HB3  sing N N 333 
SER OG  HG   sing N N 334 
SER OXT HXT  sing N N 335 
THR N   CA   sing N N 336 
THR N   H    sing N N 337 
THR N   H2   sing N N 338 
THR CA  C    sing N N 339 
THR CA  CB   sing N N 340 
THR CA  HA   sing N N 341 
THR C   O    doub N N 342 
THR C   OXT  sing N N 343 
THR CB  OG1  sing N N 344 
THR CB  CG2  sing N N 345 
THR CB  HB   sing N N 346 
THR OG1 HG1  sing N N 347 
THR CG2 HG21 sing N N 348 
THR CG2 HG22 sing N N 349 
THR CG2 HG23 sing N N 350 
THR OXT HXT  sing N N 351 
TRP N   CA   sing N N 352 
TRP N   H    sing N N 353 
TRP N   H2   sing N N 354 
TRP CA  C    sing N N 355 
TRP CA  CB   sing N N 356 
TRP CA  HA   sing N N 357 
TRP C   O    doub N N 358 
TRP C   OXT  sing N N 359 
TRP CB  CG   sing N N 360 
TRP CB  HB2  sing N N 361 
TRP CB  HB3  sing N N 362 
TRP CG  CD1  doub Y N 363 
TRP CG  CD2  sing Y N 364 
TRP CD1 NE1  sing Y N 365 
TRP CD1 HD1  sing N N 366 
TRP CD2 CE2  doub Y N 367 
TRP CD2 CE3  sing Y N 368 
TRP NE1 CE2  sing Y N 369 
TRP NE1 HE1  sing N N 370 
TRP CE2 CZ2  sing Y N 371 
TRP CE3 CZ3  doub Y N 372 
TRP CE3 HE3  sing N N 373 
TRP CZ2 CH2  doub Y N 374 
TRP CZ2 HZ2  sing N N 375 
TRP CZ3 CH2  sing Y N 376 
TRP CZ3 HZ3  sing N N 377 
TRP CH2 HH2  sing N N 378 
TRP OXT HXT  sing N N 379 
TYR N   CA   sing N N 380 
TYR N   H    sing N N 381 
TYR N   H2   sing N N 382 
TYR CA  C    sing N N 383 
TYR CA  CB   sing N N 384 
TYR CA  HA   sing N N 385 
TYR C   O    doub N N 386 
TYR C   OXT  sing N N 387 
TYR CB  CG   sing N N 388 
TYR CB  HB2  sing N N 389 
TYR CB  HB3  sing N N 390 
TYR CG  CD1  doub Y N 391 
TYR CG  CD2  sing Y N 392 
TYR CD1 CE1  sing Y N 393 
TYR CD1 HD1  sing N N 394 
TYR CD2 CE2  doub Y N 395 
TYR CD2 HD2  sing N N 396 
TYR CE1 CZ   doub Y N 397 
TYR CE1 HE1  sing N N 398 
TYR CE2 CZ   sing Y N 399 
TYR CE2 HE2  sing N N 400 
TYR CZ  OH   sing N N 401 
TYR OH  HH   sing N N 402 
TYR OXT HXT  sing N N 403 
VAL N   CA   sing N N 404 
VAL N   H    sing N N 405 
VAL N   H2   sing N N 406 
VAL CA  C    sing N N 407 
VAL CA  CB   sing N N 408 
VAL CA  HA   sing N N 409 
VAL C   O    doub N N 410 
VAL C   OXT  sing N N 411 
VAL CB  CG1  sing N N 412 
VAL CB  CG2  sing N N 413 
VAL CB  HB   sing N N 414 
VAL CG1 HG11 sing N N 415 
VAL CG1 HG12 sing N N 416 
VAL CG1 HG13 sing N N 417 
VAL CG2 HG21 sing N N 418 
VAL CG2 HG22 sing N N 419 
VAL CG2 HG23 sing N N 420 
VAL OXT HXT  sing N N 421 
# 
loop_
_pdbx_entity_nonpoly.entity_id 
_pdbx_entity_nonpoly.name 
_pdbx_entity_nonpoly.comp_id 
2 
'[N-(4-{[2-(amino-kappaN)ethyl]sulfamoyl-kappaN}phenyl)-5-(2-oxohexahydro-1H-thieno[3,4-d]imidazol-4-yl)pentanamidato]iridium(III)' 
5IR 
3 'IRIDIUM ION' IR  
4 water HOH 
# 
_pdbx_initial_refinement_model.id               1 
_pdbx_initial_refinement_model.entity_id_list   ? 
_pdbx_initial_refinement_model.type             'experimental model' 
_pdbx_initial_refinement_model.source_name      PDB 
_pdbx_initial_refinement_model.accession_code   3PK2 
_pdbx_initial_refinement_model.details          ? 
# 
